data_7DE7
# 
_entry.id   7DE7 
# 
_audit_conform.dict_name       mmcif_pdbx.dic 
_audit_conform.dict_version    5.380 
_audit_conform.dict_location   http://mmcif.pdb.org/dictionaries/ascii/mmcif_pdbx.dic 
# 
loop_
_database_2.database_id 
_database_2.database_code 
_database_2.pdbx_database_accession 
_database_2.pdbx_DOI 
PDB   7DE7         pdb_00007de7 10.2210/pdb7de7/pdb 
WWPDB D_1300019233 ?            ?                   
# 
_pdbx_database_status.status_code                     REL 
_pdbx_database_status.status_code_sf                  REL 
_pdbx_database_status.status_code_mr                  ? 
_pdbx_database_status.entry_id                        7DE7 
_pdbx_database_status.recvd_initial_deposition_date   2020-11-02 
_pdbx_database_status.SG_entry                        N 
_pdbx_database_status.deposit_site                    PDBJ 
_pdbx_database_status.process_site                    PDBJ 
_pdbx_database_status.status_code_cs                  ? 
_pdbx_database_status.status_code_nmr_data            ? 
_pdbx_database_status.methods_development_category    ? 
_pdbx_database_status.pdb_format_compatible           Y 
# 
loop_
_audit_author.name 
_audit_author.pdbx_ordinal 
_audit_author.identifier_ORCID 
'Wang, H.' 1 ? 
'Lin, L.'  2 ? 
'Lu, Q.'   3 ? 
# 
_citation.abstract                  ? 
_citation.abstract_id_CAS           ? 
_citation.book_id_ISBN              ? 
_citation.book_publisher            ? 
_citation.book_publisher_city       ? 
_citation.book_title                ? 
_citation.coordinate_linkage        ? 
_citation.country                   CH 
_citation.database_id_Medline       ? 
_citation.details                   ? 
_citation.id                        primary 
_citation.journal_abbrev            'Front Cell Dev Biol' 
_citation.journal_id_ASTM           ? 
_citation.journal_id_CSD            ? 
_citation.journal_id_ISSN           2296-634X 
_citation.journal_full              ? 
_citation.journal_issue             ? 
_citation.journal_volume            9 
_citation.language                  ? 
_citation.page_first                642666 
_citation.page_last                 642666 
_citation.title                     
'Structure and Membrane Targeting of the PDZD7 Harmonin Homology Domain (HHD) Associated With Hearing Loss.' 
_citation.year                      2021 
_citation.database_id_CSD           ? 
_citation.pdbx_database_id_DOI      10.3389/fcell.2021.642666 
_citation.pdbx_database_id_PubMed   33937240 
_citation.unpublished_flag          ? 
# 
loop_
_citation_author.citation_id 
_citation_author.name 
_citation_author.ordinal 
_citation_author.identifier_ORCID 
primary 'Lin, L.'  1 ? 
primary 'Wang, H.' 2 ? 
primary 'Ren, D.'  3 ? 
primary 'Xia, Y.'  4 ? 
primary 'He, G.'   5 ? 
primary 'Lu, Q.'   6 ? 
# 
_cell.angle_alpha                  90.000 
_cell.angle_alpha_esd              ? 
_cell.angle_beta                   103.100 
_cell.angle_beta_esd               ? 
_cell.angle_gamma                  90.000 
_cell.angle_gamma_esd              ? 
_cell.entry_id                     7DE7 
_cell.details                      ? 
_cell.formula_units_Z              ? 
_cell.length_a                     32.782 
_cell.length_a_esd                 ? 
_cell.length_b                     75.005 
_cell.length_b_esd                 ? 
_cell.length_c                     42.939 
_cell.length_c_esd                 ? 
_cell.volume                       ? 
_cell.volume_esd                   ? 
_cell.Z_PDB                        4 
_cell.reciprocal_angle_alpha       ? 
_cell.reciprocal_angle_beta        ? 
_cell.reciprocal_angle_gamma       ? 
_cell.reciprocal_angle_alpha_esd   ? 
_cell.reciprocal_angle_beta_esd    ? 
_cell.reciprocal_angle_gamma_esd   ? 
_cell.reciprocal_length_a          ? 
_cell.reciprocal_length_b          ? 
_cell.reciprocal_length_c          ? 
_cell.reciprocal_length_a_esd      ? 
_cell.reciprocal_length_b_esd      ? 
_cell.reciprocal_length_c_esd      ? 
_cell.pdbx_unique_axis             ? 
# 
_symmetry.entry_id                         7DE7 
_symmetry.cell_setting                     ? 
_symmetry.Int_Tables_number                4 
_symmetry.space_group_name_Hall            ? 
_symmetry.space_group_name_H-M             'P 1 21 1' 
_symmetry.pdbx_full_space_group_name_H-M   ? 
# 
loop_
_entity.id 
_entity.type 
_entity.src_method 
_entity.pdbx_description 
_entity.formula_weight 
_entity.pdbx_number_of_molecules 
_entity.pdbx_ec 
_entity.pdbx_mutation 
_entity.pdbx_fragment 
_entity.details 
1 polymer     man 'PDZ domain-containing protein 7'                                                       11761.536 2   ? ? ? ? 
2 non-polymer syn '(2R)-2-{[(2R)-2-{[(2S)-2-{[(2R)-2-hydroxypropyl]oxy}propyl]oxy}propyl]oxy}propan-1-ol' 250.332   1   ? ? ? ? 
3 water       nat water                                                                                   18.015    151 ? ? ? ? 
# 
_entity_poly.entity_id                      1 
_entity_poly.type                           'polypeptide(L)' 
_entity_poly.nstd_linkage                   no 
_entity_poly.nstd_monomer                   no 
_entity_poly.pdbx_seq_one_letter_code       
;GPGSTVNEQVQAWESRRPLIQDLARRLLTDDEVLAVTRHCSRYVHEGGVEDLVRPLLAILDRPTKLLLLRDIRSVVAPTD
LGRFDSMVMPVELEAFEALKSRAVG
;
_entity_poly.pdbx_seq_one_letter_code_can   
;GPGSTVNEQVQAWESRRPLIQDLARRLLTDDEVLAVTRHCSRYVHEGGVEDLVRPLLAILDRPTKLLLLRDIRSVVAPTD
LGRFDSMVMPVELEAFEALKSRAVG
;
_entity_poly.pdbx_strand_id                 A,B 
_entity_poly.pdbx_target_identifier         ? 
# 
loop_
_entity_poly_seq.entity_id 
_entity_poly_seq.num 
_entity_poly_seq.mon_id 
_entity_poly_seq.hetero 
1 1   GLY n 
1 2   PRO n 
1 3   GLY n 
1 4   SER n 
1 5   THR n 
1 6   VAL n 
1 7   ASN n 
1 8   GLU n 
1 9   GLN n 
1 10  VAL n 
1 11  GLN n 
1 12  ALA n 
1 13  TRP n 
1 14  GLU n 
1 15  SER n 
1 16  ARG n 
1 17  ARG n 
1 18  PRO n 
1 19  LEU n 
1 20  ILE n 
1 21  GLN n 
1 22  ASP n 
1 23  LEU n 
1 24  ALA n 
1 25  ARG n 
1 26  ARG n 
1 27  LEU n 
1 28  LEU n 
1 29  THR n 
1 30  ASP n 
1 31  ASP n 
1 32  GLU n 
1 33  VAL n 
1 34  LEU n 
1 35  ALA n 
1 36  VAL n 
1 37  THR n 
1 38  ARG n 
1 39  HIS n 
1 40  CYS n 
1 41  SER n 
1 42  ARG n 
1 43  TYR n 
1 44  VAL n 
1 45  HIS n 
1 46  GLU n 
1 47  GLY n 
1 48  GLY n 
1 49  VAL n 
1 50  GLU n 
1 51  ASP n 
1 52  LEU n 
1 53  VAL n 
1 54  ARG n 
1 55  PRO n 
1 56  LEU n 
1 57  LEU n 
1 58  ALA n 
1 59  ILE n 
1 60  LEU n 
1 61  ASP n 
1 62  ARG n 
1 63  PRO n 
1 64  THR n 
1 65  LYS n 
1 66  LEU n 
1 67  LEU n 
1 68  LEU n 
1 69  LEU n 
1 70  ARG n 
1 71  ASP n 
1 72  ILE n 
1 73  ARG n 
1 74  SER n 
1 75  VAL n 
1 76  VAL n 
1 77  ALA n 
1 78  PRO n 
1 79  THR n 
1 80  ASP n 
1 81  LEU n 
1 82  GLY n 
1 83  ARG n 
1 84  PHE n 
1 85  ASP n 
1 86  SER n 
1 87  MET n 
1 88  VAL n 
1 89  MET n 
1 90  PRO n 
1 91  VAL n 
1 92  GLU n 
1 93  LEU n 
1 94  GLU n 
1 95  ALA n 
1 96  PHE n 
1 97  GLU n 
1 98  ALA n 
1 99  LEU n 
1 100 LYS n 
1 101 SER n 
1 102 ARG n 
1 103 ALA n 
1 104 VAL n 
1 105 GLY n 
# 
_entity_src_gen.entity_id                          1 
_entity_src_gen.pdbx_src_id                        1 
_entity_src_gen.pdbx_alt_source_flag               sample 
_entity_src_gen.pdbx_seq_type                      'Biological sequence' 
_entity_src_gen.pdbx_beg_seq_num                   1 
_entity_src_gen.pdbx_end_seq_num                   105 
_entity_src_gen.gene_src_common_name               Mouse 
_entity_src_gen.gene_src_genus                     ? 
_entity_src_gen.pdbx_gene_src_gene                 Pdzd7 
_entity_src_gen.gene_src_species                   ? 
_entity_src_gen.gene_src_strain                    ? 
_entity_src_gen.gene_src_tissue                    ? 
_entity_src_gen.gene_src_tissue_fraction           ? 
_entity_src_gen.gene_src_details                   ? 
_entity_src_gen.pdbx_gene_src_fragment             ? 
_entity_src_gen.pdbx_gene_src_scientific_name      'Mus musculus' 
_entity_src_gen.pdbx_gene_src_ncbi_taxonomy_id     10090 
_entity_src_gen.pdbx_gene_src_variant              ? 
_entity_src_gen.pdbx_gene_src_cell_line            ? 
_entity_src_gen.pdbx_gene_src_atcc                 ? 
_entity_src_gen.pdbx_gene_src_organ                ? 
_entity_src_gen.pdbx_gene_src_organelle            ? 
_entity_src_gen.pdbx_gene_src_cell                 ? 
_entity_src_gen.pdbx_gene_src_cellular_location    ? 
_entity_src_gen.host_org_common_name               ? 
_entity_src_gen.pdbx_host_org_scientific_name      'Escherichia coli BL21(DE3)' 
_entity_src_gen.pdbx_host_org_ncbi_taxonomy_id     469008 
_entity_src_gen.host_org_genus                     ? 
_entity_src_gen.pdbx_host_org_gene                 ? 
_entity_src_gen.pdbx_host_org_organ                ? 
_entity_src_gen.host_org_species                   ? 
_entity_src_gen.pdbx_host_org_tissue               ? 
_entity_src_gen.pdbx_host_org_tissue_fraction      ? 
_entity_src_gen.pdbx_host_org_strain               'BL21(DE3)' 
_entity_src_gen.pdbx_host_org_variant              ? 
_entity_src_gen.pdbx_host_org_cell_line            ? 
_entity_src_gen.pdbx_host_org_atcc                 ? 
_entity_src_gen.pdbx_host_org_culture_collection   ? 
_entity_src_gen.pdbx_host_org_cell                 ? 
_entity_src_gen.pdbx_host_org_organelle            ? 
_entity_src_gen.pdbx_host_org_cellular_location    ? 
_entity_src_gen.pdbx_host_org_vector_type          ? 
_entity_src_gen.pdbx_host_org_vector               ? 
_entity_src_gen.host_org_details                   ? 
_entity_src_gen.expression_system_id               ? 
_entity_src_gen.plasmid_name                       ? 
_entity_src_gen.plasmid_details                    ? 
_entity_src_gen.pdbx_description                   ? 
# 
_struct_ref.id                         1 
_struct_ref.db_name                    UNP 
_struct_ref.db_code                    PDZD7_MOUSE 
_struct_ref.pdbx_db_accession          E9Q9W7 
_struct_ref.pdbx_db_isoform            ? 
_struct_ref.entity_id                  1 
_struct_ref.pdbx_seq_one_letter_code   
;TVNEQVQAWESRRPLIQDLARRLLTDDEVLAVTRHCSRYVHEGGVEDLVRPLLAILDRPTKLLLLRDIRSVVAPTDLGRF
DSMVMPVELEAFEALKSRAVG
;
_struct_ref.pdbx_align_begin           546 
# 
loop_
_struct_ref_seq.align_id 
_struct_ref_seq.ref_id 
_struct_ref_seq.pdbx_PDB_id_code 
_struct_ref_seq.pdbx_strand_id 
_struct_ref_seq.seq_align_beg 
_struct_ref_seq.pdbx_seq_align_beg_ins_code 
_struct_ref_seq.seq_align_end 
_struct_ref_seq.pdbx_seq_align_end_ins_code 
_struct_ref_seq.pdbx_db_accession 
_struct_ref_seq.db_align_beg 
_struct_ref_seq.pdbx_db_align_beg_ins_code 
_struct_ref_seq.db_align_end 
_struct_ref_seq.pdbx_db_align_end_ins_code 
_struct_ref_seq.pdbx_auth_seq_align_beg 
_struct_ref_seq.pdbx_auth_seq_align_end 
1 1 7DE7 A 5 ? 105 ? E9Q9W7 546 ? 646 ? 546 646 
2 1 7DE7 B 5 ? 105 ? E9Q9W7 546 ? 646 ? 546 646 
# 
loop_
_struct_ref_seq_dif.align_id 
_struct_ref_seq_dif.pdbx_pdb_id_code 
_struct_ref_seq_dif.mon_id 
_struct_ref_seq_dif.pdbx_pdb_strand_id 
_struct_ref_seq_dif.seq_num 
_struct_ref_seq_dif.pdbx_pdb_ins_code 
_struct_ref_seq_dif.pdbx_seq_db_name 
_struct_ref_seq_dif.pdbx_seq_db_accession_code 
_struct_ref_seq_dif.db_mon_id 
_struct_ref_seq_dif.pdbx_seq_db_seq_num 
_struct_ref_seq_dif.details 
_struct_ref_seq_dif.pdbx_auth_seq_num 
_struct_ref_seq_dif.pdbx_ordinal 
1 7DE7 GLY A 1 ? UNP E9Q9W7 ? ? 'expression tag' 542 1 
1 7DE7 PRO A 2 ? UNP E9Q9W7 ? ? 'expression tag' 543 2 
1 7DE7 GLY A 3 ? UNP E9Q9W7 ? ? 'expression tag' 544 3 
1 7DE7 SER A 4 ? UNP E9Q9W7 ? ? 'expression tag' 545 4 
2 7DE7 GLY B 1 ? UNP E9Q9W7 ? ? 'expression tag' 542 5 
2 7DE7 PRO B 2 ? UNP E9Q9W7 ? ? 'expression tag' 543 6 
2 7DE7 GLY B 3 ? UNP E9Q9W7 ? ? 'expression tag' 544 7 
2 7DE7 SER B 4 ? UNP E9Q9W7 ? ? 'expression tag' 545 8 
# 
loop_
_chem_comp.id 
_chem_comp.type 
_chem_comp.mon_nstd_flag 
_chem_comp.name 
_chem_comp.pdbx_synonyms 
_chem_comp.formula 
_chem_comp.formula_weight 
2Q5 non-polymer         . '(2R)-2-{[(2R)-2-{[(2S)-2-{[(2R)-2-hydroxypropyl]oxy}propyl]oxy}propyl]oxy}propan-1-ol' ? 'C12 H26 O5' 
250.332 
ALA 'L-peptide linking' y ALANINE                                                                                 ? 'C3 H7 N O2' 
89.093  
ARG 'L-peptide linking' y ARGININE                                                                                ? 
'C6 H15 N4 O2 1' 175.209 
ASN 'L-peptide linking' y ASPARAGINE                                                                              ? 'C4 H8 N2 O3' 
132.118 
ASP 'L-peptide linking' y 'ASPARTIC ACID'                                                                         ? 'C4 H7 N O4' 
133.103 
CYS 'L-peptide linking' y CYSTEINE                                                                                ? 'C3 H7 N O2 S' 
121.158 
GLN 'L-peptide linking' y GLUTAMINE                                                                               ? 'C5 H10 N2 O3' 
146.144 
GLU 'L-peptide linking' y 'GLUTAMIC ACID'                                                                         ? 'C5 H9 N O4' 
147.129 
GLY 'peptide linking'   y GLYCINE                                                                                 ? 'C2 H5 N O2' 
75.067  
HIS 'L-peptide linking' y HISTIDINE                                                                               ? 
'C6 H10 N3 O2 1' 156.162 
HOH non-polymer         . WATER                                                                                   ? 'H2 O' 18.015  
ILE 'L-peptide linking' y ISOLEUCINE                                                                              ? 'C6 H13 N O2' 
131.173 
LEU 'L-peptide linking' y LEUCINE                                                                                 ? 'C6 H13 N O2' 
131.173 
LYS 'L-peptide linking' y LYSINE                                                                                  ? 
'C6 H15 N2 O2 1' 147.195 
MET 'L-peptide linking' y METHIONINE                                                                              ? 
'C5 H11 N O2 S'  149.211 
PHE 'L-peptide linking' y PHENYLALANINE                                                                           ? 'C9 H11 N O2' 
165.189 
PRO 'L-peptide linking' y PROLINE                                                                                 ? 'C5 H9 N O2' 
115.130 
SER 'L-peptide linking' y SERINE                                                                                  ? 'C3 H7 N O3' 
105.093 
THR 'L-peptide linking' y THREONINE                                                                               ? 'C4 H9 N O3' 
119.119 
TRP 'L-peptide linking' y TRYPTOPHAN                                                                              ? 
'C11 H12 N2 O2'  204.225 
TYR 'L-peptide linking' y TYROSINE                                                                                ? 'C9 H11 N O3' 
181.189 
VAL 'L-peptide linking' y VALINE                                                                                  ? 'C5 H11 N O2' 
117.146 
# 
_exptl.absorpt_coefficient_mu     ? 
_exptl.absorpt_correction_T_max   ? 
_exptl.absorpt_correction_T_min   ? 
_exptl.absorpt_correction_type    ? 
_exptl.absorpt_process_details    ? 
_exptl.entry_id                   7DE7 
_exptl.crystals_number            1 
_exptl.details                    ? 
_exptl.method                     'X-RAY DIFFRACTION' 
_exptl.method_details             ? 
# 
_exptl_crystal.colour                      ? 
_exptl_crystal.density_diffrn              ? 
_exptl_crystal.density_Matthews            2.19 
_exptl_crystal.density_method              ? 
_exptl_crystal.density_percent_sol         43.73 
_exptl_crystal.description                 ? 
_exptl_crystal.F_000                       ? 
_exptl_crystal.id                          1 
_exptl_crystal.preparation                 ? 
_exptl_crystal.size_max                    ? 
_exptl_crystal.size_mid                    ? 
_exptl_crystal.size_min                    ? 
_exptl_crystal.size_rad                    ? 
_exptl_crystal.colour_lustre               ? 
_exptl_crystal.colour_modifier             ? 
_exptl_crystal.colour_primary              ? 
_exptl_crystal.density_meas                ? 
_exptl_crystal.density_meas_esd            ? 
_exptl_crystal.density_meas_gt             ? 
_exptl_crystal.density_meas_lt             ? 
_exptl_crystal.density_meas_temp           ? 
_exptl_crystal.density_meas_temp_esd       ? 
_exptl_crystal.density_meas_temp_gt        ? 
_exptl_crystal.density_meas_temp_lt        ? 
_exptl_crystal.pdbx_crystal_image_url      ? 
_exptl_crystal.pdbx_crystal_image_format   ? 
_exptl_crystal.pdbx_mosaicity              ? 
_exptl_crystal.pdbx_mosaicity_esd          ? 
# 
_exptl_crystal_grow.apparatus       ? 
_exptl_crystal_grow.atmosphere      ? 
_exptl_crystal_grow.crystal_id      1 
_exptl_crystal_grow.details         ? 
_exptl_crystal_grow.method          'VAPOR DIFFUSION, SITTING DROP' 
_exptl_crystal_grow.method_ref      ? 
_exptl_crystal_grow.pH              ? 
_exptl_crystal_grow.pressure        ? 
_exptl_crystal_grow.pressure_esd    ? 
_exptl_crystal_grow.seeding         ? 
_exptl_crystal_grow.seeding_ref     ? 
_exptl_crystal_grow.temp            289 
_exptl_crystal_grow.temp_details    ? 
_exptl_crystal_grow.temp_esd        ? 
_exptl_crystal_grow.time            ? 
_exptl_crystal_grow.pdbx_details    '0.1 M Bis-Tris pH 6.5, 45% Polypropylene glycol P400' 
_exptl_crystal_grow.pdbx_pH_range   ? 
# 
_diffrn.ambient_environment              ? 
_diffrn.ambient_temp                     100 
_diffrn.ambient_temp_details             ? 
_diffrn.ambient_temp_esd                 ? 
_diffrn.crystal_id                       1 
_diffrn.crystal_support                  ? 
_diffrn.crystal_treatment                ? 
_diffrn.details                          ? 
_diffrn.id                               1 
_diffrn.ambient_pressure                 ? 
_diffrn.ambient_pressure_esd             ? 
_diffrn.ambient_pressure_gt              ? 
_diffrn.ambient_pressure_lt              ? 
_diffrn.ambient_temp_gt                  ? 
_diffrn.ambient_temp_lt                  ? 
_diffrn.pdbx_serial_crystal_experiment   N 
# 
_diffrn_detector.details                      ? 
_diffrn_detector.detector                     PIXEL 
_diffrn_detector.diffrn_id                    1 
_diffrn_detector.type                         'DECTRIS PILATUS3 S 6M' 
_diffrn_detector.area_resol_mean              ? 
_diffrn_detector.dtime                        ? 
_diffrn_detector.pdbx_frames_total            ? 
_diffrn_detector.pdbx_collection_time_total   ? 
_diffrn_detector.pdbx_collection_date         2020-01-04 
_diffrn_detector.pdbx_frequency               ? 
# 
_diffrn_radiation.collimation                      ? 
_diffrn_radiation.diffrn_id                        1 
_diffrn_radiation.filter_edge                      ? 
_diffrn_radiation.inhomogeneity                    ? 
_diffrn_radiation.monochromator                    ? 
_diffrn_radiation.polarisn_norm                    ? 
_diffrn_radiation.polarisn_ratio                   ? 
_diffrn_radiation.probe                            ? 
_diffrn_radiation.type                             ? 
_diffrn_radiation.xray_symbol                      ? 
_diffrn_radiation.wavelength_id                    1 
_diffrn_radiation.pdbx_monochromatic_or_laue_m_l   M 
_diffrn_radiation.pdbx_wavelength_list             ? 
_diffrn_radiation.pdbx_wavelength                  ? 
_diffrn_radiation.pdbx_diffrn_protocol             'SINGLE WAVELENGTH' 
_diffrn_radiation.pdbx_analyzer                    ? 
_diffrn_radiation.pdbx_scattering_type             x-ray 
# 
_diffrn_radiation_wavelength.id           1 
_diffrn_radiation_wavelength.wavelength   0.97891 
_diffrn_radiation_wavelength.wt           1.0 
# 
_diffrn_source.current                     ? 
_diffrn_source.details                     ? 
_diffrn_source.diffrn_id                   1 
_diffrn_source.power                       ? 
_diffrn_source.size                        ? 
_diffrn_source.source                      SYNCHROTRON 
_diffrn_source.target                      ? 
_diffrn_source.type                        'SSRF BEAMLINE BL19U1' 
_diffrn_source.voltage                     ? 
_diffrn_source.take-off_angle              ? 
_diffrn_source.pdbx_wavelength_list        0.97891 
_diffrn_source.pdbx_wavelength             ? 
_diffrn_source.pdbx_synchrotron_beamline   BL19U1 
_diffrn_source.pdbx_synchrotron_site       SSRF 
# 
_reflns.B_iso_Wilson_estimate            25.745 
_reflns.entry_id                         7DE7 
_reflns.data_reduction_details           ? 
_reflns.data_reduction_method            ? 
_reflns.d_resolution_high                1.490 
_reflns.d_resolution_low                 37.500 
_reflns.details                          ? 
_reflns.limit_h_max                      ? 
_reflns.limit_h_min                      ? 
_reflns.limit_k_max                      ? 
_reflns.limit_k_min                      ? 
_reflns.limit_l_max                      ? 
_reflns.limit_l_min                      ? 
_reflns.number_all                       ? 
_reflns.number_obs                       32592 
_reflns.observed_criterion               ? 
_reflns.observed_criterion_F_max         ? 
_reflns.observed_criterion_F_min         ? 
_reflns.observed_criterion_I_max         ? 
_reflns.observed_criterion_I_min         ? 
_reflns.observed_criterion_sigma_F       ? 
_reflns.observed_criterion_sigma_I       ? 
_reflns.percent_possible_obs             99.400 
_reflns.R_free_details                   ? 
_reflns.Rmerge_F_all                     ? 
_reflns.Rmerge_F_obs                     ? 
_reflns.Friedel_coverage                 ? 
_reflns.number_gt                        ? 
_reflns.threshold_expression             ? 
_reflns.pdbx_redundancy                  6.740 
_reflns.pdbx_Rmerge_I_obs                0.084 
_reflns.pdbx_Rmerge_I_all                ? 
_reflns.pdbx_Rsym_value                  ? 
_reflns.pdbx_netI_over_av_sigmaI         ? 
_reflns.pdbx_netI_over_sigmaI            13.490 
_reflns.pdbx_res_netI_over_av_sigmaI_2   ? 
_reflns.pdbx_res_netI_over_sigmaI_2      ? 
_reflns.pdbx_chi_squared                 0.819 
_reflns.pdbx_scaling_rejects             ? 
_reflns.pdbx_d_res_high_opt              ? 
_reflns.pdbx_d_res_low_opt               ? 
_reflns.pdbx_d_res_opt_method            ? 
_reflns.phase_calculation_details        ? 
_reflns.pdbx_Rrim_I_all                  0.091 
_reflns.pdbx_Rpim_I_all                  ? 
_reflns.pdbx_d_opt                       ? 
_reflns.pdbx_number_measured_all         ? 
_reflns.pdbx_diffrn_id                   1 
_reflns.pdbx_ordinal                     1 
_reflns.pdbx_CC_half                     0.999 
_reflns.pdbx_CC_star                     ? 
_reflns.pdbx_R_split                     ? 
# 
loop_
_reflns_shell.d_res_high 
_reflns_shell.d_res_low 
_reflns_shell.meanI_over_sigI_all 
_reflns_shell.meanI_over_sigI_obs 
_reflns_shell.number_measured_all 
_reflns_shell.number_measured_obs 
_reflns_shell.number_possible 
_reflns_shell.number_unique_all 
_reflns_shell.number_unique_obs 
_reflns_shell.percent_possible_all 
_reflns_shell.percent_possible_obs 
_reflns_shell.Rmerge_F_all 
_reflns_shell.Rmerge_F_obs 
_reflns_shell.Rmerge_I_all 
_reflns_shell.Rmerge_I_obs 
_reflns_shell.meanI_over_sigI_gt 
_reflns_shell.meanI_over_uI_all 
_reflns_shell.meanI_over_uI_gt 
_reflns_shell.number_measured_gt 
_reflns_shell.number_unique_gt 
_reflns_shell.percent_possible_gt 
_reflns_shell.Rmerge_F_gt 
_reflns_shell.Rmerge_I_gt 
_reflns_shell.pdbx_redundancy 
_reflns_shell.pdbx_Rsym_value 
_reflns_shell.pdbx_chi_squared 
_reflns_shell.pdbx_netI_over_sigmaI_all 
_reflns_shell.pdbx_netI_over_sigmaI_obs 
_reflns_shell.pdbx_Rrim_I_all 
_reflns_shell.pdbx_Rpim_I_all 
_reflns_shell.pdbx_rejects 
_reflns_shell.pdbx_ordinal 
_reflns_shell.pdbx_diffrn_id 
_reflns_shell.pdbx_CC_half 
_reflns_shell.pdbx_CC_star 
_reflns_shell.pdbx_R_split 
1.490 1.580  ? 1.560  ? 33241 5257 ? 5160 98.200 ? ? ? ? 1.197 ? ? ? ? ? ? ? ? 6.442 ? ? ? ? 1.301 ? ? 1 1 0.725 ? ? 
1.580 1.690  ? 2.740  ? 34015 4949 ? 4915 99.300 ? ? ? ? 0.731 ? ? ? ? ? ? ? ? 6.921 ? ? ? ? 0.790 ? ? 2 1 0.886 ? ? 
1.690 1.830  ? 4.330  ? 31136 4640 ? 4616 99.500 ? ? ? ? 0.435 ? ? ? ? ? ? ? ? 6.745 ? ? ? ? 0.471 ? ? 3 1 0.953 ? ? 
1.830 2.000  ? 7.780  ? 28364 4239 ? 4232 99.800 ? ? ? ? 0.230 ? ? ? ? ? ? ? ? 6.702 ? ? ? ? 0.250 ? ? 4 1 0.982 ? ? 
2.000 2.240  ? 14.580 ? 26599 3858 ? 3852 99.800 ? ? ? ? 0.125 ? ? ? ? ? ? ? ? 6.905 ? ? ? ? 0.135 ? ? 5 1 0.993 ? ? 
2.240 2.580  ? 22.130 ? 22896 3422 ? 3418 99.900 ? ? ? ? 0.078 ? ? ? ? ? ? ? ? 6.699 ? ? ? ? 0.084 ? ? 6 1 0.997 ? ? 
2.580 3.160  ? 29.830 ? 19992 2884 ? 2882 99.900 ? ? ? ? 0.059 ? ? ? ? ? ? ? ? 6.937 ? ? ? ? 0.064 ? ? 7 1 0.998 ? ? 
3.160 4.460  ? 40.500 ? 15000 2256 ? 2253 99.900 ? ? ? ? 0.043 ? ? ? ? ? ? ? ? 6.658 ? ? ? ? 0.047 ? ? 8 1 0.998 ? ? 
4.460 37.500 ? 44.520 ? 8454  1271 ? 1266 99.600 ? ? ? ? 0.038 ? ? ? ? ? ? ? ? 6.678 ? ? ? ? 0.041 ? ? 9 1 0.999 ? ? 
# 
_refine.aniso_B[1][1]                            ? 
_refine.aniso_B[1][2]                            ? 
_refine.aniso_B[1][3]                            ? 
_refine.aniso_B[2][2]                            ? 
_refine.aniso_B[2][3]                            ? 
_refine.aniso_B[3][3]                            ? 
_refine.B_iso_max                                83.510 
_refine.B_iso_mean                               22.9697 
_refine.B_iso_min                                11.700 
_refine.correlation_coeff_Fo_to_Fc               ? 
_refine.correlation_coeff_Fo_to_Fc_free          ? 
_refine.details                                  ? 
_refine.diff_density_max                         ? 
_refine.diff_density_max_esd                     ? 
_refine.diff_density_min                         ? 
_refine.diff_density_min_esd                     ? 
_refine.diff_density_rms                         ? 
_refine.diff_density_rms_esd                     ? 
_refine.entry_id                                 7DE7 
_refine.pdbx_refine_id                           'X-RAY DIFFRACTION' 
_refine.ls_abs_structure_details                 ? 
_refine.ls_abs_structure_Flack                   ? 
_refine.ls_abs_structure_Flack_esd               ? 
_refine.ls_abs_structure_Rogers                  ? 
_refine.ls_abs_structure_Rogers_esd              ? 
_refine.ls_d_res_high                            1.4900 
_refine.ls_d_res_low                             37.5000 
_refine.ls_extinction_coef                       ? 
_refine.ls_extinction_coef_esd                   ? 
_refine.ls_extinction_expression                 ? 
_refine.ls_extinction_method                     ? 
_refine.ls_goodness_of_fit_all                   ? 
_refine.ls_goodness_of_fit_all_esd               ? 
_refine.ls_goodness_of_fit_obs                   ? 
_refine.ls_goodness_of_fit_obs_esd               ? 
_refine.ls_hydrogen_treatment                    ? 
_refine.ls_matrix_type                           ? 
_refine.ls_number_constraints                    ? 
_refine.ls_number_parameters                     ? 
_refine.ls_number_reflns_all                     ? 
_refine.ls_number_reflns_obs                     32580 
_refine.ls_number_reflns_R_free                  1998 
_refine.ls_number_reflns_R_work                  60231 
_refine.ls_number_restraints                     ? 
_refine.ls_percent_reflns_obs                    99.4000 
_refine.ls_percent_reflns_R_free                 6.1400 
_refine.ls_R_factor_all                          ? 
_refine.ls_R_factor_obs                          0.1784 
_refine.ls_R_factor_R_free                       0.1936 
_refine.ls_R_factor_R_free_error                 ? 
_refine.ls_R_factor_R_free_error_details         ? 
_refine.ls_R_factor_R_work                       0.1774 
_refine.ls_R_Fsqd_factor_obs                     ? 
_refine.ls_R_I_factor_obs                        ? 
_refine.ls_redundancy_reflns_all                 ? 
_refine.ls_redundancy_reflns_obs                 ? 
_refine.ls_restrained_S_all                      ? 
_refine.ls_restrained_S_obs                      ? 
_refine.ls_shift_over_esd_max                    ? 
_refine.ls_shift_over_esd_mean                   ? 
_refine.ls_structure_factor_coef                 ? 
_refine.ls_weighting_details                     ? 
_refine.ls_weighting_scheme                      ? 
_refine.ls_wR_factor_all                         ? 
_refine.ls_wR_factor_obs                         ? 
_refine.ls_wR_factor_R_free                      ? 
_refine.ls_wR_factor_R_work                      ? 
_refine.occupancy_max                            ? 
_refine.occupancy_min                            ? 
_refine.solvent_model_details                    'FLAT BULK SOLVENT MODEL' 
_refine.solvent_model_param_bsol                 ? 
_refine.solvent_model_param_ksol                 ? 
_refine.pdbx_R_complete                          ? 
_refine.ls_R_factor_gt                           ? 
_refine.ls_goodness_of_fit_gt                    ? 
_refine.ls_goodness_of_fit_ref                   ? 
_refine.ls_shift_over_su_max                     ? 
_refine.ls_shift_over_su_max_lt                  ? 
_refine.ls_shift_over_su_mean                    ? 
_refine.ls_shift_over_su_mean_lt                 ? 
_refine.pdbx_ls_sigma_I                          ? 
_refine.pdbx_ls_sigma_F                          1.350 
_refine.pdbx_ls_sigma_Fsqd                       ? 
_refine.pdbx_data_cutoff_high_absF               ? 
_refine.pdbx_data_cutoff_high_rms_absF           ? 
_refine.pdbx_data_cutoff_low_absF                ? 
_refine.pdbx_isotropic_thermal_model             ? 
_refine.pdbx_ls_cross_valid_method               THROUGHOUT 
_refine.pdbx_method_to_determine_struct          'MOLECULAR REPLACEMENT' 
_refine.pdbx_starting_model                      6FDD 
_refine.pdbx_stereochemistry_target_values       ML 
_refine.pdbx_R_Free_selection_details            ? 
_refine.pdbx_stereochem_target_val_spec_case     ? 
_refine.pdbx_overall_ESU_R                       ? 
_refine.pdbx_overall_ESU_R_Free                  ? 
_refine.pdbx_solvent_vdw_probe_radii             1.1100 
_refine.pdbx_solvent_ion_probe_radii             ? 
_refine.pdbx_solvent_shrinkage_radii             0.9000 
_refine.pdbx_real_space_R                        ? 
_refine.pdbx_density_correlation                 ? 
_refine.pdbx_pd_number_of_powder_patterns        ? 
_refine.pdbx_pd_number_of_points                 ? 
_refine.pdbx_pd_meas_number_of_points            ? 
_refine.pdbx_pd_proc_ls_prof_R_factor            ? 
_refine.pdbx_pd_proc_ls_prof_wR_factor           ? 
_refine.pdbx_pd_Marquardt_correlation_coeff      ? 
_refine.pdbx_pd_Fsqrd_R_factor                   ? 
_refine.pdbx_pd_ls_matrix_band_width             ? 
_refine.pdbx_overall_phase_error                 22.0700 
_refine.pdbx_overall_SU_R_free_Cruickshank_DPI   ? 
_refine.pdbx_overall_SU_R_free_Blow_DPI          ? 
_refine.pdbx_overall_SU_R_Blow_DPI               ? 
_refine.pdbx_TLS_residual_ADP_flag               ? 
_refine.pdbx_diffrn_id                           1 
_refine.overall_SU_B                             ? 
_refine.overall_SU_ML                            0.2100 
_refine.overall_SU_R_Cruickshank_DPI             ? 
_refine.overall_SU_R_free                        ? 
_refine.overall_FOM_free_R_set                   ? 
_refine.overall_FOM_work_R_set                   ? 
_refine.pdbx_average_fsc_overall                 ? 
_refine.pdbx_average_fsc_work                    ? 
_refine.pdbx_average_fsc_free                    ? 
# 
_refine_hist.pdbx_refine_id                   'X-RAY DIFFRACTION' 
_refine_hist.cycle_id                         final 
_refine_hist.details                          ? 
_refine_hist.d_res_high                       1.4900 
_refine_hist.d_res_low                        37.5000 
_refine_hist.number_atoms_solvent             151 
_refine_hist.number_atoms_total               1684 
_refine_hist.number_reflns_all                ? 
_refine_hist.number_reflns_obs                ? 
_refine_hist.number_reflns_R_free             ? 
_refine_hist.number_reflns_R_work             ? 
_refine_hist.R_factor_all                     ? 
_refine_hist.R_factor_obs                     ? 
_refine_hist.R_factor_R_free                  ? 
_refine_hist.R_factor_R_work                  ? 
_refine_hist.pdbx_number_residues_total       190 
_refine_hist.pdbx_B_iso_mean_ligand           36.05 
_refine_hist.pdbx_B_iso_mean_solvent          33.80 
_refine_hist.pdbx_number_atoms_protein        1516 
_refine_hist.pdbx_number_atoms_nucleic_acid   0 
_refine_hist.pdbx_number_atoms_ligand         17 
_refine_hist.pdbx_number_atoms_lipid          ? 
_refine_hist.pdbx_number_atoms_carb           ? 
_refine_hist.pdbx_pseudo_atom_details         ? 
# 
loop_
_refine_ls_shell.pdbx_refine_id 
_refine_ls_shell.d_res_high 
_refine_ls_shell.d_res_low 
_refine_ls_shell.number_reflns_all 
_refine_ls_shell.number_reflns_obs 
_refine_ls_shell.number_reflns_R_free 
_refine_ls_shell.number_reflns_R_work 
_refine_ls_shell.percent_reflns_obs 
_refine_ls_shell.percent_reflns_R_free 
_refine_ls_shell.R_factor_all 
_refine_ls_shell.R_factor_obs 
_refine_ls_shell.R_factor_R_free 
_refine_ls_shell.R_factor_R_free_error 
_refine_ls_shell.R_factor_R_work 
_refine_ls_shell.redundancy_reflns_all 
_refine_ls_shell.redundancy_reflns_obs 
_refine_ls_shell.wR_factor_all 
_refine_ls_shell.wR_factor_obs 
_refine_ls_shell.wR_factor_R_free 
_refine_ls_shell.wR_factor_R_work 
_refine_ls_shell.pdbx_R_complete 
_refine_ls_shell.pdbx_total_number_of_bins_used 
_refine_ls_shell.pdbx_phase_error 
_refine_ls_shell.pdbx_fsc_work 
_refine_ls_shell.pdbx_fsc_free 
'X-RAY DIFFRACTION' 1.4900 1.5100  2123 . 130 1993 93.0000  . . . 0.4018 0.0000 0.3535 . . . . . . . 28 . . . 
'X-RAY DIFFRACTION' 1.5100 1.5300  2326 . 144 2182 99.0000  . . . 0.3622 0.0000 0.3438 . . . . . . . 28 . . . 
'X-RAY DIFFRACTION' 1.5300 1.5500  2260 . 138 2122 99.0000  . . . 0.3230 0.0000 0.3047 . . . . . . . 28 . . . 
'X-RAY DIFFRACTION' 1.5500 1.5700  2245 . 139 2106 99.0000  . . . 0.3194 0.0000 0.2929 . . . . . . . 28 . . . 
'X-RAY DIFFRACTION' 1.5700 1.6000  2304 . 139 2165 99.0000  . . . 0.2925 0.0000 0.2803 . . . . . . . 28 . . . 
'X-RAY DIFFRACTION' 1.6000 1.6200  2271 . 138 2133 100.0000 . . . 0.3090 0.0000 0.2552 . . . . . . . 28 . . . 
'X-RAY DIFFRACTION' 1.6200 1.6400  2334 . 146 2188 99.0000  . . . 0.2958 0.0000 0.2552 . . . . . . . 28 . . . 
'X-RAY DIFFRACTION' 1.6400 1.6700  2254 . 134 2120 99.0000  . . . 0.2295 0.0000 0.2396 . . . . . . . 28 . . . 
'X-RAY DIFFRACTION' 1.6700 1.7000  2320 . 140 2180 99.0000  . . . 0.2594 0.0000 0.2275 . . . . . . . 28 . . . 
'X-RAY DIFFRACTION' 1.7000 1.7300  2286 . 140 2146 100.0000 . . . 0.2551 0.0000 0.2200 . . . . . . . 28 . . . 
'X-RAY DIFFRACTION' 1.7300 1.7600  2296 . 142 2154 100.0000 . . . 0.2457 0.0000 0.2124 . . . . . . . 28 . . . 
'X-RAY DIFFRACTION' 1.7600 1.8000  2296 . 139 2157 100.0000 . . . 0.2511 0.0000 0.2025 . . . . . . . 28 . . . 
'X-RAY DIFFRACTION' 1.8000 1.8400  2323 . 144 2179 99.0000  . . . 0.2317 0.0000 0.2024 . . . . . . . 28 . . . 
'X-RAY DIFFRACTION' 1.8400 1.8800  2258 . 139 2119 100.0000 . . . 0.2816 0.0000 0.1838 . . . . . . . 28 . . . 
'X-RAY DIFFRACTION' 1.8800 1.9300  2353 . 147 2206 100.0000 . . . 0.1922 0.0000 0.1870 . . . . . . . 28 . . . 
'X-RAY DIFFRACTION' 1.9300 1.9800  2243 . 139 2104 100.0000 . . . 0.1824 0.0000 0.1623 . . . . . . . 28 . . . 
'X-RAY DIFFRACTION' 1.9800 2.0400  2343 . 142 2201 100.0000 . . . 0.1764 0.0000 0.1658 . . . . . . . 28 . . . 
'X-RAY DIFFRACTION' 2.0400 2.1100  2263 . 138 2125 100.0000 . . . 0.2170 0.0000 0.1540 . . . . . . . 28 . . . 
'X-RAY DIFFRACTION' 2.1100 2.1800  2345 . 146 2199 100.0000 . . . 0.1494 0.0000 0.1582 . . . . . . . 28 . . . 
'X-RAY DIFFRACTION' 2.1800 2.2700  2285 . 142 2143 100.0000 . . . 0.2065 0.0000 0.1473 . . . . . . . 28 . . . 
'X-RAY DIFFRACTION' 2.2700 2.3700  2301 . 141 2160 100.0000 . . . 0.1696 0.0000 0.1653 . . . . . . . 28 . . . 
'X-RAY DIFFRACTION' 2.3700 2.5000  2323 . 140 2183 100.0000 . . . 0.1806 0.0000 0.1478 . . . . . . . 28 . . . 
'X-RAY DIFFRACTION' 2.5000 2.6500  2286 . 142 2144 100.0000 . . . 0.1846 0.0000 0.1570 . . . . . . . 28 . . . 
'X-RAY DIFFRACTION' 2.6500 2.8600  2310 . 140 2170 100.0000 . . . 0.1637 0.0000 0.1586 . . . . . . . 28 . . . 
'X-RAY DIFFRACTION' 2.8600 3.1400  2301 . 139 2162 100.0000 . . . 0.1792 0.0000 0.1675 . . . . . . . 28 . . . 
'X-RAY DIFFRACTION' 3.1500 3.6000  2318 . 146 2172 100.0000 . . . 0.1434 0.0000 0.1644 . . . . . . . 28 . . . 
'X-RAY DIFFRACTION' 3.6000 4.5300  2307 . 142 2165 100.0000 . . . 0.1471 0.0000 0.1442 . . . . . . . 28 . . . 
'X-RAY DIFFRACTION' 4.5400 37.5000 2299 . 146 2153 100.0000 . . . 0.2036 0.0000 0.1890 . . . . . . . 28 . . . 
# 
_struct.entry_id                     7DE7 
_struct.title                        'Crystal structure of PDZD7 HHD domain' 
_struct.pdbx_model_details           ? 
_struct.pdbx_formula_weight          ? 
_struct.pdbx_formula_weight_method   ? 
_struct.pdbx_model_type_details      ? 
_struct.pdbx_CASP_flag               N 
# 
_struct_keywords.entry_id        7DE7 
_struct_keywords.text            'PDZD7, HHD domain, membrane-targeting, LIPID BINDING PROTEIN' 
_struct_keywords.pdbx_keywords   'LIPID BINDING PROTEIN' 
# 
loop_
_struct_asym.id 
_struct_asym.pdbx_blank_PDB_chainid_flag 
_struct_asym.pdbx_modified 
_struct_asym.entity_id 
_struct_asym.details 
A N N 1 ? 
B N N 1 ? 
C N N 2 ? 
D N N 3 ? 
E N N 3 ? 
# 
loop_
_struct_conf.conf_type_id 
_struct_conf.id 
_struct_conf.pdbx_PDB_helix_id 
_struct_conf.beg_label_comp_id 
_struct_conf.beg_label_asym_id 
_struct_conf.beg_label_seq_id 
_struct_conf.pdbx_beg_PDB_ins_code 
_struct_conf.end_label_comp_id 
_struct_conf.end_label_asym_id 
_struct_conf.end_label_seq_id 
_struct_conf.pdbx_end_PDB_ins_code 
_struct_conf.beg_auth_comp_id 
_struct_conf.beg_auth_asym_id 
_struct_conf.beg_auth_seq_id 
_struct_conf.end_auth_comp_id 
_struct_conf.end_auth_asym_id 
_struct_conf.end_auth_seq_id 
_struct_conf.pdbx_PDB_helix_class 
_struct_conf.details 
_struct_conf.pdbx_PDB_helix_length 
HELX_P HELX_P1  AA1 VAL A 6  ? LEU A 28  ? VAL A 547 LEU A 569 1 ? 23 
HELX_P HELX_P2  AA2 THR A 29 ? GLY A 47  ? THR A 570 GLY A 588 1 ? 19 
HELX_P HELX_P3  AA3 GLY A 48 ? LEU A 60  ? GLY A 589 LEU A 601 1 ? 13 
HELX_P HELX_P4  AA4 PRO A 63 ? LEU A 67  ? PRO A 604 LEU A 608 5 ? 5  
HELX_P HELX_P5  AA5 LEU A 68 ? SER A 74  ? LEU A 609 SER A 615 1 ? 7  
HELX_P HELX_P6  AA6 VAL A 75 ? VAL A 76  ? VAL A 616 VAL A 617 5 ? 2  
HELX_P HELX_P7  AA7 ALA A 77 ? THR A 79  ? ALA A 618 THR A 620 5 ? 3  
HELX_P HELX_P8  AA8 ASP A 80 ? SER A 101 ? ASP A 621 SER A 642 1 ? 22 
HELX_P HELX_P9  AA9 ASN B 7  ? LEU B 28  ? ASN B 548 LEU B 569 1 ? 22 
HELX_P HELX_P10 AB1 THR B 29 ? GLY B 47  ? THR B 570 GLY B 588 1 ? 19 
HELX_P HELX_P11 AB2 GLY B 48 ? LEU B 60  ? GLY B 589 LEU B 601 1 ? 13 
HELX_P HELX_P12 AB3 ARG B 62 ? LEU B 67  ? ARG B 603 LEU B 608 1 ? 6  
HELX_P HELX_P13 AB4 LEU B 67 ? SER B 74  ? LEU B 608 SER B 615 1 ? 8  
HELX_P HELX_P14 AB5 VAL B 75 ? VAL B 76  ? VAL B 616 VAL B 617 5 ? 2  
HELX_P HELX_P15 AB6 ALA B 77 ? THR B 79  ? ALA B 618 THR B 620 5 ? 3  
HELX_P HELX_P16 AB7 ASP B 80 ? ALA B 98  ? ASP B 621 ALA B 639 1 ? 19 
# 
_struct_conf_type.id          HELX_P 
_struct_conf_type.criteria    ? 
_struct_conf_type.reference   ? 
# 
_struct_site.id                   AC1 
_struct_site.pdbx_evidence_code   Software 
_struct_site.pdbx_auth_asym_id    A 
_struct_site.pdbx_auth_comp_id    2Q5 
_struct_site.pdbx_auth_seq_id     701 
_struct_site.pdbx_auth_ins_code   ? 
_struct_site.pdbx_num_residues    8 
_struct_site.details              'binding site for residue 2Q5 A 701' 
# 
loop_
_struct_site_gen.id 
_struct_site_gen.site_id 
_struct_site_gen.pdbx_num_res 
_struct_site_gen.label_comp_id 
_struct_site_gen.label_asym_id 
_struct_site_gen.label_seq_id 
_struct_site_gen.pdbx_auth_ins_code 
_struct_site_gen.auth_comp_id 
_struct_site_gen.auth_asym_id 
_struct_site_gen.auth_seq_id 
_struct_site_gen.label_atom_id 
_struct_site_gen.label_alt_id 
_struct_site_gen.symmetry 
_struct_site_gen.details 
1 AC1 8 LEU A 66 ? LEU A 607 . ? 1_555 ? 
2 AC1 8 ARG A 70 ? ARG A 611 . ? 1_555 ? 
3 AC1 8 GLU A 92 ? GLU A 633 . ? 1_555 ? 
4 AC1 8 HOH D .  ? HOH A 835 . ? 1_555 ? 
5 AC1 8 LEU B 69 ? LEU B 610 . ? 1_555 ? 
6 AC1 8 ARG B 70 ? ARG B 611 . ? 1_555 ? 
7 AC1 8 PHE B 84 ? PHE B 625 . ? 1_555 ? 
8 AC1 8 GLU B 92 ? GLU B 633 . ? 1_555 ? 
# 
_atom_sites.entry_id                    7DE7 
_atom_sites.Cartn_transf_matrix[1][1]   ? 
_atom_sites.Cartn_transf_matrix[1][2]   ? 
_atom_sites.Cartn_transf_matrix[1][3]   ? 
_atom_sites.Cartn_transf_matrix[2][1]   ? 
_atom_sites.Cartn_transf_matrix[2][2]   ? 
_atom_sites.Cartn_transf_matrix[2][3]   ? 
_atom_sites.Cartn_transf_matrix[3][1]   ? 
_atom_sites.Cartn_transf_matrix[3][2]   ? 
_atom_sites.Cartn_transf_matrix[3][3]   ? 
_atom_sites.Cartn_transf_vector[1]      ? 
_atom_sites.Cartn_transf_vector[2]      ? 
_atom_sites.Cartn_transf_vector[3]      ? 
_atom_sites.fract_transf_matrix[1][1]   0.01814899 
_atom_sites.fract_transf_matrix[1][2]   0.02552505 
_atom_sites.fract_transf_matrix[1][3]   -0.00022570 
_atom_sites.fract_transf_matrix[2][1]   0.00844594 
_atom_sites.fract_transf_matrix[2][2]   -0.00593066 
_atom_sites.fract_transf_matrix[2][3]   0.00844012 
_atom_sites.fract_transf_matrix[3][1]   0.01508157 
_atom_sites.fract_transf_matrix[3][2]   -0.00423210 
_atom_sites.fract_transf_matrix[3][3]   -0.01806576 
_atom_sites.fract_transf_vector[1]      0.121835 
_atom_sites.fract_transf_vector[2]      0.948041 
_atom_sites.fract_transf_vector[3]      0.398908 
_atom_sites.solution_primary            ? 
_atom_sites.solution_secondary          ? 
_atom_sites.solution_hydrogens          ? 
_atom_sites.special_details             ? 
# 
loop_
_atom_type.symbol 
C 
N 
O 
S 
# 
loop_
_atom_site.group_PDB 
_atom_site.id 
_atom_site.type_symbol 
_atom_site.label_atom_id 
_atom_site.label_alt_id 
_atom_site.label_comp_id 
_atom_site.label_asym_id 
_atom_site.label_entity_id 
_atom_site.label_seq_id 
_atom_site.pdbx_PDB_ins_code 
_atom_site.Cartn_x 
_atom_site.Cartn_y 
_atom_site.Cartn_z 
_atom_site.occupancy 
_atom_site.B_iso_or_equiv 
_atom_site.pdbx_formal_charge 
_atom_site.auth_seq_id 
_atom_site.auth_comp_id 
_atom_site.auth_asym_id 
_atom_site.auth_atom_id 
_atom_site.pdbx_PDB_model_num 
ATOM   1    N N   . VAL A 1 6   ? -9.684  -3.176  14.794  1.00 75.39 ? 547 VAL A N   1 
ATOM   2    C CA  . VAL A 1 6   ? -9.468  -1.716  14.991  1.00 46.06 ? 547 VAL A CA  1 
ATOM   3    C C   . VAL A 1 6   ? -8.036  -1.562  15.417  1.00 31.01 ? 547 VAL A C   1 
ATOM   4    O O   . VAL A 1 6   ? -7.309  -1.111  14.611  1.00 22.87 ? 547 VAL A O   1 
ATOM   5    C CB  . VAL A 1 6   ? -10.430 -1.160  16.043  1.00 30.00 ? 547 VAL A CB  1 
ATOM   6    N N   . ASN A 1 7   ? -7.653  -2.230  16.515  1.00 47.00 ? 548 ASN A N   1 
ATOM   7    C CA  . ASN A 1 7   ? -6.340  -1.966  17.143  1.00 35.39 ? 548 ASN A CA  1 
ATOM   8    C C   . ASN A 1 7   ? -5.163  -2.017  16.171  1.00 24.54 ? 548 ASN A C   1 
ATOM   9    O O   . ASN A 1 7   ? -4.463  -1.060  16.160  1.00 24.32 ? 548 ASN A O   1 
ATOM   10   C CB  . ASN A 1 7   ? -6.079  -2.878  18.338  1.00 40.05 ? 548 ASN A CB  1 
ATOM   11   C CG  . ASN A 1 7   ? -5.224  -2.219  19.395  1.00 60.20 ? 548 ASN A CG  1 
ATOM   12   O OD1 . ASN A 1 7   ? -5.437  -1.056  19.738  1.00 83.51 ? 548 ASN A OD1 1 
ATOM   13   N ND2 . ASN A 1 7   ? -4.264  -2.954  19.932  1.00 67.06 ? 548 ASN A ND2 1 
ATOM   14   N N   . GLU A 1 8   ? -5.013  -3.065  15.365  1.00 21.48 ? 549 GLU A N   1 
ATOM   15   C CA  . GLU A 1 8   ? -3.825  -3.078  14.477  1.00 19.01 ? 549 GLU A CA  1 
ATOM   16   C C   . GLU A 1 8   ? -3.944  -1.962  13.439  1.00 18.65 ? 549 GLU A C   1 
ATOM   17   O O   . GLU A 1 8   ? -2.932  -1.396  13.071  1.00 19.73 ? 549 GLU A O   1 
ATOM   18   C CB  . GLU A 1 8   ? -3.573  -4.455  13.872  1.00 18.53 ? 549 GLU A CB  1 
ATOM   19   C CG  . GLU A 1 8   ? -2.998  -5.434  14.868  1.00 26.67 ? 549 GLU A CG  1 
ATOM   20   C CD  . GLU A 1 8   ? -2.623  -6.766  14.254  1.00 44.11 ? 549 GLU A CD  1 
ATOM   21   O OE1 . GLU A 1 8   ? -2.483  -6.817  13.024  1.00 32.55 ? 549 GLU A OE1 1 
ATOM   22   O OE2 . GLU A 1 8   ? -2.475  -7.741  15.011  1.00 41.81 ? 549 GLU A OE2 1 
ATOM   23   N N   . GLN A 1 9   ? -5.154  -1.745  12.939  1.00 17.49 ? 550 GLN A N   1 
ATOM   24   C CA  . GLN A 1 9   ? -5.397  -0.676  11.940  1.00 14.83 ? 550 GLN A CA  1 
ATOM   25   C C   . GLN A 1 9   ? -5.212  0.702   12.585  1.00 15.46 ? 550 GLN A C   1 
ATOM   26   O O   . GLN A 1 9   ? -4.671  1.578   11.956  1.00 17.44 ? 550 GLN A O   1 
ATOM   27   C CB  . GLN A 1 9   ? -6.771  -0.893  11.317  1.00 18.03 ? 550 GLN A CB  1 
ATOM   28   C CG  . GLN A 1 9   ? -6.826  -2.071  10.356  1.00 17.28 ? 550 GLN A CG  1 
ATOM   29   C CD  . GLN A 1 9   ? -6.816  -3.424  11.021  1.00 19.52 ? 550 GLN A CD  1 
ATOM   30   O OE1 . GLN A 1 9   ? -5.958  -4.252  10.756  1.00 27.42 ? 550 GLN A OE1 1 
ATOM   31   N NE2 . GLN A 1 9   ? -7.774  -3.656  11.895  1.00 22.37 ? 550 GLN A NE2 1 
ATOM   32   N N   . VAL A 1 10  ? -5.695  0.843   13.813  1.00 18.01 ? 551 VAL A N   1 
ATOM   33   C CA  . VAL A 1 10  ? -5.502  2.120   14.550  1.00 18.08 ? 551 VAL A CA  1 
ATOM   34   C C   . VAL A 1 10  ? -4.010  2.351   14.779  1.00 18.49 ? 551 VAL A C   1 
ATOM   35   O O   . VAL A 1 10  ? -3.568  3.459   14.622  1.00 15.70 ? 551 VAL A O   1 
ATOM   36   C CB  . VAL A 1 10  ? -6.300  2.097   15.868  1.00 15.49 ? 551 VAL A CB  1 
ATOM   37   C CG1 . VAL A 1 10  ? -5.865  3.197   16.823  1.00 18.50 ? 551 VAL A CG1 1 
ATOM   38   C CG2 . VAL A 1 10  ? -7.777  2.221   15.583  1.00 20.00 ? 551 VAL A CG2 1 
ATOM   39   N N   . GLN A 1 11  ? -3.296  1.295   15.132  1.00 17.30 ? 552 GLN A N   1 
ATOM   40   C CA  . GLN A 1 11  ? -1.839  1.432   15.322  1.00 17.44 ? 552 GLN A CA  1 
ATOM   41   C C   . GLN A 1 11  ? -1.173  1.813   13.999  1.00 18.60 ? 552 GLN A C   1 
ATOM   42   O O   . GLN A 1 11  ? -0.299  2.652   14.011  1.00 18.57 ? 552 GLN A O   1 
ATOM   43   C CB  . GLN A 1 11  ? -1.241  0.126   15.832  1.00 23.96 ? 552 GLN A CB  1 
ATOM   44   C CG  . GLN A 1 11  ? -1.447  -0.130  17.312  1.00 37.50 ? 552 GLN A CG  1 
ATOM   45   C CD  . GLN A 1 11  ? -0.839  -1.463  17.674  1.00 59.53 ? 552 GLN A CD  1 
ATOM   46   O OE1 . GLN A 1 11  ? 0.323   -1.730  17.385  1.00 41.27 ? 552 GLN A OE1 1 
ATOM   47   N NE2 . GLN A 1 11  ? -1.634  -2.315  18.296  1.00 57.55 ? 552 GLN A NE2 1 
ATOM   48   N N   . ALA A 1 12  ? -1.596  1.179   12.909  1.00 14.92 ? 553 ALA A N   1 
ATOM   49   C CA  . ALA A 1 12  ? -1.015  1.510   11.611  1.00 14.49 ? 553 ALA A CA  1 
ATOM   50   C C   . ALA A 1 12  ? -1.292  2.956   11.242  1.00 17.60 ? 553 ALA A C   1 
ATOM   51   O O   . ALA A 1 12  ? -0.429  3.637   10.678  1.00 15.88 ? 553 ALA A O   1 
ATOM   52   C CB  . ALA A 1 12  ? -1.601  0.584   10.545  1.00 14.23 ? 553 ALA A CB  1 
ATOM   53   N N   . TRP A 1 13  ? -2.506  3.425   11.530  1.00 17.71 ? 554 TRP A N   1 
ATOM   54   C CA  . TRP A 1 13  ? -2.872  4.812   11.258  1.00 15.51 ? 554 TRP A CA  1 
ATOM   55   C C   . TRP A 1 13  ? -2.069  5.768   12.125  1.00 18.54 ? 554 TRP A C   1 
ATOM   56   O O   . TRP A 1 13  ? -1.542  6.770   11.636  1.00 17.07 ? 554 TRP A O   1 
ATOM   57   C CB  . TRP A 1 13  ? -4.374  4.982   11.495  1.00 14.42 ? 554 TRP A CB  1 
ATOM   58   C CG  . TRP A 1 13  ? -4.831  6.413   11.634  1.00 13.83 ? 554 TRP A CG  1 
ATOM   59   C CD1 . TRP A 1 13  ? -5.415  6.963   12.736  1.00 22.79 ? 554 TRP A CD1 1 
ATOM   60   C CD2 . TRP A 1 13  ? -4.771  7.460   10.646  1.00 15.54 ? 554 TRP A CD2 1 
ATOM   61   N NE1 . TRP A 1 13  ? -5.715  8.285   12.505  1.00 18.94 ? 554 TRP A NE1 1 
ATOM   62   C CE2 . TRP A 1 13  ? -5.335  8.614   11.232  1.00 17.77 ? 554 TRP A CE2 1 
ATOM   63   C CE3 . TRP A 1 13  ? -4.301  7.536   9.337   1.00 18.51 ? 554 TRP A CE3 1 
ATOM   64   C CZ2 . TRP A 1 13  ? -5.427  9.831   10.555  1.00 19.19 ? 554 TRP A CZ2 1 
ATOM   65   C CZ3 . TRP A 1 13  ? -4.400  8.755   8.663   1.00 20.48 ? 554 TRP A CZ3 1 
ATOM   66   C CH2 . TRP A 1 13  ? -4.953  9.879   9.277   1.00 20.36 ? 554 TRP A CH2 1 
ATOM   67   N N   . GLU A 1 14  ? -1.942  5.466   13.414  1.00 15.71 ? 555 GLU A N   1 
ATOM   68   C CA  . GLU A 1 14  ? -1.215  6.390   14.280  1.00 16.63 ? 555 GLU A CA  1 
ATOM   69   C C   . GLU A 1 14  ? 0.251   6.492   13.883  1.00 19.28 ? 555 GLU A C   1 
ATOM   70   O O   . GLU A 1 14  ? 0.848   7.572   13.994  1.00 19.57 ? 555 GLU A O   1 
ATOM   71   C CB  . GLU A 1 14  ? -1.427  6.003   15.743  1.00 17.88 ? 555 GLU A CB  1 
ATOM   72   C CG  . GLU A 1 14  ? -2.851  6.373   16.154  1.00 24.71 ? 555 GLU A CG  1 
ATOM   73   C CD  . GLU A 1 14  ? -3.204  6.049   17.580  1.00 40.62 ? 555 GLU A CD  1 
ATOM   74   O OE1 . GLU A 1 14  ? -2.359  5.483   18.305  1.00 39.09 ? 555 GLU A OE1 1 
ATOM   75   O OE2 . GLU A 1 14  ? -4.347  6.377   17.970  1.00 34.02 ? 555 GLU A OE2 1 
ATOM   76   N N   . SER A 1 15  ? 0.830   5.407   13.371  1.00 16.62 ? 556 SER A N   1 
ATOM   77   C CA  . SER A 1 15  ? 2.221   5.436   12.938  1.00 17.67 ? 556 SER A CA  1 
ATOM   78   C C   . SER A 1 15  ? 2.410   6.118   11.589  1.00 19.01 ? 556 SER A C   1 
ATOM   79   O O   . SER A 1 15  ? 3.491   6.653   11.324  1.00 20.36 ? 556 SER A O   1 
ATOM   80   C CB  . SER A 1 15  ? 2.787   4.016   12.880  1.00 23.19 ? 556 SER A CB  1 
ATOM   81   O OG  . SER A 1 15  ? 2.917   3.484   14.182  1.00 28.78 ? 556 SER A OG  1 
ATOM   82   N N   . ARG A 1 16  ? 1.395   6.094   10.718  1.00 15.69 ? 557 ARG A N   1 
ATOM   83   C CA  . ARG A 1 16  ? 1.521   6.690   9.394   1.00 14.86 ? 557 ARG A CA  1 
ATOM   84   C C   . ARG A 1 16  ? 0.842   8.043   9.267   1.00 16.86 ? 557 ARG A C   1 
ATOM   85   O O   . ARG A 1 16  ? 1.047   8.725   8.253   1.00 17.91 ? 557 ARG A O   1 
ATOM   86   C CB  . ARG A 1 16  ? 0.975   5.730   8.332   1.00 15.33 ? 557 ARG A CB  1 
ATOM   87   C CG  . ARG A 1 16  ? 1.912   4.559   8.093   1.00 15.70 ? 557 ARG A CG  1 
ATOM   88   C CD  . ARG A 1 16  ? 1.178   3.375   7.486   1.00 15.67 ? 557 ARG A CD  1 
ATOM   89   N NE  . ARG A 1 16  ? 2.039   2.200   7.449   1.00 22.22 ? 557 ARG A NE  1 
ATOM   90   C CZ  . ARG A 1 16  ? 2.323   1.438   8.503   1.00 23.67 ? 557 ARG A CZ  1 
ATOM   91   N NH1 . ARG A 1 16  ? 1.811   1.711   9.695   1.00 18.88 ? 557 ARG A NH1 1 
ATOM   92   N NH2 . ARG A 1 16  ? 3.121   0.392   8.357   1.00 20.73 ? 557 ARG A NH2 1 
ATOM   93   N N   . ARG A 1 17  ? 0.053   8.441   10.262  1.00 18.91 ? 558 ARG A N   1 
ATOM   94   C CA  . ARG A 1 17  ? -0.621  9.734   10.227  1.00 18.26 ? 558 ARG A CA  1 
ATOM   95   C C   . ARG A 1 17  ? 0.317   10.901  9.946   1.00 20.33 ? 558 ARG A C   1 
ATOM   96   O O   . ARG A 1 17  ? -0.057  11.766  9.135   1.00 17.73 ? 558 ARG A O   1 
ATOM   97   C CB  . ARG A 1 17  ? -1.422  9.932   11.523  1.00 22.81 ? 558 ARG A CB  1 
ATOM   98   C CG  . ARG A 1 17  ? -2.172  11.257  11.625  1.00 23.36 ? 558 ARG A CG  1 
ATOM   99   C CD  . ARG A 1 17  ? -2.913  11.366  12.957  1.00 25.57 ? 558 ARG A CD  1 
ATOM   100  N NE  . ARG A 1 17  ? -2.144  10.819  14.073  1.00 39.62 ? 558 ARG A NE  1 
ATOM   101  C CZ  . ARG A 1 17  ? -2.673  10.389  15.219  1.00 38.37 ? 558 ARG A CZ  1 
ATOM   102  N NH1 . ARG A 1 17  ? -3.988  10.415  15.406  1.00 37.26 ? 558 ARG A NH1 1 
ATOM   103  N NH2 . ARG A 1 17  ? -1.883  9.915   16.174  1.00 39.92 ? 558 ARG A NH2 1 
ATOM   104  N N   . PRO A 1 18  ? 1.521   10.992  10.539  1.00 24.00 ? 559 PRO A N   1 
ATOM   105  C CA  . PRO A 1 18  ? 2.398   12.127  10.198  1.00 18.51 ? 559 PRO A CA  1 
ATOM   106  C C   . PRO A 1 18  ? 2.783   12.194  8.733   1.00 19.23 ? 559 PRO A C   1 
ATOM   107  O O   . PRO A 1 18  ? 2.833   13.297  8.173   1.00 18.81 ? 559 PRO A O   1 
ATOM   108  C CB  . PRO A 1 18  ? 3.626   11.909  11.099  1.00 21.51 ? 559 PRO A CB  1 
ATOM   109  C CG  . PRO A 1 18  ? 3.102   11.095  12.248  1.00 26.15 ? 559 PRO A CG  1 
ATOM   110  C CD  . PRO A 1 18  ? 2.108   10.165  11.615  1.00 22.49 ? 559 PRO A CD  1 
ATOM   111  N N   . LEU A 1 19  ? 3.063   11.050  8.098   1.00 18.76 ? 560 LEU A N   1 
ATOM   112  C CA  . LEU A 1 19  ? 3.361   11.032  6.669   1.00 16.62 ? 560 LEU A CA  1 
ATOM   113  C C   . LEU A 1 19  ? 2.130   11.384  5.848   1.00 19.81 ? 560 LEU A C   1 
ATOM   114  O O   . LEU A 1 19  ? 2.209   12.162  4.889   1.00 17.28 ? 560 LEU A O   1 
ATOM   115  C CB  . LEU A 1 19  ? 3.848   9.641   6.252   1.00 18.21 ? 560 LEU A CB  1 
ATOM   116  C CG  . LEU A 1 19  ? 5.300   9.250   6.506   1.00 27.74 ? 560 LEU A CG  1 
ATOM   117  C CD1 . LEU A 1 19  ? 5.452   7.735   6.416   1.00 24.96 ? 560 LEU A CD1 1 
ATOM   118  C CD2 . LEU A 1 19  ? 6.226   9.943   5.513   1.00 33.93 ? 560 LEU A CD2 1 
ATOM   119  N N   . ILE A 1 20  ? 0.993   10.792  6.189   1.00 16.71 ? 561 ILE A N   1 
ATOM   120  C CA  . ILE A 1 20  ? -0.243  11.021  5.395   1.00 16.97 ? 561 ILE A CA  1 
ATOM   121  C C   . ILE A 1 20  ? -0.631  12.495  5.501   1.00 17.09 ? 561 ILE A C   1 
ATOM   122  O O   . ILE A 1 20  ? -0.890  13.100  4.483   1.00 17.23 ? 561 ILE A O   1 
ATOM   123  C CB  . ILE A 1 20  ? -1.359  10.056  5.838   1.00 17.18 ? 561 ILE A CB  1 
ATOM   124  C CG1 . ILE A 1 20  ? -1.009  8.616   5.468   1.00 15.95 ? 561 ILE A CG1 1 
ATOM   125  C CG2 . ILE A 1 20  ? -2.712  10.464  5.282   1.00 18.12 ? 561 ILE A CG2 1 
ATOM   126  C CD1 . ILE A 1 20  ? -1.838  7.580   6.178   1.00 16.92 ? 561 ILE A CD1 1 
ATOM   127  N N   . GLN A 1 21  ? -0.632  13.020  6.721   1.00 15.73 ? 562 GLN A N   1 
ATOM   128  C CA  . GLN A 1 21  ? -1.037  14.409  6.906   1.00 18.99 ? 562 GLN A CA  1 
ATOM   129  C C   . GLN A 1 21  ? -0.045  15.364  6.270   1.00 15.77 ? 562 GLN A C   1 
ATOM   130  O O   . GLN A 1 21  ? -0.447  16.389  5.697   1.00 17.29 ? 562 GLN A O   1 
ATOM   131  C CB  . GLN A 1 21  ? -1.219  14.713  8.393   1.00 16.99 ? 562 GLN A CB  1 
ATOM   132  C CG  . GLN A 1 21  ? -2.471  14.068  8.952   1.00 19.50 ? 562 GLN A CG  1 
ATOM   133  C CD  . GLN A 1 21  ? -2.742  14.461  10.377  1.00 29.86 ? 562 GLN A CD  1 
ATOM   134  O OE1 . GLN A 1 21  ? -1.817  14.657  11.168  1.00 26.67 ? 562 GLN A OE1 1 
ATOM   135  N NE2 . GLN A 1 21  ? -4.013  14.587  10.718  1.00 29.62 ? 562 GLN A NE2 1 
ATOM   136  N N   . ASP A 1 22  ? 1.251   15.045  6.329   1.00 13.49 ? 563 ASP A N   1 
ATOM   137  C CA  . ASP A 1 22  ? 2.236   15.929  5.706   1.00 19.33 ? 563 ASP A CA  1 
ATOM   138  C C   . ASP A 1 22  ? 2.068   15.953  4.189   1.00 17.61 ? 563 ASP A C   1 
ATOM   139  O O   . ASP A 1 22  ? 2.056   17.022  3.569   1.00 19.29 ? 563 ASP A O   1 
ATOM   140  C CB  . ASP A 1 22  ? 3.659   15.500  6.062   1.00 17.40 ? 563 ASP A CB  1 
ATOM   141  C CG  . ASP A 1 22  ? 4.705   16.490  5.549   1.00 23.18 ? 563 ASP A CG  1 
ATOM   142  O OD1 . ASP A 1 22  ? 4.668   17.653  6.002   1.00 30.37 ? 563 ASP A OD1 1 
ATOM   143  O OD2 . ASP A 1 22  ? 5.505   16.138  4.659   1.00 25.07 ? 563 ASP A OD2 1 
ATOM   144  N N   . LEU A 1 23  ? 1.924   14.780  3.568   1.00 16.53 ? 564 LEU A N   1 
ATOM   145  C CA  . LEU A 1 23  ? 1.709   14.756  2.126   1.00 16.42 ? 564 LEU A CA  1 
ATOM   146  C C   . LEU A 1 23  ? 0.374   15.398  1.760   1.00 20.18 ? 564 LEU A C   1 
ATOM   147  O O   . LEU A 1 23  ? 0.281   16.143  0.774   1.00 16.97 ? 564 LEU A O   1 
ATOM   148  C CB  . LEU A 1 23  ? 1.736   13.312  1.627   1.00 16.86 ? 564 LEU A CB  1 
ATOM   149  C CG  . LEU A 1 23  ? 1.419   13.143  0.139   1.00 16.63 ? 564 LEU A CG  1 
ATOM   150  C CD1 . LEU A 1 23  ? 2.363   13.948  -0.755  1.00 21.08 ? 564 LEU A CD1 1 
ATOM   151  C CD2 . LEU A 1 23  ? 1.430   11.649  -0.230  1.00 20.39 ? 564 LEU A CD2 1 
ATOM   152  N N   . ALA A 1 24  ? -0.673  15.121  2.546   1.00 15.53 ? 565 ALA A N   1 
ATOM   153  C CA  . ALA A 1 24  ? -1.983  15.684  2.243   1.00 16.39 ? 565 ALA A CA  1 
ATOM   154  C C   . ALA A 1 24  ? -1.931  17.201  2.226   1.00 18.05 ? 565 ALA A C   1 
ATOM   155  O O   . ALA A 1 24  ? -2.546  17.838  1.365   1.00 19.78 ? 565 ALA A O   1 
ATOM   156  C CB  . ALA A 1 24  ? -3.011  15.210  3.267   1.00 20.06 ? 565 ALA A CB  1 
ATOM   157  N N   . ARG A 1 25  ? -1.186  17.798  3.160   1.00 15.51 ? 566 ARG A N   1 
ATOM   158  C CA  . ARG A 1 25  ? -1.170  19.252  3.235   1.00 16.73 ? 566 ARG A CA  1 
ATOM   159  C C   . ARG A 1 25  ? -0.391  19.853  2.079   1.00 21.02 ? 566 ARG A C   1 
ATOM   160  O O   . ARG A 1 25  ? -0.638  21.007  1.707   1.00 25.09 ? 566 ARG A O   1 
ATOM   161  C CB  . ARG A 1 25  ? -0.565  19.675  4.572   1.00 18.16 ? 566 ARG A CB  1 
ATOM   162  C CG  . ARG A 1 25  ? -1.340  20.812  5.141   1.00 33.43 ? 566 ARG A CG  1 
ATOM   163  C CD  . ARG A 1 25  ? -0.983  21.118  6.564   1.00 25.78 ? 566 ARG A CD  1 
ATOM   164  N NE  . ARG A 1 25  ? -1.497  22.429  6.878   1.00 24.47 ? 566 ARG A NE  1 
ATOM   165  C CZ  . ARG A 1 25  ? -1.056  23.177  7.872   1.00 19.31 ? 566 ARG A CZ  1 
ATOM   166  N NH1 . ARG A 1 25  ? -0.068  22.727  8.639   1.00 21.86 ? 566 ARG A NH1 1 
ATOM   167  N NH2 . ARG A 1 25  ? -1.624  24.346  8.094   1.00 19.99 ? 566 ARG A NH2 1 
ATOM   168  N N   . ARG A 1 26  ? 0.538   19.093  1.493   1.00 17.46 ? 567 ARG A N   1 
ATOM   169  C CA  . ARG A 1 26  ? 1.254   19.570  0.318   1.00 20.05 ? 567 ARG A CA  1 
ATOM   170  C C   . ARG A 1 26  ? 0.405   19.504  -0.946  1.00 24.36 ? 567 ARG A C   1 
ATOM   171  O O   . ARG A 1 26  ? 0.721   20.188  -1.923  1.00 25.67 ? 567 ARG A O   1 
ATOM   172  C CB  . ARG A 1 26  ? 2.540   18.763  0.136   1.00 20.80 ? 567 ARG A CB  1 
ATOM   173  C CG  . ARG A 1 26  ? 3.559   18.987  1.258   1.00 18.76 ? 567 ARG A CG  1 
ATOM   174  C CD  . ARG A 1 26  ? 4.667   17.941  1.230   1.00 22.76 ? 567 ARG A CD  1 
ATOM   175  N NE  . ARG A 1 26  ? 5.539   18.037  2.399   1.00 24.93 ? 567 ARG A NE  1 
ATOM   176  C CZ  . ARG A 1 26  ? 6.524   18.918  2.536   1.00 28.87 ? 567 ARG A CZ  1 
ATOM   177  N NH1 . ARG A 1 26  ? 6.796   19.773  1.561   1.00 23.84 ? 567 ARG A NH1 1 
ATOM   178  N NH2 . ARG A 1 26  ? 7.252   18.929  3.644   1.00 27.64 ? 567 ARG A NH2 1 
ATOM   179  N N   . LEU A 1 27  ? -0.660  18.699  -0.948  1.00 20.80 ? 568 LEU A N   1 
ATOM   180  C CA  . LEU A 1 27  ? -1.468  18.484  -2.140  1.00 20.24 ? 568 LEU A CA  1 
ATOM   181  C C   . LEU A 1 27  ? -2.885  19.029  -2.046  1.00 21.61 ? 568 LEU A C   1 
ATOM   182  O O   . LEU A 1 27  ? -3.510  19.249  -3.092  1.00 23.59 ? 568 LEU A O   1 
ATOM   183  C CB  . LEU A 1 27  ? -1.577  16.982  -2.428  1.00 21.52 ? 568 LEU A CB  1 
ATOM   184  C CG  . LEU A 1 27  ? -0.258  16.313  -2.798  1.00 25.68 ? 568 LEU A CG  1 
ATOM   185  C CD1 . LEU A 1 27  ? -0.430  14.808  -2.852  1.00 28.92 ? 568 LEU A CD1 1 
ATOM   186  C CD2 . LEU A 1 27  ? 0.250   16.873  -4.115  1.00 42.73 ? 568 LEU A CD2 1 
ATOM   187  N N   . LEU A 1 28  ? -3.407  19.242  -0.839  1.00 16.70 ? 569 LEU A N   1 
ATOM   188  C CA  . LEU A 1 28  ? -4.815  19.555  -0.620  1.00 19.99 ? 569 LEU A CA  1 
ATOM   189  C C   . LEU A 1 28  ? -4.928  20.794  0.249   1.00 21.57 ? 569 LEU A C   1 
ATOM   190  O O   . LEU A 1 28  ? -3.959  21.224  0.871   1.00 20.10 ? 569 LEU A O   1 
ATOM   191  C CB  . LEU A 1 28  ? -5.536  18.404  0.101   1.00 16.74 ? 569 LEU A CB  1 
ATOM   192  C CG  . LEU A 1 28  ? -5.375  16.987  -0.450  1.00 18.11 ? 569 LEU A CG  1 
ATOM   193  C CD1 . LEU A 1 28  ? -6.012  15.962  0.485   1.00 17.54 ? 569 LEU A CD1 1 
ATOM   194  C CD2 . LEU A 1 28  ? -6.005  16.906  -1.857  1.00 22.88 ? 569 LEU A CD2 1 
ATOM   195  N N   . THR A 1 29  ? -6.133  21.349  0.313   1.00 18.82 ? 570 THR A N   1 
ATOM   196  C CA  . THR A 1 29  ? -6.391  22.443  1.241   1.00 19.98 ? 570 THR A CA  1 
ATOM   197  C C   . THR A 1 29  ? -6.473  21.904  2.667   1.00 19.50 ? 570 THR A C   1 
ATOM   198  O O   . THR A 1 29  ? -6.651  20.705  2.891   1.00 18.89 ? 570 THR A O   1 
ATOM   199  C CB  . THR A 1 29  ? -7.692  23.165  0.883   1.00 19.56 ? 570 THR A CB  1 
ATOM   200  O OG1 . THR A 1 29  ? -8.819  22.323  1.192   1.00 21.51 ? 570 THR A OG1 1 
ATOM   201  C CG2 . THR A 1 29  ? -7.713  23.521  -0.602  1.00 21.01 ? 570 THR A CG2 1 
ATOM   202  N N   . ASP A 1 30  ? -6.315  22.804  3.646   1.00 18.77 ? 571 ASP A N   1 
ATOM   203  C CA  . ASP A 1 30  ? -6.407  22.372  5.040   1.00 18.02 ? 571 ASP A CA  1 
ATOM   204  C C   . ASP A 1 30  ? -7.758  21.737  5.344   1.00 21.66 ? 571 ASP A C   1 
ATOM   205  O O   . ASP A 1 30  ? -7.830  20.755  6.092   1.00 19.68 ? 571 ASP A O   1 
ATOM   206  C CB  . ASP A 1 30  ? -6.139  23.536  5.997   1.00 20.38 ? 571 ASP A CB  1 
ATOM   207  C CG  . ASP A 1 30  ? -4.663  23.775  6.230   1.00 25.52 ? 571 ASP A CG  1 
ATOM   208  O OD1 . ASP A 1 30  ? -3.837  23.126  5.560   1.00 25.46 ? 571 ASP A OD1 1 
ATOM   209  O OD2 . ASP A 1 30  ? -4.343  24.618  7.100   1.00 27.87 ? 571 ASP A OD2 1 
ATOM   210  N N   . ASP A 1 31  ? -8.843  22.290  4.788   1.00 20.56 ? 572 ASP A N   1 
ATOM   211  C CA  . ASP A 1 31  ? -10.155 21.687  5.009   1.00 21.08 ? 572 ASP A CA  1 
ATOM   212  C C   . ASP A 1 31  ? -10.200 20.273  4.448   1.00 17.49 ? 572 ASP A C   1 
ATOM   213  O O   . ASP A 1 31  ? -10.814 19.376  5.042   1.00 19.60 ? 572 ASP A O   1 
ATOM   214  C CB  . ASP A 1 31  ? -11.254 22.542  4.375   1.00 21.59 ? 572 ASP A CB  1 
ATOM   215  C CG  . ASP A 1 31  ? -11.602 23.763  5.212   1.00 36.70 ? 572 ASP A CG  1 
ATOM   216  O OD1 . ASP A 1 31  ? -11.049 23.909  6.322   1.00 45.30 ? 572 ASP A OD1 1 
ATOM   217  O OD2 . ASP A 1 31  ? -12.432 24.578  4.758   1.00 47.32 ? 572 ASP A OD2 1 
ATOM   218  N N   . GLU A 1 32  ? -9.553  20.056  3.303   1.00 16.14 ? 573 GLU A N   1 
ATOM   219  C CA  . GLU A 1 32  ? -9.531  18.712  2.729   1.00 17.83 ? 573 GLU A CA  1 
ATOM   220  C C   . GLU A 1 32  ? -8.649  17.783  3.555   1.00 16.83 ? 573 GLU A C   1 
ATOM   221  O O   . GLU A 1 32  ? -8.935  16.585  3.663   1.00 15.65 ? 573 GLU A O   1 
ATOM   222  C CB  . GLU A 1 32  ? -9.033  18.775  1.286   1.00 17.53 ? 573 GLU A CB  1 
ATOM   223  C CG  . GLU A 1 32  ? -10.077 19.272  0.293   1.00 23.61 ? 573 GLU A CG  1 
ATOM   224  C CD  . GLU A 1 32  ? -9.487  19.572  -1.059  1.00 26.11 ? 573 GLU A CD  1 
ATOM   225  O OE1 . GLU A 1 32  ? -8.281  19.900  -1.143  1.00 25.33 ? 573 GLU A OE1 1 
ATOM   226  O OE2 . GLU A 1 32  ? -10.217 19.424  -2.053  1.00 27.14 ? 573 GLU A OE2 1 
ATOM   227  N N   . VAL A 1 33  ? -7.559  18.303  4.123   1.00 15.95 ? 574 VAL A N   1 
ATOM   228  C CA  . VAL A 1 33  ? -6.720  17.470  4.989   1.00 15.79 ? 574 VAL A CA  1 
ATOM   229  C C   . VAL A 1 33  ? -7.513  17.016  6.206   1.00 17.20 ? 574 VAL A C   1 
ATOM   230  O O   . VAL A 1 33  ? -7.444  15.852  6.616   1.00 17.04 ? 574 VAL A O   1 
ATOM   231  C CB  . VAL A 1 33  ? -5.436  18.218  5.396   1.00 16.91 ? 574 VAL A CB  1 
ATOM   232  C CG1 . VAL A 1 33  ? -4.637  17.403  6.431   1.00 18.65 ? 574 VAL A CG1 1 
ATOM   233  C CG2 . VAL A 1 33  ? -4.575  18.532  4.173   1.00 17.67 ? 574 VAL A CG2 1 
ATOM   234  N N   . LEU A 1 34  ? -8.288  17.927  6.795   1.00 17.37 ? 575 LEU A N   1 
ATOM   235  C CA  . LEU A 1 34  ? -9.146  17.554  7.915   1.00 16.02 ? 575 LEU A CA  1 
ATOM   236  C C   . LEU A 1 34  ? -10.162 16.488  7.507   1.00 19.44 ? 575 LEU A C   1 
ATOM   237  O O   . LEU A 1 34  ? -10.423 15.549  8.265   1.00 18.59 ? 575 LEU A O   1 
ATOM   238  C CB  . LEU A 1 34  ? -9.855  18.805  8.434   1.00 21.86 ? 575 LEU A CB  1 
ATOM   239  C CG  . LEU A 1 34  ? -10.842 18.640  9.587   1.00 23.58 ? 575 LEU A CG  1 
ATOM   240  C CD1 . LEU A 1 34  ? -10.156 18.033  10.801  1.00 28.92 ? 575 LEU A CD1 1 
ATOM   241  C CD2 . LEU A 1 34  ? -11.429 20.001  9.937   1.00 29.22 ? 575 LEU A CD2 1 
ATOM   242  N N   . ALA A 1 35  ? -10.751 16.613  6.313   1.00 17.05 ? 576 ALA A N   1 
ATOM   243  C CA  . ALA A 1 35  ? -11.691 15.590  5.858   1.00 17.91 ? 576 ALA A CA  1 
ATOM   244  C C   . ALA A 1 35  ? -11.002 14.238  5.691   1.00 18.43 ? 576 ALA A C   1 
ATOM   245  O O   . ALA A 1 35  ? -11.507 13.212  6.162   1.00 19.26 ? 576 ALA A O   1 
ATOM   246  C CB  . ALA A 1 35  ? -12.370 16.028  4.559   1.00 14.44 ? 576 ALA A CB  1 
ATOM   247  N N   . VAL A 1 36  ? -9.855  14.206  5.033   1.00 16.53 ? 577 VAL A N   1 
ATOM   248  C CA  . VAL A 1 36  ? -9.100  12.936  4.869   1.00 16.44 ? 577 VAL A CA  1 
ATOM   249  C C   . VAL A 1 36  ? -8.794  12.344  6.252   1.00 17.45 ? 577 VAL A C   1 
ATOM   250  O O   . VAL A 1 36  ? -8.997  11.157  6.435   1.00 17.80 ? 577 VAL A O   1 
ATOM   251  C CB  . VAL A 1 36  ? -7.821  13.143  4.038   1.00 15.88 ? 577 VAL A CB  1 
ATOM   252  C CG1 . VAL A 1 36  ? -6.881  11.947  4.077   1.00 18.26 ? 577 VAL A CG1 1 
ATOM   253  C CG2 . VAL A 1 36  ? -8.144  13.522  2.602   1.00 16.84 ? 577 VAL A CG2 1 
ATOM   254  N N   . THR A 1 37  ? -8.310  13.189  7.156   1.00 17.05 ? 578 THR A N   1 
ATOM   255  C CA  . THR A 1 37  ? -7.977  12.693  8.487   1.00 14.08 ? 578 THR A CA  1 
ATOM   256  C C   . THR A 1 37  ? -9.197  12.080  9.161   1.00 16.15 ? 578 THR A C   1 
ATOM   257  O O   . THR A 1 37  ? -9.109  11.013  9.778   1.00 18.92 ? 578 THR A O   1 
ATOM   258  C CB  . THR A 1 37  ? -7.446  13.855  9.325   1.00 15.07 ? 578 THR A CB  1 
ATOM   259  O OG1 . THR A 1 37  ? -6.209  14.303  8.762   1.00 21.51 ? 578 THR A OG1 1 
ATOM   260  C CG2 . THR A 1 37  ? -7.216  13.401  10.755  1.00 22.15 ? 578 THR A CG2 1 
ATOM   261  N N   . ARG A 1 38  ? -10.348 12.736  9.045   1.00 17.44 ? 579 ARG A N   1 
ATOM   262  C CA  . ARG A 1 38  ? -11.556 12.231  9.687   1.00 16.38 ? 579 ARG A CA  1 
ATOM   263  C C   . ARG A 1 38  ? -12.009 10.920  9.064   1.00 16.41 ? 579 ARG A C   1 
ATOM   264  O O   . ARG A 1 38  ? -12.440 10.005  9.778   1.00 19.32 ? 579 ARG A O   1 
ATOM   265  C CB  . ARG A 1 38  ? -12.669 13.269  9.578   1.00 19.31 ? 579 ARG A CB  1 
ATOM   266  C CG  . ARG A 1 38  ? -12.543 14.397  10.598  1.00 19.67 ? 579 ARG A CG  1 
ATOM   267  C CD  . ARG A 1 38  ? -13.422 15.557  10.219  1.00 20.07 ? 579 ARG A CD  1 
ATOM   268  N NE  . ARG A 1 38  ? -13.407 16.548  11.286  1.00 21.63 ? 579 ARG A NE  1 
ATOM   269  C CZ  . ARG A 1 38  ? -13.905 17.771  11.168  1.00 27.25 ? 579 ARG A CZ  1 
ATOM   270  N NH1 . ARG A 1 38  ? -14.446 18.150  10.020  1.00 30.88 ? 579 ARG A NH1 1 
ATOM   271  N NH2 . ARG A 1 38  ? -13.839 18.612  12.192  1.00 29.61 ? 579 ARG A NH2 1 
ATOM   272  N N   . HIS A 1 39  ? -11.924 10.805  7.737   1.00 15.01 ? 580 HIS A N   1 
ATOM   273  C CA  . HIS A 1 39  ? -12.323 9.549   7.098   1.00 13.69 ? 580 HIS A CA  1 
ATOM   274  C C   . HIS A 1 39  ? -11.413 8.401   7.502   1.00 16.77 ? 580 HIS A C   1 
ATOM   275  O O   . HIS A 1 39  ? -11.884 7.282   7.741   1.00 18.07 ? 580 HIS A O   1 
ATOM   276  C CB  . HIS A 1 39  ? -12.323 9.687   5.577   1.00 17.46 ? 580 HIS A CB  1 
ATOM   277  C CG  . HIS A 1 39  ? -13.359 10.625  5.055   1.00 18.88 ? 580 HIS A CG  1 
ATOM   278  N ND1 . HIS A 1 39  ? -14.689 10.531  5.408   1.00 23.33 ? 580 HIS A ND1 1 
ATOM   279  C CD2 . HIS A 1 39  ? -13.267 11.677  4.209   1.00 20.63 ? 580 HIS A CD2 1 
ATOM   280  C CE1 . HIS A 1 39  ? -15.370 11.482  4.795   1.00 26.24 ? 580 HIS A CE1 1 
ATOM   281  N NE2 . HIS A 1 39  ? -14.529 12.196  4.070   1.00 21.92 ? 580 HIS A NE2 1 
ATOM   282  N N   . CYS A 1 40  ? -10.118 8.655   7.563   1.00 15.63 ? 581 CYS A N   1 
ATOM   283  C CA  . CYS A 1 40  ? -9.170  7.582   7.936   1.00 13.24 ? 581 CYS A CA  1 
ATOM   284  C C   . CYS A 1 40  ? -9.393  7.157   9.389   1.00 18.26 ? 581 CYS A C   1 
ATOM   285  O O   . CYS A 1 40  ? -9.391  5.970   9.660   1.00 18.76 ? 581 CYS A O   1 
ATOM   286  C CB  . CYS A 1 40  ? -7.727  8.040   7.772   1.00 19.52 ? 581 CYS A CB  1 
ATOM   287  S SG  . CYS A 1 40  ? -7.202  8.203   6.042   1.00 17.59 ? 581 CYS A SG  1 
ATOM   288  N N   . SER A 1 41  ? -9.522  8.138   10.276  1.00 15.73 ? 582 SER A N   1 
ATOM   289  C CA  . SER A 1 41  ? -9.732  7.813   11.682  1.00 14.25 ? 582 SER A CA  1 
ATOM   290  C C   . SER A 1 41  ? -11.035 7.046   11.880  1.00 15.93 ? 582 SER A C   1 
ATOM   291  O O   . SER A 1 41  ? -11.064 6.019   12.569  1.00 16.77 ? 582 SER A O   1 
ATOM   292  C CB  . SER A 1 41  ? -9.710  9.099   12.518  1.00 17.31 ? 582 SER A CB  1 
ATOM   293  O OG  . SER A 1 41  ? -9.748  8.772   13.903  1.00 20.07 ? 582 SER A OG  1 
ATOM   294  N N   . ARG A 1 42  ? -12.120 7.506   11.249  1.00 16.22 ? 583 ARG A N   1 
ATOM   295  C CA  . ARG A 1 42  ? -13.380 6.787   11.377  1.00 17.34 ? 583 ARG A CA  1 
ATOM   296  C C   . ARG A 1 42  ? -13.228 5.354   10.910  1.00 16.11 ? 583 ARG A C   1 
ATOM   297  O O   . ARG A 1 42  ? -13.705 4.427   11.572  1.00 18.02 ? 583 ARG A O   1 
ATOM   298  C CB  . ARG A 1 42  ? -14.491 7.474   10.587  1.00 18.34 ? 583 ARG A CB  1 
ATOM   299  C CG  . ARG A 1 42  ? -15.888 6.848   10.804  1.00 21.54 ? 583 ARG A CG  1 
ATOM   300  C CD  . ARG A 1 42  ? -16.771 6.910   9.559   1.00 28.64 ? 583 ARG A CD  1 
ATOM   301  N NE  . ARG A 1 42  ? -16.169 6.175   8.448   1.00 28.17 ? 583 ARG A NE  1 
ATOM   302  C CZ  . ARG A 1 42  ? -16.244 4.856   8.298   1.00 35.12 ? 583 ARG A CZ  1 
ATOM   303  N NH1 . ARG A 1 42  ? -16.930 4.120   9.166   1.00 27.59 ? 583 ARG A NH1 1 
ATOM   304  N NH2 . ARG A 1 42  ? -15.642 4.270   7.271   1.00 20.63 ? 583 ARG A NH2 1 
ATOM   305  N N   . TYR A 1 43  ? -12.550 5.150   9.775   1.00 14.81 ? 584 TYR A N   1 
ATOM   306  C CA  . TYR A 1 43  ? -12.424 3.793   9.253   1.00 12.30 ? 584 TYR A CA  1 
ATOM   307  C C   . TYR A 1 43  ? -11.662 2.903   10.229  1.00 14.03 ? 584 TYR A C   1 
ATOM   308  O O   . TYR A 1 43  ? -12.082 1.776   10.510  1.00 16.10 ? 584 TYR A O   1 
ATOM   309  C CB  . TYR A 1 43  ? -11.737 3.764   7.875   1.00 16.03 ? 584 TYR A CB  1 
ATOM   310  C CG  . TYR A 1 43  ? -11.342 2.342   7.548   1.00 15.32 ? 584 TYR A CG  1 
ATOM   311  C CD1 . TYR A 1 43  ? -12.301 1.426   7.159   1.00 13.78 ? 584 TYR A CD1 1 
ATOM   312  C CD2 . TYR A 1 43  ? -10.039 1.897   7.720   1.00 14.89 ? 584 TYR A CD2 1 
ATOM   313  C CE1 . TYR A 1 43  ? -11.955 0.115   6.918   1.00 14.68 ? 584 TYR A CE1 1 
ATOM   314  C CE2 . TYR A 1 43  ? -9.688  0.601   7.494   1.00 16.88 ? 584 TYR A CE2 1 
ATOM   315  C CZ  . TYR A 1 43  ? -10.656 -0.290  7.080   1.00 18.26 ? 584 TYR A CZ  1 
ATOM   316  O OH  . TYR A 1 43  ? -10.290 -1.587  6.862   1.00 17.50 ? 584 TYR A OH  1 
ATOM   317  N N   . VAL A 1 44  ? -10.531 3.355   10.723  1.00 15.03 ? 585 VAL A N   1 
ATOM   318  C CA  . VAL A 1 44  ? -9.710  2.420   11.546  1.00 15.12 ? 585 VAL A CA  1 
ATOM   319  C C   . VAL A 1 44  ? -10.419 2.086   12.860  1.00 17.20 ? 585 VAL A C   1 
ATOM   320  O O   . VAL A 1 44  ? -10.188 1.036   13.369  1.00 18.18 ? 585 VAL A O   1 
ATOM   321  C CB  . VAL A 1 44  ? -8.265  2.909   11.741  1.00 15.52 ? 585 VAL A CB  1 
ATOM   322  C CG1 . VAL A 1 44  ? -7.511  2.946   10.426  1.00 14.96 ? 585 VAL A CG1 1 
ATOM   323  C CG2 . VAL A 1 44  ? -8.192  4.257   12.434  1.00 16.93 ? 585 VAL A CG2 1 
ATOM   324  N N   . HIS A 1 45  ? -11.246 3.000   13.347  1.00 16.32 ? 586 HIS A N   1 
ATOM   325  C CA  . HIS A 1 45  ? -11.923 2.791   14.641  1.00 16.50 ? 586 HIS A CA  1 
ATOM   326  C C   . HIS A 1 45  ? -13.295 2.122   14.484  1.00 21.80 ? 586 HIS A C   1 
ATOM   327  O O   . HIS A 1 45  ? -13.721 1.479   15.425  1.00 21.01 ? 586 HIS A O   1 
ATOM   328  C CB  . HIS A 1 45  ? -12.050 4.135   15.355  1.00 17.99 ? 586 HIS A CB  1 
ATOM   329  C CG  . HIS A 1 45  ? -10.778 4.643   15.933  1.00 17.67 ? 586 HIS A CG  1 
ATOM   330  N ND1 . HIS A 1 45  ? -10.264 4.159   17.114  1.00 19.79 ? 586 HIS A ND1 1 
ATOM   331  C CD2 . HIS A 1 45  ? -9.922  5.590   15.506  1.00 18.29 ? 586 HIS A CD2 1 
ATOM   332  C CE1 . HIS A 1 45  ? -9.148  4.787   17.391  1.00 18.89 ? 586 HIS A CE1 1 
ATOM   333  N NE2 . HIS A 1 45  ? -8.916  5.661   16.418  1.00 18.26 ? 586 HIS A NE2 1 
ATOM   334  N N   . GLU A 1 46  ? -13.959 2.307   13.355  1.00 17.65 ? 587 GLU A N   1 
ATOM   335  C CA  . GLU A 1 46  ? -15.354 1.828   13.199  1.00 18.05 ? 587 GLU A CA  1 
ATOM   336  C C   . GLU A 1 46  ? -15.531 0.878   12.004  1.00 22.42 ? 587 GLU A C   1 
ATOM   337  O O   . GLU A 1 46  ? -16.581 0.262   11.923  1.00 21.37 ? 587 GLU A O   1 
ATOM   338  C CB  . GLU A 1 46  ? -16.276 3.027   13.020  1.00 22.11 ? 587 GLU A CB  1 
ATOM   339  C CG  . GLU A 1 46  ? -16.106 4.072   14.108  1.00 20.39 ? 587 GLU A CG  1 
ATOM   340  C CD  . GLU A 1 46  ? -17.000 5.293   14.017  1.00 25.63 ? 587 GLU A CD  1 
ATOM   341  O OE1 . GLU A 1 46  ? -18.107 5.169   13.502  1.00 27.61 ? 587 GLU A OE1 1 
ATOM   342  O OE2 . GLU A 1 46  ? -16.582 6.357   14.472  1.00 26.08 ? 587 GLU A OE2 1 
ATOM   343  N N   . GLY A 1 47  ? -14.548 0.799   11.116  1.00 16.83 ? 588 GLY A N   1 
ATOM   344  C CA  . GLY A 1 47  ? -14.679 -0.081  9.969   1.00 20.08 ? 588 GLY A CA  1 
ATOM   345  C C   . GLY A 1 47  ? -15.501 0.525   8.848   1.00 18.00 ? 588 GLY A C   1 
ATOM   346  O O   . GLY A 1 47  ? -15.945 1.669   8.899   1.00 20.18 ? 588 GLY A O   1 
ATOM   347  N N   . GLY A 1 48  ? -15.712 -0.283  7.806   1.00 16.94 ? 589 GLY A N   1 
ATOM   348  C CA  . GLY A 1 48  ? -16.494 0.130   6.653   1.00 17.91 ? 589 GLY A CA  1 
ATOM   349  C C   . GLY A 1 48  ? -15.633 0.689   5.537   1.00 16.54 ? 589 GLY A C   1 
ATOM   350  O O   . GLY A 1 48  ? -15.499 1.911   5.419   1.00 16.91 ? 589 GLY A O   1 
ATOM   351  N N   . VAL A 1 49  ? -15.032 -0.179  4.719   1.00 17.58 ? 590 VAL A N   1 
ATOM   352  C CA  . VAL A 1 49  ? -14.005 0.321   3.805   1.00 15.56 ? 590 VAL A CA  1 
ATOM   353  C C   . VAL A 1 49  ? -14.636 1.093   2.644   1.00 17.50 ? 590 VAL A C   1 
ATOM   354  O O   . VAL A 1 49  ? -14.022 2.019   2.105   1.00 15.68 ? 590 VAL A O   1 
ATOM   355  C CB  . VAL A 1 49  ? -13.056 -0.800  3.331   1.00 15.37 ? 590 VAL A CB  1 
ATOM   356  C CG1 . VAL A 1 49  ? -13.782 -1.825  2.454   1.00 17.92 ? 590 VAL A CG1 1 
ATOM   357  C CG2 . VAL A 1 49  ? -11.789 -0.239  2.671   1.00 15.41 ? 590 VAL A CG2 1 
ATOM   358  N N   . GLU A 1 50  ? -15.861 0.772   2.231   1.00 16.54 ? 591 GLU A N   1 
ATOM   359  C CA  . GLU A 1 50  ? -16.482 1.564   1.139   1.00 14.81 ? 591 GLU A CA  1 
ATOM   360  C C   . GLU A 1 50  ? -16.676 3.026   1.567   1.00 18.39 ? 591 GLU A C   1 
ATOM   361  O O   . GLU A 1 50  ? -16.508 3.898   0.745   1.00 19.68 ? 591 GLU A O   1 
ATOM   362  C CB  . GLU A 1 50  ? -17.782 0.913   0.668   1.00 18.73 ? 591 GLU A CB  1 
ATOM   363  C CG  . GLU A 1 50  ? -17.575 -0.410  -0.028  1.00 22.51 ? 591 GLU A CG  1 
ATOM   364  C CD  . GLU A 1 50  ? -18.844 -1.054  -0.555  1.00 31.34 ? 591 GLU A CD  1 
ATOM   365  O OE1 . GLU A 1 50  ? -19.889 -0.400  -0.550  1.00 29.00 ? 591 GLU A OE1 1 
ATOM   366  O OE2 . GLU A 1 50  ? -18.771 -2.210  -0.959  1.00 31.03 ? 591 GLU A OE2 1 
ATOM   367  N N   . ASP A 1 51  ? -17.000 3.241   2.837   1.00 17.26 ? 592 ASP A N   1 
ATOM   368  C CA  . ASP A 1 51  ? -17.243 4.603   3.368   1.00 19.08 ? 592 ASP A CA  1 
ATOM   369  C C   . ASP A 1 51  ? -15.925 5.360   3.513   1.00 19.25 ? 592 ASP A C   1 
ATOM   370  O O   . ASP A 1 51  ? -15.979 6.557   3.672   1.00 18.71 ? 592 ASP A O   1 
ATOM   371  C CB  . ASP A 1 51  ? -18.001 4.541   4.690   1.00 21.39 ? 592 ASP A CB  1 
ATOM   372  C CG  . ASP A 1 51  ? -19.462 4.147   4.538   1.00 33.03 ? 592 ASP A CG  1 
ATOM   373  O OD1 . ASP A 1 51  ? -19.978 4.224   3.422   1.00 37.18 ? 592 ASP A OD1 1 
ATOM   374  O OD2 . ASP A 1 51  ? -20.056 3.745   5.538   1.00 43.69 ? 592 ASP A OD2 1 
ATOM   375  N N   . LEU A 1 52  ? -14.809 4.656   3.485   1.00 15.78 ? 593 LEU A N   1 
ATOM   376  C CA  . LEU A 1 52  ? -13.497 5.344   3.471   1.00 16.00 ? 593 LEU A CA  1 
ATOM   377  C C   . LEU A 1 52  ? -13.159 5.739   2.032   1.00 19.10 ? 593 LEU A C   1 
ATOM   378  O O   . LEU A 1 52  ? -12.885 6.889   1.789   1.00 17.38 ? 593 LEU A O   1 
ATOM   379  C CB  . LEU A 1 52  ? -12.441 4.377   4.013   1.00 19.68 ? 593 LEU A CB  1 
ATOM   380  C CG  . LEU A 1 52  ? -10.992 4.809   3.811   1.00 15.70 ? 593 LEU A CG  1 
ATOM   381  C CD1 . LEU A 1 52  ? -10.661 6.006   4.684   1.00 17.21 ? 593 LEU A CD1 1 
ATOM   382  C CD2 . LEU A 1 52  ? -10.034 3.665   4.080   1.00 18.47 ? 593 LEU A CD2 1 
ATOM   383  N N   . VAL A 1 53  ? -13.299 4.788   1.113   1.00 16.68 ? 594 VAL A N   1 
ATOM   384  C CA  . VAL A 1 53  ? -12.811 5.026   -0.270  1.00 14.34 ? 594 VAL A CA  1 
ATOM   385  C C   . VAL A 1 53  ? -13.673 6.035   -1.034  1.00 15.28 ? 594 VAL A C   1 
ATOM   386  O O   . VAL A 1 53  ? -13.115 6.885   -1.695  1.00 16.81 ? 594 VAL A O   1 
ATOM   387  C CB  . VAL A 1 53  ? -12.662 3.679   -1.005  1.00 15.23 ? 594 VAL A CB  1 
ATOM   388  C CG1 . VAL A 1 53  ? -12.173 3.857   -2.428  1.00 17.84 ? 594 VAL A CG1 1 
ATOM   389  C CG2 . VAL A 1 53  ? -11.735 2.742   -0.257  1.00 17.89 ? 594 VAL A CG2 1 
ATOM   390  N N   . ARG A 1 54  ? -14.979 5.878   -0.956  1.00 16.86 ? 595 ARG A N   1 
ATOM   391  C CA  . ARG A 1 54  ? -15.867 6.742   -1.762  1.00 18.32 ? 595 ARG A CA  1 
ATOM   392  C C   . ARG A 1 54  ? -15.553 8.234   -1.562  1.00 19.92 ? 595 ARG A C   1 
ATOM   393  O O   . ARG A 1 54  ? -15.294 8.903   -2.546  1.00 20.06 ? 595 ARG A O   1 
ATOM   394  C CB  . ARG A 1 54  ? -17.345 6.411   -1.551  1.00 28.03 ? 595 ARG A CB  1 
ATOM   395  C CG  . ARG A 1 54  ? -17.837 5.095   -2.129  1.00 56.46 ? 595 ARG A CG  1 
ATOM   396  C CD  . ARG A 1 54  ? -19.308 4.893   -1.803  1.00 52.62 ? 595 ARG A CD  1 
ATOM   397  N NE  . ARG A 1 54  ? -19.602 5.017   -0.382  1.00 52.44 ? 595 ARG A NE  1 
ATOM   398  C CZ  . ARG A 1 54  ? -20.200 6.068   0.167   1.00 53.24 ? 595 ARG A CZ  1 
ATOM   399  N NH1 . ARG A 1 54  ? -20.414 6.113   1.468   1.00 48.01 ? 595 ARG A NH1 1 
ATOM   400  N NH2 . ARG A 1 54  ? -20.559 7.085   -0.591  1.00 56.96 ? 595 ARG A NH2 1 
ATOM   401  N N   . PRO A 1 55  ? -15.560 8.800   -0.340  1.00 21.62 ? 596 PRO A N   1 
ATOM   402  C CA  . PRO A 1 55  ? -15.196 10.197  -0.188  1.00 21.56 ? 596 PRO A CA  1 
ATOM   403  C C   . PRO A 1 55  ? -13.745 10.551  -0.558  1.00 18.81 ? 596 PRO A C   1 
ATOM   404  O O   . PRO A 1 55  ? -13.514 11.610  -1.016  1.00 17.31 ? 596 PRO A O   1 
ATOM   405  C CB  . PRO A 1 55  ? -15.510 10.499  1.284   1.00 21.42 ? 596 PRO A CB  1 
ATOM   406  C CG  . PRO A 1 55  ? -15.459 9.172   1.966   1.00 21.43 ? 596 PRO A CG  1 
ATOM   407  C CD  . PRO A 1 55  ? -15.993 8.213   0.930   1.00 18.77 ? 596 PRO A CD  1 
ATOM   408  N N   . LEU A 1 56  ? -12.823 9.617   -0.355  1.00 17.35 ? 597 LEU A N   1 
ATOM   409  C CA  . LEU A 1 56  ? -11.421 9.882   -0.757  1.00 18.03 ? 597 LEU A CA  1 
ATOM   410  C C   . LEU A 1 56  ? -11.325 10.034  -2.283  1.00 17.81 ? 597 LEU A C   1 
ATOM   411  O O   . LEU A 1 56  ? -10.624 10.881  -2.734  1.00 17.91 ? 597 LEU A O   1 
ATOM   412  C CB  . LEU A 1 56  ? -10.505 8.772   -0.245  1.00 18.20 ? 597 LEU A CB  1 
ATOM   413  C CG  . LEU A 1 56  ? -10.228 8.771   1.255   1.00 17.22 ? 597 LEU A CG  1 
ATOM   414  C CD1 . LEU A 1 56  ? -9.264  7.652   1.609   1.00 18.56 ? 597 LEU A CD1 1 
ATOM   415  C CD2 . LEU A 1 56  ? -9.692  10.111  1.723   1.00 19.74 ? 597 LEU A CD2 1 
ATOM   416  N N   . LEU A 1 57  ? -12.059 9.214   -3.020  1.00 16.49 ? 598 LEU A N   1 
ATOM   417  C CA  . LEU A 1 57  ? -11.958 9.290   -4.494  1.00 16.69 ? 598 LEU A CA  1 
ATOM   418  C C   . LEU A 1 57  ? -12.534 10.616  -5.009  1.00 18.85 ? 598 LEU A C   1 
ATOM   419  O O   . LEU A 1 57  ? -12.094 11.083  -6.036  1.00 19.13 ? 598 LEU A O   1 
ATOM   420  C CB  . LEU A 1 57  ? -12.675 8.093   -5.117  1.00 17.37 ? 598 LEU A CB  1 
ATOM   421  C CG  . LEU A 1 57  ? -12.022 6.733   -4.896  1.00 18.23 ? 598 LEU A CG  1 
ATOM   422  C CD1 . LEU A 1 57  ? -12.793 5.657   -5.637  1.00 23.83 ? 598 LEU A CD1 1 
ATOM   423  C CD2 . LEU A 1 57  ? -10.568 6.749   -5.325  1.00 22.15 ? 598 LEU A CD2 1 
ATOM   424  N N   . ALA A 1 58  ? -13.439 11.210  -4.243  1.00 18.81 ? 599 ALA A N   1 
ATOM   425  C CA  . ALA A 1 58  ? -13.978 12.529  -4.628  1.00 17.47 ? 599 ALA A CA  1 
ATOM   426  C C   . ALA A 1 58  ? -12.987 13.644  -4.279  1.00 19.72 ? 599 ALA A C   1 
ATOM   427  O O   . ALA A 1 58  ? -12.922 14.612  -5.013  1.00 22.10 ? 599 ALA A O   1 
ATOM   428  C CB  . ALA A 1 58  ? -15.263 12.750  -3.907  1.00 20.95 ? 599 ALA A CB  1 
ATOM   429  N N   . ILE A 1 59  ? -12.230 13.465  -3.208  1.00 17.82 ? 600 ILE A N   1 
ATOM   430  C CA  . ILE A 1 59  ? -11.238 14.478  -2.849  1.00 14.51 ? 600 ILE A CA  1 
ATOM   431  C C   . ILE A 1 59  ? -9.985  14.343  -3.697  1.00 16.10 ? 600 ILE A C   1 
ATOM   432  O O   . ILE A 1 59  ? -9.388  15.344  -4.121  1.00 18.06 ? 600 ILE A O   1 
ATOM   433  C CB  . ILE A 1 59  ? -10.902 14.363  -1.353  1.00 13.05 ? 600 ILE A CB  1 
ATOM   434  C CG1 . ILE A 1 59  ? -12.116 14.678  -0.487  1.00 21.13 ? 600 ILE A CG1 1 
ATOM   435  C CG2 . ILE A 1 59  ? -9.676  15.227  -0.988  1.00 15.68 ? 600 ILE A CG2 1 
ATOM   436  C CD1 . ILE A 1 59  ? -11.962 14.224  0.961   1.00 20.68 ? 600 ILE A CD1 1 
ATOM   437  N N   . LEU A 1 60  ? -9.534  13.110  -3.916  1.00 13.38 ? 601 LEU A N   1 
ATOM   438  C CA  . LEU A 1 60  ? -8.268  12.867  -4.601  1.00 14.70 ? 601 LEU A CA  1 
ATOM   439  C C   . LEU A 1 60  ? -8.583  12.822  -6.093  1.00 16.17 ? 601 LEU A C   1 
ATOM   440  O O   . LEU A 1 60  ? -8.770  11.765  -6.701  1.00 19.47 ? 601 LEU A O   1 
ATOM   441  C CB  . LEU A 1 60  ? -7.641  11.576  -4.094  1.00 15.61 ? 601 LEU A CB  1 
ATOM   442  C CG  . LEU A 1 60  ? -7.507  11.528  -2.574  1.00 14.50 ? 601 LEU A CG  1 
ATOM   443  C CD1 . LEU A 1 60  ? -6.899  10.178  -2.129  1.00 17.85 ? 601 LEU A CD1 1 
ATOM   444  C CD2 . LEU A 1 60  ? -6.651  12.702  -2.051  1.00 16.29 ? 601 LEU A CD2 1 
ATOM   445  N N   . ASP A 1 61  ? -8.657  14.015  -6.677  1.00 16.51 ? 602 ASP A N   1 
ATOM   446  C CA  . ASP A 1 61  ? -9.210  14.207  -8.008  1.00 22.00 ? 602 ASP A CA  1 
ATOM   447  C C   . ASP A 1 61  ? -8.155  14.474  -9.074  1.00 21.07 ? 602 ASP A C   1 
ATOM   448  O O   . ASP A 1 61  ? -8.494  14.943  -10.167 1.00 22.93 ? 602 ASP A O   1 
ATOM   449  C CB  . ASP A 1 61  ? -10.277 15.303  -7.979  1.00 17.77 ? 602 ASP A CB  1 
ATOM   450  C CG  . ASP A 1 61  ? -9.712  16.665  -7.631  1.00 23.54 ? 602 ASP A CG  1 
ATOM   451  O OD1 . ASP A 1 61  ? -8.484  16.772  -7.455  1.00 22.37 ? 602 ASP A OD1 1 
ATOM   452  O OD2 . ASP A 1 61  ? -10.500 17.629  -7.523  1.00 27.00 ? 602 ASP A OD2 1 
ATOM   453  N N   . ARG A 1 62  ? -6.889  14.203  -8.783  1.00 19.71 ? 603 ARG A N   1 
ATOM   454  C CA  . ARG A 1 62  ? -5.795  14.337  -9.728  1.00 18.18 ? 603 ARG A CA  1 
ATOM   455  C C   . ARG A 1 62  ? -4.825  13.194  -9.477  1.00 18.85 ? 603 ARG A C   1 
ATOM   456  O O   . ARG A 1 62  ? -4.741  12.686  -8.351  1.00 19.62 ? 603 ARG A O   1 
ATOM   457  C CB  . ARG A 1 62  ? -5.049  15.672  -9.534  1.00 23.66 ? 603 ARG A CB  1 
ATOM   458  C CG  . ARG A 1 62  ? -5.885  16.924  -9.760  1.00 29.06 ? 603 ARG A CG  1 
ATOM   459  C CD  . ARG A 1 62  ? -6.062  17.245  -11.243 1.00 39.07 ? 603 ARG A CD  1 
ATOM   460  N NE  . ARG A 1 62  ? -6.829  18.475  -11.461 1.00 49.78 ? 603 ARG A NE  1 
ATOM   461  C CZ  . ARG A 1 62  ? -8.153  18.534  -11.577 1.00 49.36 ? 603 ARG A CZ  1 
ATOM   462  N NH1 . ARG A 1 62  ? -8.884  17.433  -11.492 1.00 55.37 ? 603 ARG A NH1 1 
ATOM   463  N NH2 . ARG A 1 62  ? -8.750  19.701  -11.778 1.00 44.37 ? 603 ARG A NH2 1 
ATOM   464  N N   . PRO A 1 63  ? -4.088  12.764  -10.503 1.00 18.13 ? 604 PRO A N   1 
ATOM   465  C CA  . PRO A 1 63  ? -3.127  11.671  -10.311 1.00 20.32 ? 604 PRO A CA  1 
ATOM   466  C C   . PRO A 1 63  ? -2.205  11.841  -9.122  1.00 21.52 ? 604 PRO A C   1 
ATOM   467  O O   . PRO A 1 63  ? -2.032  10.890  -8.354  1.00 21.90 ? 604 PRO A O   1 
ATOM   468  C CB  . PRO A 1 63  ? -2.362  11.651  -11.640 1.00 22.99 ? 604 PRO A CB  1 
ATOM   469  C CG  . PRO A 1 63  ? -3.384  12.102  -12.634 1.00 22.43 ? 604 PRO A CG  1 
ATOM   470  C CD  . PRO A 1 63  ? -4.164  13.183  -11.914 1.00 21.00 ? 604 PRO A CD  1 
ATOM   471  N N   . THR A 1 64  ? -1.610  13.022  -8.933  1.00 20.56 ? 605 THR A N   1 
ATOM   472  C CA  . THR A 1 64  ? -0.682  13.190  -7.819  1.00 20.57 ? 605 THR A CA  1 
ATOM   473  C C   . THR A 1 64  ? -1.381  13.037  -6.477  1.00 15.92 ? 605 THR A C   1 
ATOM   474  O O   . THR A 1 64  ? -0.782  12.518  -5.521  1.00 18.97 ? 605 THR A O   1 
ATOM   475  C CB  . THR A 1 64  ? 0.029   14.540  -7.916  1.00 23.38 ? 605 THR A CB  1 
ATOM   476  O OG1 . THR A 1 64  ? 0.735   14.616  -9.162  1.00 28.18 ? 605 THR A OG1 1 
ATOM   477  C CG2 . THR A 1 64  ? 1.025   14.682  -6.788  1.00 27.13 ? 605 THR A CG2 1 
ATOM   478  N N   . LYS A 1 65  ? -2.645  13.474  -6.381  1.00 17.95 ? 606 LYS A N   1 
ATOM   479  C CA  . LYS A 1 65  ? -3.368  13.350  -5.118  1.00 14.04 ? 606 LYS A CA  1 
ATOM   480  C C   . LYS A 1 65  ? -3.608  11.892  -4.764  1.00 14.94 ? 606 LYS A C   1 
ATOM   481  O O   . LYS A 1 65  ? -3.734  11.552  -3.581  1.00 15.44 ? 606 LYS A O   1 
ATOM   482  C CB  . LYS A 1 65  ? -4.696  14.099  -5.183  1.00 15.77 ? 606 LYS A CB  1 
ATOM   483  C CG  . LYS A 1 65  ? -4.531  15.602  -5.337  1.00 16.21 ? 606 LYS A CG  1 
ATOM   484  C CD  . LYS A 1 65  ? -5.861  16.303  -5.537  1.00 17.95 ? 606 LYS A CD  1 
ATOM   485  C CE  . LYS A 1 65  ? -5.676  17.826  -5.637  1.00 19.20 ? 606 LYS A CE  1 
ATOM   486  N NZ  . LYS A 1 65  ? -6.980  18.541  -5.840  1.00 18.61 ? 606 LYS A NZ  1 
ATOM   487  N N   . LEU A 1 66  ? -3.654  11.023  -5.753  1.00 16.66 ? 607 LEU A N   1 
ATOM   488  C CA  . LEU A 1 66  ? -3.865  9.575   -5.479  1.00 14.19 ? 607 LEU A CA  1 
ATOM   489  C C   . LEU A 1 66  ? -2.666  8.943   -4.765  1.00 15.04 ? 607 LEU A C   1 
ATOM   490  O O   . LEU A 1 66  ? -2.800  7.846   -4.268  1.00 16.91 ? 607 LEU A O   1 
ATOM   491  C CB  . LEU A 1 66  ? -4.217  8.826   -6.763  1.00 15.98 ? 607 LEU A CB  1 
ATOM   492  C CG  . LEU A 1 66  ? -5.571  9.161   -7.376  1.00 18.27 ? 607 LEU A CG  1 
ATOM   493  C CD1 . LEU A 1 66  ? -5.698  8.495   -8.728  1.00 26.18 ? 607 LEU A CD1 1 
ATOM   494  C CD2 . LEU A 1 66  ? -6.695  8.702   -6.475  1.00 17.58 ? 607 LEU A CD2 1 
ATOM   495  N N   . LEU A 1 67  ? -1.546  9.641   -4.723  1.00 16.25 ? 608 LEU A N   1 
ATOM   496  C CA  . LEU A 1 67  ? -0.387  9.136   -3.956  1.00 17.02 ? 608 LEU A CA  1 
ATOM   497  C C   . LEU A 1 67  ? -0.784  8.902   -2.496  1.00 14.47 ? 608 LEU A C   1 
ATOM   498  O O   . LEU A 1 67  ? -0.176  8.070   -1.868  1.00 16.33 ? 608 LEU A O   1 
ATOM   499  C CB  . LEU A 1 67  ? 0.788   10.118  -4.067  1.00 18.91 ? 608 LEU A CB  1 
ATOM   500  C CG  . LEU A 1 67  ? 1.443   10.236  -5.438  1.00 20.31 ? 608 LEU A CG  1 
ATOM   501  C CD1 . LEU A 1 67  ? 2.500   11.328  -5.438  1.00 24.41 ? 608 LEU A CD1 1 
ATOM   502  C CD2 . LEU A 1 67  ? 2.035   8.910   -5.863  1.00 30.22 ? 608 LEU A CD2 1 
ATOM   503  N N   . LEU A 1 68  ? -1.775  9.644   -2.007  1.00 14.60 ? 609 LEU A N   1 
ATOM   504  C CA  . LEU A 1 68  ? -2.181  9.494   -0.589  1.00 14.31 ? 609 LEU A CA  1 
ATOM   505  C C   . LEU A 1 68  ? -2.744  8.088   -0.323  1.00 15.27 ? 609 LEU A C   1 
ATOM   506  O O   . LEU A 1 68  ? -2.630  7.642   0.784   1.00 18.00 ? 609 LEU A O   1 
ATOM   507  C CB  . LEU A 1 68  ? -3.182  10.586  -0.202  1.00 16.62 ? 609 LEU A CB  1 
ATOM   508  C CG  . LEU A 1 68  ? -2.569  11.915  0.203   1.00 22.92 ? 609 LEU A CG  1 
ATOM   509  C CD1 . LEU A 1 68  ? -3.618  13.007  0.135   1.00 21.01 ? 609 LEU A CD1 1 
ATOM   510  C CD2 . LEU A 1 68  ? -2.005  11.808  1.605   1.00 18.60 ? 609 LEU A CD2 1 
ATOM   511  N N   . LEU A 1 69  ? -3.303  7.438   -1.341  1.00 14.73 ? 610 LEU A N   1 
ATOM   512  C CA  . LEU A 1 69  ? -3.911  6.094   -1.155  1.00 12.22 ? 610 LEU A CA  1 
ATOM   513  C C   . LEU A 1 69  ? -2.863  5.010   -0.867  1.00 15.49 ? 610 LEU A C   1 
ATOM   514  O O   . LEU A 1 69  ? -3.231  3.979   -0.371  1.00 15.48 ? 610 LEU A O   1 
ATOM   515  C CB  . LEU A 1 69  ? -4.753  5.739   -2.383  1.00 16.07 ? 610 LEU A CB  1 
ATOM   516  C CG  . LEU A 1 69  ? -6.022  6.564   -2.553  1.00 15.88 ? 610 LEU A CG  1 
ATOM   517  C CD1 . LEU A 1 69  ? -6.747  6.180   -3.822  1.00 21.13 ? 610 LEU A CD1 1 
ATOM   518  C CD2 . LEU A 1 69  ? -6.935  6.393   -1.356  1.00 19.76 ? 610 LEU A CD2 1 
ATOM   519  N N   . ARG A 1 70  ? -1.603  5.284   -1.188  1.00 17.60 ? 611 ARG A N   1 
ATOM   520  C CA  . ARG A 1 70  ? -0.526  4.307   -0.920  1.00 16.55 ? 611 ARG A CA  1 
ATOM   521  C C   . ARG A 1 70  ? -0.427  4.013   0.575   1.00 16.22 ? 611 ARG A C   1 
ATOM   522  O O   . ARG A 1 70  ? -0.552  2.885   0.956   1.00 16.37 ? 611 ARG A O   1 
ATOM   523  C CB  . ARG A 1 70  ? 0.811   4.775   -1.505  1.00 17.37 ? 611 ARG A CB  1 
ATOM   524  C CG  . ARG A 1 70  ? 0.780   5.019   -3.001  1.00 19.19 ? 611 ARG A CG  1 
ATOM   525  C CD  . ARG A 1 70  ? 2.141   5.440   -3.493  1.00 18.12 ? 611 ARG A CD  1 
ATOM   526  N NE  . ARG A 1 70  ? 3.153   4.396   -3.518  1.00 15.30 ? 611 ARG A NE  1 
ATOM   527  C CZ  . ARG A 1 70  ? 3.299   3.500   -4.484  1.00 19.73 ? 611 ARG A CZ  1 
ATOM   528  N NH1 . ARG A 1 70  ? 2.472   3.486   -5.511  1.00 20.28 ? 611 ARG A NH1 1 
ATOM   529  N NH2 . ARG A 1 70  ? 4.275   2.616   -4.415  1.00 18.04 ? 611 ARG A NH2 1 
ATOM   530  N N   . ASP A 1 71  ? -0.169  5.051   1.357   1.00 16.12 ? 612 ASP A N   1 
ATOM   531  C CA  . ASP A 1 71  ? -0.041  4.865   2.822   1.00 15.66 ? 612 ASP A CA  1 
ATOM   532  C C   . ASP A 1 71  ? -1.392  4.543   3.470   1.00 13.40 ? 612 ASP A C   1 
ATOM   533  O O   . ASP A 1 71  ? -1.425  3.808   4.430   1.00 16.03 ? 612 ASP A O   1 
ATOM   534  C CB  . ASP A 1 71  ? 0.610   6.075   3.475   1.00 14.86 ? 612 ASP A CB  1 
ATOM   535  C CG  . ASP A 1 71  ? 2.095   6.179   3.200   1.00 23.40 ? 612 ASP A CG  1 
ATOM   536  O OD1 . ASP A 1 71  ? 2.646   5.229   2.664   1.00 19.64 ? 612 ASP A OD1 1 
ATOM   537  O OD2 . ASP A 1 71  ? 2.675   7.218   3.532   1.00 27.75 ? 612 ASP A OD2 1 
ATOM   538  N N   . ILE A 1 72  ? -2.473  5.062   2.907   1.00 15.12 ? 613 ILE A N   1 
ATOM   539  C CA  . ILE A 1 72  ? -3.817  4.731   3.456   1.00 12.67 ? 613 ILE A CA  1 
ATOM   540  C C   . ILE A 1 72  ? -4.102  3.214   3.323   1.00 13.57 ? 613 ILE A C   1 
ATOM   541  O O   . ILE A 1 72  ? -4.684  2.644   4.203   1.00 14.22 ? 613 ILE A O   1 
ATOM   542  C CB  . ILE A 1 72  ? -4.896  5.653   2.853   1.00 14.52 ? 613 ILE A CB  1 
ATOM   543  C CG1 . ILE A 1 72  ? -4.716  7.085   3.363   1.00 12.82 ? 613 ILE A CG1 1 
ATOM   544  C CG2 . ILE A 1 72  ? -6.302  5.146   3.132   1.00 15.48 ? 613 ILE A CG2 1 
ATOM   545  C CD1 . ILE A 1 72  ? -5.584  8.101   2.663   1.00 15.01 ? 613 ILE A CD1 1 
ATOM   546  N N   . ARG A 1 73  ? -3.612  2.596   2.255   1.00 13.69 ? 614 ARG A N   1 
ATOM   547  C CA  . ARG A 1 73  ? -3.906  1.150   2.067   1.00 15.30 ? 614 ARG A CA  1 
ATOM   548  C C   . ARG A 1 73  ? -3.282  0.352   3.226   1.00 15.51 ? 614 ARG A C   1 
ATOM   549  O O   . ARG A 1 73  ? -3.785  -0.680  3.566   1.00 13.07 ? 614 ARG A O   1 
ATOM   550  C CB  . ARG A 1 73  ? -3.413  0.663   0.699   1.00 13.76 ? 614 ARG A CB  1 
ATOM   551  C CG  . ARG A 1 73  ? -3.947  -0.704  0.301   1.00 12.85 ? 614 ARG A CG  1 
ATOM   552  C CD  . ARG A 1 73  ? -3.430  -1.158  -1.050  1.00 12.86 ? 614 ARG A CD  1 
ATOM   553  N NE  . ARG A 1 73  ? -3.905  -2.483  -1.407  1.00 13.15 ? 614 ARG A NE  1 
ATOM   554  C CZ  . ARG A 1 73  ? -3.429  -3.619  -0.916  1.00 14.11 ? 614 ARG A CZ  1 
ATOM   555  N NH1 . ARG A 1 73  ? -2.455  -3.606  -0.027  1.00 15.73 ? 614 ARG A NH1 1 
ATOM   556  N NH2 . ARG A 1 73  ? -3.945  -4.769  -1.301  1.00 15.58 ? 614 ARG A NH2 1 
ATOM   557  N N   . SER A 1 74  ? -2.193  0.871   3.768   1.00 12.86 ? 615 SER A N   1 
ATOM   558  C CA  . SER A 1 74  ? -1.502  0.172   4.876   1.00 12.42 ? 615 SER A CA  1 
ATOM   559  C C   . SER A 1 74  ? -2.352  0.125   6.156   1.00 14.31 ? 615 SER A C   1 
ATOM   560  O O   . SER A 1 74  ? -2.074  -0.699  6.995   1.00 16.70 ? 615 SER A O   1 
ATOM   561  C CB  . SER A 1 74  ? -0.157  0.780   5.155   1.00 13.36 ? 615 SER A CB  1 
ATOM   562  O OG  . SER A 1 74  ? 0.725   0.672   4.068   1.00 16.69 ? 615 SER A OG  1 
ATOM   563  N N   . VAL A 1 75  ? -3.367  0.982   6.253   1.00 13.08 ? 616 VAL A N   1 
ATOM   564  C CA  . VAL A 1 75  ? -4.231  1.015   7.469   1.00 13.01 ? 616 VAL A CA  1 
ATOM   565  C C   . VAL A 1 75  ? -5.514  0.220   7.248   1.00 18.47 ? 616 VAL A C   1 
ATOM   566  O O   . VAL A 1 75  ? -6.301  0.151   8.142   1.00 16.34 ? 616 VAL A O   1 
ATOM   567  C CB  . VAL A 1 75  ? -4.491  2.453   7.948   1.00 14.03 ? 616 VAL A CB  1 
ATOM   568  C CG1 . VAL A 1 75  ? -3.215  3.270   7.881   1.00 17.82 ? 616 VAL A CG1 1 
ATOM   569  C CG2 . VAL A 1 75  ? -5.607  3.149   7.183   1.00 16.98 ? 616 VAL A CG2 1 
ATOM   570  N N   . VAL A 1 76  ? -5.657  -0.366  6.064   1.00 14.67 ? 617 VAL A N   1 
ATOM   571  C CA  . VAL A 1 76  ? -6.868  -1.161  5.711   1.00 14.95 ? 617 VAL A CA  1 
ATOM   572  C C   . VAL A 1 76  ? -6.756  -2.577  6.276   1.00 16.56 ? 617 VAL A C   1 
ATOM   573  O O   . VAL A 1 76  ? -5.731  -3.199  6.120   1.00 15.84 ? 617 VAL A O   1 
ATOM   574  C CB  . VAL A 1 76  ? -7.091  -1.137  4.188   1.00 13.95 ? 617 VAL A CB  1 
ATOM   575  C CG1 . VAL A 1 76  ? -8.250  -2.015  3.751   1.00 12.75 ? 617 VAL A CG1 1 
ATOM   576  C CG2 . VAL A 1 76  ? -7.313  0.281   3.697   1.00 14.31 ? 617 VAL A CG2 1 
ATOM   577  N N   . ALA A 1 77  ? -7.826  -3.016  6.927   1.00 14.14 ? 618 ALA A N   1 
ATOM   578  C CA  . ALA A 1 77  ? -7.780  -4.333  7.531   1.00 15.60 ? 618 ALA A CA  1 
ATOM   579  C C   . ALA A 1 77  ? -7.661  -5.394  6.441   1.00 16.48 ? 618 ALA A C   1 
ATOM   580  O O   . ALA A 1 77  ? -8.194  -5.221  5.344   1.00 15.52 ? 618 ALA A O   1 
ATOM   581  C CB  . ALA A 1 77  ? -9.053  -4.586  8.330   1.00 14.22 ? 618 ALA A CB  1 
ATOM   582  N N   . PRO A 1 78  ? -6.964  -6.498  6.724   1.00 16.77 ? 619 PRO A N   1 
ATOM   583  C CA  . PRO A 1 78  ? -6.774  -7.546  5.709   1.00 15.70 ? 619 PRO A CA  1 
ATOM   584  C C   . PRO A 1 78  ? -8.063  -7.990  5.029   1.00 17.36 ? 619 PRO A C   1 
ATOM   585  O O   . PRO A 1 78  ? -8.075  -8.162  3.803   1.00 16.47 ? 619 PRO A O   1 
ATOM   586  C CB  . PRO A 1 78  ? -6.123  -8.678  6.524   1.00 17.88 ? 619 PRO A CB  1 
ATOM   587  C CG  . PRO A 1 78  ? -5.274  -7.926  7.540   1.00 18.91 ? 619 PRO A CG  1 
ATOM   588  C CD  . PRO A 1 78  ? -6.132  -6.727  7.919   1.00 19.65 ? 619 PRO A CD  1 
ATOM   589  N N   . THR A 1 79  ? -9.160  -8.143  5.778   1.00 15.28 ? 620 THR A N   1 
ATOM   590  C CA  . THR A 1 79  ? -10.395 -8.605  5.150   1.00 15.45 ? 620 THR A CA  1 
ATOM   591  C C   . THR A 1 79  ? -11.042 -7.563  4.254   1.00 16.27 ? 620 THR A C   1 
ATOM   592  O O   . THR A 1 79  ? -11.984 -7.905  3.526   1.00 19.45 ? 620 THR A O   1 
ATOM   593  C CB  . THR A 1 79  ? -11.416 -9.055  6.200   1.00 23.75 ? 620 THR A CB  1 
ATOM   594  O OG1 . THR A 1 79  ? -11.565 -8.033  7.193   1.00 22.96 ? 620 THR A OG1 1 
ATOM   595  C CG2 . THR A 1 79  ? -10.982 -10.361 6.857   1.00 23.22 ? 620 THR A CG2 1 
ATOM   596  N N   . ASP A 1 80  ? -10.583 -6.307  4.305   1.00 15.97 ? 621 ASP A N   1 
ATOM   597  C CA  . ASP A 1 80  ? -11.115 -5.214  3.496   1.00 15.93 ? 621 ASP A CA  1 
ATOM   598  C C   . ASP A 1 80  ? -10.275 -4.914  2.259   1.00 13.98 ? 621 ASP A C   1 
ATOM   599  O O   . ASP A 1 80  ? -10.670 -4.062  1.457   1.00 14.56 ? 621 ASP A O   1 
ATOM   600  C CB  . ASP A 1 80  ? -11.202 -3.922  4.331   1.00 13.47 ? 621 ASP A CB  1 
ATOM   601  C CG  . ASP A 1 80  ? -12.362 -3.927  5.306   1.00 18.24 ? 621 ASP A CG  1 
ATOM   602  O OD1 . ASP A 1 80  ? -13.330 -4.663  5.057   1.00 19.52 ? 621 ASP A OD1 1 
ATOM   603  O OD2 . ASP A 1 80  ? -12.322 -3.192  6.317   1.00 17.19 ? 621 ASP A OD2 1 
ATOM   604  N N   . LEU A 1 81  ? -9.140  -5.578  2.086   1.00 12.79 ? 622 LEU A N   1 
ATOM   605  C CA  . LEU A 1 81  ? -8.214  -5.170  1.031   1.00 16.47 ? 622 LEU A CA  1 
ATOM   606  C C   . LEU A 1 81  ? -8.780  -5.469  -0.349  1.00 13.58 ? 622 LEU A C   1 
ATOM   607  O O   . LEU A 1 81  ? -8.606  -4.680  -1.285  1.00 15.21 ? 622 LEU A O   1 
ATOM   608  C CB  . LEU A 1 81  ? -6.870  -5.865  1.210   1.00 15.82 ? 622 LEU A CB  1 
ATOM   609  C CG  . LEU A 1 81  ? -6.055  -5.369  2.405   1.00 13.59 ? 622 LEU A CG  1 
ATOM   610  C CD1 . LEU A 1 81  ? -4.935  -6.345  2.737   1.00 16.84 ? 622 LEU A CD1 1 
ATOM   611  C CD2 . LEU A 1 81  ? -5.515  -3.979  2.105   1.00 13.85 ? 622 LEU A CD2 1 
ATOM   612  N N   . GLY A 1 82  ? -9.449  -6.609  -0.504  1.00 14.11 ? 623 GLY A N   1 
ATOM   613  C CA  . GLY A 1 82  ? -10.015 -6.931  -1.804  1.00 15.49 ? 623 GLY A CA  1 
ATOM   614  C C   . GLY A 1 82  ? -11.029 -5.904  -2.260  1.00 15.11 ? 623 GLY A C   1 
ATOM   615  O O   . GLY A 1 82  ? -11.038 -5.502  -3.428  1.00 15.15 ? 623 GLY A O   1 
ATOM   616  N N   . ARG A 1 83  ? -11.866 -5.446  -1.358  1.00 14.01 ? 624 ARG A N   1 
ATOM   617  C CA  . ARG A 1 83  ? -12.837 -4.391  -1.730  1.00 15.66 ? 624 ARG A CA  1 
ATOM   618  C C   . ARG A 1 83  ? -12.095 -3.082  -2.050  1.00 14.77 ? 624 ARG A C   1 
ATOM   619  O O   . ARG A 1 83  ? -12.427 -2.421  -3.007  1.00 16.53 ? 624 ARG A O   1 
ATOM   620  C CB  . ARG A 1 83  ? -13.859 -4.213  -0.607  1.00 14.82 ? 624 ARG A CB  1 
ATOM   621  C CG  . ARG A 1 83  ? -14.788 -3.018  -0.774  1.00 16.57 ? 624 ARG A CG  1 
ATOM   622  C CD  . ARG A 1 83  ? -15.608 -3.013  -2.050  1.00 19.18 ? 624 ARG A CD  1 
ATOM   623  N NE  . ARG A 1 83  ? -16.663 -4.004  -1.997  1.00 20.55 ? 624 ARG A NE  1 
ATOM   624  C CZ  . ARG A 1 83  ? -16.825 -4.980  -2.874  1.00 20.88 ? 624 ARG A CZ  1 
ATOM   625  N NH1 . ARG A 1 83  ? -15.994 -5.100  -3.893  1.00 19.52 ? 624 ARG A NH1 1 
ATOM   626  N NH2 . ARG A 1 83  ? -17.819 -5.831  -2.729  1.00 18.55 ? 624 ARG A NH2 1 
ATOM   627  N N   . PHE A 1 84  ? -11.136 -2.729  -1.214  1.00 15.60 ? 625 PHE A N   1 
ATOM   628  C CA  . PHE A 1 84  ? -10.376 -1.480  -1.437  1.00 16.10 ? 625 PHE A CA  1 
ATOM   629  C C   . PHE A 1 84  ? -9.817  -1.516  -2.860  1.00 15.38 ? 625 PHE A C   1 
ATOM   630  O O   . PHE A 1 84  ? -10.002 -0.589  -3.599  1.00 15.07 ? 625 PHE A O   1 
ATOM   631  C CB  . PHE A 1 84  ? -9.252  -1.397  -0.395  1.00 14.28 ? 625 PHE A CB  1 
ATOM   632  C CG  . PHE A 1 84  ? -8.406  -0.146  -0.460  1.00 14.08 ? 625 PHE A CG  1 
ATOM   633  C CD1 . PHE A 1 84  ? -8.717  0.961   0.304   1.00 16.32 ? 625 PHE A CD1 1 
ATOM   634  C CD2 . PHE A 1 84  ? -7.288  -0.078  -1.273  1.00 14.56 ? 625 PHE A CD2 1 
ATOM   635  C CE1 . PHE A 1 84  ? -7.947  2.110   0.248   1.00 14.27 ? 625 PHE A CE1 1 
ATOM   636  C CE2 . PHE A 1 84  ? -6.522  1.074   -1.335  1.00 14.31 ? 625 PHE A CE2 1 
ATOM   637  C CZ  . PHE A 1 84  ? -6.845  2.161   -0.566  1.00 15.02 ? 625 PHE A CZ  1 
ATOM   638  N N   . ASP A 1 85  ? -9.164  -2.614  -3.195  1.00 13.69 ? 626 ASP A N   1 
ATOM   639  C CA  . ASP A 1 85  ? -8.518  -2.700  -4.521  1.00 16.06 ? 626 ASP A CA  1 
ATOM   640  C C   . ASP A 1 85  ? -9.547  -2.725  -5.664  1.00 14.69 ? 626 ASP A C   1 
ATOM   641  O O   . ASP A 1 85  ? -9.274  -2.173  -6.696  1.00 15.96 ? 626 ASP A O   1 
ATOM   642  C CB  . ASP A 1 85  ? -7.576  -3.896  -4.543  1.00 13.06 ? 626 ASP A CB  1 
ATOM   643  C CG  . ASP A 1 85  ? -6.268  -3.634  -3.825  1.00 18.80 ? 626 ASP A CG  1 
ATOM   644  O OD1 . ASP A 1 85  ? -6.042  -2.492  -3.415  1.00 16.14 ? 626 ASP A OD1 1 
ATOM   645  O OD2 . ASP A 1 85  ? -5.495  -4.578  -3.692  1.00 18.71 ? 626 ASP A OD2 1 
ATOM   646  N N   . SER A 1 86  ? -10.688 -3.375  -5.447  1.00 15.01 ? 627 SER A N   1 
ATOM   647  C CA  . SER A 1 86  ? -11.763 -3.392  -6.473  1.00 16.43 ? 627 SER A CA  1 
ATOM   648  C C   . SER A 1 86  ? -12.190 -1.968  -6.819  1.00 15.92 ? 627 SER A C   1 
ATOM   649  O O   . SER A 1 86  ? -12.556 -1.729  -7.938  1.00 17.74 ? 627 SER A O   1 
ATOM   650  C CB  . SER A 1 86  ? -12.955 -4.208  -6.017  1.00 18.08 ? 627 SER A CB  1 
ATOM   651  O OG  . SER A 1 86  ? -13.776 -3.473  -5.136  1.00 20.27 ? 627 SER A OG  1 
ATOM   652  N N   . MET A 1 87  ? -12.144 -1.082  -5.832  1.00 15.14 ? 628 MET A N   1 
ATOM   653  C CA  . MET A 1 87  ? -12.579 0.318   -6.027  1.00 14.32 ? 628 MET A CA  1 
ATOM   654  C C   . MET A 1 87  ? -11.392 1.180   -6.510  1.00 18.93 ? 628 MET A C   1 
ATOM   655  O O   . MET A 1 87  ? -11.635 2.017   -7.347  1.00 16.25 ? 628 MET A O   1 
ATOM   656  C CB  . MET A 1 87  ? -13.155 0.870   -4.714  1.00 16.13 ? 628 MET A CB  1 
ATOM   657  C CG  . MET A 1 87  ? -14.345 0.121   -4.176  1.00 20.92 ? 628 MET A CG  1 
ATOM   658  S SD  . MET A 1 87  ? -14.823 0.774   -2.552  1.00 20.18 ? 628 MET A SD  1 
ATOM   659  C CE  . MET A 1 87  ? -15.671 2.275   -3.032  1.00 20.77 ? 628 MET A CE  1 
ATOM   660  N N   A VAL A 1 88  ? -10.201 1.001   -5.945  0.56 13.29 ? 629 VAL A N   1 
ATOM   661  N N   B VAL A 1 88  ? -10.200 1.006   -5.939  0.44 13.32 ? 629 VAL A N   1 
ATOM   662  C CA  A VAL A 1 88  ? -9.066  1.917   -6.285  0.56 13.77 ? 629 VAL A CA  1 
ATOM   663  C CA  B VAL A 1 88  ? -9.067  1.921   -6.289  0.44 13.77 ? 629 VAL A CA  1 
ATOM   664  C C   A VAL A 1 88  ? -8.264  1.547   -7.539  0.56 14.28 ? 629 VAL A C   1 
ATOM   665  C C   B VAL A 1 88  ? -8.271  1.547   -7.542  0.44 14.33 ? 629 VAL A C   1 
ATOM   666  O O   A VAL A 1 88  ? -7.906  2.446   -8.267  0.56 15.10 ? 629 VAL A O   1 
ATOM   667  O O   B VAL A 1 88  ? -7.854  2.453   -8.237  0.44 15.10 ? 629 VAL A O   1 
ATOM   668  C CB  A VAL A 1 88  ? -8.185  2.079   -5.033  0.56 13.17 ? 629 VAL A CB  1 
ATOM   669  C CB  B VAL A 1 88  ? -8.153  2.164   -5.075  0.44 13.46 ? 629 VAL A CB  1 
ATOM   670  C CG1 A VAL A 1 88  ? -6.972  2.952   -5.272  0.56 14.59 ? 629 VAL A CG1 1 
ATOM   671  C CG1 B VAL A 1 88  ? -8.951  2.628   -3.870  0.44 15.20 ? 629 VAL A CG1 1 
ATOM   672  C CG2 A VAL A 1 88  ? -8.998  2.624   -3.872  0.56 15.81 ? 629 VAL A CG2 1 
ATOM   673  C CG2 B VAL A 1 88  ? -7.306  0.952   -4.740  0.44 15.69 ? 629 VAL A CG2 1 
ATOM   674  N N   . MET A 1 89  ? -8.127  0.257   -7.832  1.00 16.98 ? 630 MET A N   1 
ATOM   675  C CA  . MET A 1 89  ? -7.287  -0.154  -8.981  1.00 13.82 ? 630 MET A CA  1 
ATOM   676  C C   . MET A 1 89  ? -7.779  0.442   -10.307 1.00 13.74 ? 630 MET A C   1 
ATOM   677  O O   . MET A 1 89  ? -6.944  0.904   -11.062 1.00 15.22 ? 630 MET A O   1 
ATOM   678  C CB  . MET A 1 89  ? -7.062  -1.663  -9.041  1.00 16.17 ? 630 MET A CB  1 
ATOM   679  C CG  . MET A 1 89  ? -6.110  -2.105  -7.950  1.00 15.58 ? 630 MET A CG  1 
ATOM   680  S SD  . MET A 1 89  ? -5.700  -3.860  -8.000  1.00 28.31 ? 630 MET A SD  1 
ATOM   681  C CE  . MET A 1 89  ? -4.922  -3.946  -9.609  1.00 46.67 ? 630 MET A CE  1 
ATOM   682  N N   . PRO A 1 90  ? -9.083  0.439   -10.630 1.00 17.23 ? 631 PRO A N   1 
ATOM   683  C CA  . PRO A 1 90  ? -9.547  1.104   -11.847 1.00 14.24 ? 631 PRO A CA  1 
ATOM   684  C C   . PRO A 1 90  ? -9.225  2.605   -11.868 1.00 17.33 ? 631 PRO A C   1 
ATOM   685  O O   . PRO A 1 90  ? -8.997  3.129   -12.912 1.00 17.68 ? 631 PRO A O   1 
ATOM   686  C CB  . PRO A 1 90  ? -11.058 0.844   -11.873 1.00 15.28 ? 631 PRO A CB  1 
ATOM   687  C CG  . PRO A 1 90  ? -11.243 -0.394  -11.052 1.00 18.15 ? 631 PRO A CG  1 
ATOM   688  C CD  . PRO A 1 90  ? -10.188 -0.278  -9.980  1.00 17.16 ? 631 PRO A CD  1 
ATOM   689  N N   . VAL A 1 91  ? -9.217  3.232   -10.699 1.00 14.63 ? 632 VAL A N   1 
ATOM   690  C CA  . VAL A 1 91  ? -8.951  4.695   -10.602 1.00 15.20 ? 632 VAL A CA  1 
ATOM   691  C C   . VAL A 1 91  ? -7.448  4.933   -10.805 1.00 15.86 ? 632 VAL A C   1 
ATOM   692  O O   . VAL A 1 91  ? -7.089  5.922   -11.406 1.00 16.70 ? 632 VAL A O   1 
ATOM   693  C CB  . VAL A 1 91  ? -9.497  5.223   -9.257  1.00 19.03 ? 632 VAL A CB  1 
ATOM   694  C CG1 . VAL A 1 91  ? -8.982  6.596   -8.882  1.00 19.99 ? 632 VAL A CG1 1 
ATOM   695  C CG2 . VAL A 1 91  ? -11.011 5.171   -9.208  1.00 20.27 ? 632 VAL A CG2 1 
ATOM   696  N N   . GLU A 1 92  ? -6.621  4.020   -10.336 1.00 14.83 ? 633 GLU A N   1 
ATOM   697  C CA  . GLU A 1 92  ? -5.169  4.138   -10.592 1.00 17.01 ? 633 GLU A CA  1 
ATOM   698  C C   . GLU A 1 92  ? -4.919  4.047   -12.104 1.00 17.37 ? 633 GLU A C   1 
ATOM   699  O O   . GLU A 1 92  ? -4.093  4.791   -12.613 1.00 17.39 ? 633 GLU A O   1 
ATOM   700  C CB  . GLU A 1 92  ? -4.405  3.031   -9.867  1.00 16.96 ? 633 GLU A CB  1 
ATOM   701  C CG  . GLU A 1 92  ? -4.485  3.068   -8.358  1.00 17.18 ? 633 GLU A CG  1 
ATOM   702  C CD  . GLU A 1 92  ? -4.060  1.754   -7.724  1.00 23.40 ? 633 GLU A CD  1 
ATOM   703  O OE1 . GLU A 1 92  ? -3.110  1.149   -8.204  1.00 26.12 ? 633 GLU A OE1 1 
ATOM   704  O OE2 . GLU A 1 92  ? -4.684  1.345   -6.761  1.00 27.96 ? 633 GLU A OE2 1 
ATOM   705  N N   . LEU A 1 93  ? -5.601  3.110   -12.766 1.00 16.91 ? 634 LEU A N   1 
ATOM   706  C CA  . LEU A 1 93  ? -5.384  2.979   -14.202 1.00 17.56 ? 634 LEU A CA  1 
ATOM   707  C C   . LEU A 1 93  ? -5.871  4.222   -14.946 1.00 18.11 ? 634 LEU A C   1 
ATOM   708  O O   . LEU A 1 93  ? -5.183  4.720   -15.845 1.00 18.47 ? 634 LEU A O   1 
ATOM   709  C CB  . LEU A 1 93  ? -6.065  1.712   -14.720 1.00 18.74 ? 634 LEU A CB  1 
ATOM   710  C CG  . LEU A 1 93  ? -5.845  1.373   -16.196 1.00 19.35 ? 634 LEU A CG  1 
ATOM   711  C CD1 . LEU A 1 93  ? -4.362  1.363   -16.495 1.00 22.89 ? 634 LEU A CD1 1 
ATOM   712  C CD2 . LEU A 1 93  ? -6.450  0.023   -16.482 1.00 21.10 ? 634 LEU A CD2 1 
ATOM   713  N N   . GLU A 1 94  ? -7.035  4.758   -14.564 1.00 15.94 ? 635 GLU A N   1 
ATOM   714  C CA  . GLU A 1 94  ? -7.522  5.972   -15.216 1.00 15.97 ? 635 GLU A CA  1 
ATOM   715  C C   . GLU A 1 94  ? -6.549  7.123   -15.016 1.00 16.93 ? 635 GLU A C   1 
ATOM   716  O O   . GLU A 1 94  ? -6.331  7.924   -15.930 1.00 18.70 ? 635 GLU A O   1 
ATOM   717  C CB  . GLU A 1 94  ? -8.912  6.352   -14.700 1.00 17.53 ? 635 GLU A CB  1 
ATOM   718  C CG  . GLU A 1 94  ? -9.615  7.469   -15.492 1.00 17.80 ? 635 GLU A CG  1 
ATOM   719  C CD  . GLU A 1 94  ? -9.169  8.881   -15.132 1.00 27.13 ? 635 GLU A CD  1 
ATOM   720  O OE1 . GLU A 1 94  ? -8.567  9.076   -14.059 1.00 23.66 ? 635 GLU A OE1 1 
ATOM   721  O OE2 . GLU A 1 94  ? -9.443  9.806   -15.925 1.00 29.97 ? 635 GLU A OE2 1 
ATOM   722  N N   . ALA A 1 95  ? -5.954  7.215   -13.827 1.00 15.65 ? 636 ALA A N   1 
ATOM   723  C CA  . ALA A 1 95  ? -5.005  8.291   -13.556 1.00 16.75 ? 636 ALA A CA  1 
ATOM   724  C C   . ALA A 1 95  ? -3.767  8.159   -14.431 1.00 18.85 ? 636 ALA A C   1 
ATOM   725  O O   . ALA A 1 95  ? -3.211  9.165   -14.891 1.00 20.88 ? 636 ALA A O   1 
ATOM   726  C CB  . ALA A 1 95  ? -4.627  8.280   -12.079 1.00 17.45 ? 636 ALA A CB  1 
ATOM   727  N N   . PHE A 1 96  ? -3.323  6.940   -14.676 1.00 17.83 ? 637 PHE A N   1 
ATOM   728  C CA  . PHE A 1 96  ? -2.163  6.739   -15.577 1.00 19.65 ? 637 PHE A CA  1 
ATOM   729  C C   . PHE A 1 96  ? -2.535  7.237   -16.971 1.00 24.53 ? 637 PHE A C   1 
ATOM   730  O O   . PHE A 1 96  ? -1.709  7.830   -17.637 1.00 20.41 ? 637 PHE A O   1 
ATOM   731  C CB  . PHE A 1 96  ? -1.780  5.265   -15.618 1.00 22.88 ? 637 PHE A CB  1 
ATOM   732  C CG  . PHE A 1 96  ? -0.674  4.945   -16.588 1.00 25.29 ? 637 PHE A CG  1 
ATOM   733  C CD1 . PHE A 1 96  ? 0.634   5.301   -16.309 1.00 31.48 ? 637 PHE A CD1 1 
ATOM   734  C CD2 . PHE A 1 96  ? -0.943  4.295   -17.780 1.00 25.19 ? 637 PHE A CD2 1 
ATOM   735  C CE1 . PHE A 1 96  ? 1.650   5.006   -17.203 1.00 31.72 ? 637 PHE A CE1 1 
ATOM   736  C CE2 . PHE A 1 96  ? 0.075   4.007   -18.673 1.00 30.07 ? 637 PHE A CE2 1 
ATOM   737  C CZ  . PHE A 1 96  ? 1.368   4.356   -18.376 1.00 28.60 ? 637 PHE A CZ  1 
ATOM   738  N N   . GLU A 1 97  ? -3.767  6.964   -17.379 1.00 20.90 ? 638 GLU A N   1 
ATOM   739  C CA  . GLU A 1 97  ? -4.241  7.407   -18.712 1.00 27.89 ? 638 GLU A CA  1 
ATOM   740  C C   . GLU A 1 97  ? -4.212  8.920   -18.745 1.00 30.07 ? 638 GLU A C   1 
ATOM   741  O O   . GLU A 1 97  ? -3.874  9.471   -19.773 1.00 39.24 ? 638 GLU A O   1 
ATOM   742  C CB  . GLU A 1 97  ? -5.708  7.081   -18.968 1.00 33.89 ? 638 GLU A CB  1 
ATOM   743  C CG  . GLU A 1 97  ? -6.093  5.635   -18.933 1.00 31.46 ? 638 GLU A CG  1 
ATOM   744  C CD  . GLU A 1 97  ? -7.600  5.492   -19.060 1.00 31.90 ? 638 GLU A CD  1 
ATOM   745  O OE1 . GLU A 1 97  ? -8.290  6.526   -19.150 1.00 29.04 ? 638 GLU A OE1 1 
ATOM   746  O OE2 . GLU A 1 97  ? -8.070  4.363   -19.073 1.00 30.88 ? 638 GLU A OE2 1 
ATOM   747  N N   . ALA A 1 98  ? -4.607  9.552   -17.651 1.00 28.38 ? 639 ALA A N   1 
ATOM   748  C CA  . ALA A 1 98  ? -4.639  11.028  -17.600 1.00 23.47 ? 639 ALA A CA  1 
ATOM   749  C C   . ALA A 1 98  ? -3.217  11.578  -17.752 1.00 33.67 ? 639 ALA A C   1 
ATOM   750  O O   . ALA A 1 98  ? -3.041  12.540  -18.484 1.00 40.58 ? 639 ALA A O   1 
ATOM   751  C CB  . ALA A 1 98  ? -5.286  11.492  -16.330 1.00 27.68 ? 639 ALA A CB  1 
ATOM   752  N N   . LEU A 1 99  ? -2.248  10.976  -17.081 1.00 28.58 ? 640 LEU A N   1 
ATOM   753  C CA  . LEU A 1 99  ? -0.826  11.406  -17.213 1.00 31.79 ? 640 LEU A CA  1 
ATOM   754  C C   . LEU A 1 99  ? -0.325  11.150  -18.637 1.00 40.36 ? 640 LEU A C   1 
ATOM   755  O O   . LEU A 1 99  ? 0.359   12.014  -19.180 1.00 41.83 ? 640 LEU A O   1 
ATOM   756  C CB  . LEU A 1 99  ? 0.021   10.647  -16.199 1.00 32.75 ? 640 LEU A CB  1 
ATOM   757  C CG  . LEU A 1 99  ? -0.179  11.007  -14.731 1.00 42.06 ? 640 LEU A CG  1 
ATOM   758  C CD1 . LEU A 1 99  ? 0.404   9.930   -13.839 1.00 43.13 ? 640 LEU A CD1 1 
ATOM   759  C CD2 . LEU A 1 99  ? 0.456   12.347  -14.412 1.00 50.55 ? 640 LEU A CD2 1 
ATOM   760  N N   . LYS A 1 100 ? -0.683  10.014  -19.221 1.00 38.22 ? 641 LYS A N   1 
ATOM   761  C CA  . LYS A 1 100 ? -0.231  9.649   -20.585 1.00 41.99 ? 641 LYS A CA  1 
ATOM   762  C C   . LYS A 1 100 ? -0.865  10.528  -21.674 1.00 47.28 ? 641 LYS A C   1 
ATOM   763  O O   . LYS A 1 100 ? -0.139  10.914  -22.596 1.00 55.71 ? 641 LYS A O   1 
ATOM   764  C CB  . LYS A 1 100 ? -0.509  8.164   -20.813 1.00 36.08 ? 641 LYS A CB  1 
ATOM   765  C CG  . LYS A 1 100 ? 0.534   7.229   -20.232 1.00 48.14 ? 641 LYS A CG  1 
ATOM   766  C CD  . LYS A 1 100 ? 1.948   7.728   -20.389 1.00 61.58 ? 641 LYS A CD  1 
ATOM   767  C CE  . LYS A 1 100 ? 2.562   7.310   -21.707 1.00 64.88 ? 641 LYS A CE  1 
ATOM   768  N NZ  . LYS A 1 100 ? 4.022   7.097   -21.586 1.00 66.82 ? 641 LYS A NZ  1 
ATOM   769  N N   . SER A 1 101 ? -2.157  10.830  -21.585 1.00 48.18 ? 642 SER A N   1 
ATOM   770  C CA  . SER A 1 101 ? -2.877  11.615  -22.625 1.00 55.09 ? 642 SER A CA  1 
ATOM   771  C C   . SER A 1 101 ? -2.423  13.068  -22.629 1.00 62.61 ? 642 SER A C   1 
ATOM   772  O O   . SER A 1 101 ? -2.840  13.793  -23.553 1.00 69.68 ? 642 SER A O   1 
ATOM   773  C CB  . SER A 1 101 ? -4.366  11.552  -22.456 1.00 56.55 ? 642 SER A CB  1 
ATOM   774  O OG  . SER A 1 101 ? -4.779  10.218  -22.234 1.00 70.81 ? 642 SER A OG  1 
ATOM   775  N N   . ARG A 1 102 ? -1.572  13.460  -21.682 1.00 58.51 ? 643 ARG A N   1 
ATOM   776  C CA  . ARG A 1 102 ? -1.120  14.866  -21.569 1.00 55.60 ? 643 ARG A CA  1 
ATOM   777  C C   . ARG A 1 102 ? 0.157   15.065  -22.391 1.00 64.74 ? 643 ARG A C   1 
ATOM   778  O O   . ARG A 1 102 ? 1.245   14.963  -21.808 1.00 65.04 ? 643 ARG A O   1 
ATOM   779  C CB  . ARG A 1 102 ? -0.873  15.191  -20.097 1.00 64.25 ? 643 ARG A CB  1 
ATOM   780  N N   . VAL B 1 6   ? 10.449  -2.951  15.062  1.00 69.09 ? 547 VAL B N   1 
ATOM   781  C CA  . VAL B 1 6   ? 10.257  -4.274  14.405  1.00 53.55 ? 547 VAL B CA  1 
ATOM   782  C C   . VAL B 1 6   ? 8.840   -4.666  14.732  1.00 38.21 ? 547 VAL B C   1 
ATOM   783  O O   . VAL B 1 6   ? 8.092   -4.801  13.810  1.00 22.02 ? 547 VAL B O   1 
ATOM   784  C CB  . VAL B 1 6   ? 11.266  -5.262  15.012  1.00 30.00 ? 547 VAL B CB  1 
ATOM   785  N N   . ASN B 1 7   ? 8.474   -4.481  15.998  1.00 45.57 ? 548 ASN B N   1 
ATOM   786  C CA  . ASN B 1 7   ? 7.186   -5.000  16.493  1.00 44.03 ? 548 ASN B CA  1 
ATOM   787  C C   . ASN B 1 7   ? 5.979   -4.605  15.640  1.00 21.41 ? 548 ASN B C   1 
ATOM   788  O O   . ASN B 1 7   ? 5.243   -5.498  15.353  1.00 24.79 ? 548 ASN B O   1 
ATOM   789  C CB  . ASN B 1 7   ? 6.998   -4.753  17.994  1.00 34.86 ? 548 ASN B CB  1 
ATOM   790  C CG  . ASN B 1 7   ? 6.954   -3.300  18.413  1.00 54.95 ? 548 ASN B CG  1 
ATOM   791  O OD1 . ASN B 1 7   ? 7.985   -2.696  18.693  1.00 69.59 ? 548 ASN B OD1 1 
ATOM   792  N ND2 . ASN B 1 7   ? 5.760   -2.739  18.501  1.00 64.29 ? 548 ASN B ND2 1 
ATOM   793  N N   . GLU B 1 8   ? 5.799   -3.345  15.257  1.00 21.33 ? 549 GLU B N   1 
ATOM   794  C CA  . GLU B 1 8   ? 4.573   -3.051  14.473  1.00 18.58 ? 549 GLU B CA  1 
ATOM   795  C C   . GLU B 1 8   ? 4.639   -3.741  13.110  1.00 17.32 ? 549 GLU B C   1 
ATOM   796  O O   . GLU B 1 8   ? 3.605   -4.174  12.630  1.00 19.01 ? 549 GLU B O   1 
ATOM   797  C CB  . GLU B 1 8   ? 4.322   -1.553  14.356  1.00 22.34 ? 549 GLU B CB  1 
ATOM   798  C CG  . GLU B 1 8   ? 3.700   -0.952  15.599  1.00 26.38 ? 549 GLU B CG  1 
ATOM   799  C CD  . GLU B 1 8   ? 3.273   0.496   15.450  1.00 37.16 ? 549 GLU B CD  1 
ATOM   800  O OE1 . GLU B 1 8   ? 3.034   0.921   14.311  1.00 26.64 ? 549 GLU B OE1 1 
ATOM   801  O OE2 . GLU B 1 8   ? 3.184   1.187   16.478  1.00 35.21 ? 549 GLU B OE2 1 
ATOM   802  N N   . GLN B 1 9   ? 5.819   -3.733  12.512  1.00 16.71 ? 550 GLN B N   1 
ATOM   803  C CA  . GLN B 1 9   ? 6.014   -4.375  11.190  1.00 17.68 ? 550 GLN B CA  1 
ATOM   804  C C   . GLN B 1 9   ? 5.885   -5.892  11.337  1.00 15.20 ? 550 GLN B C   1 
ATOM   805  O O   . GLN B 1 9   ? 5.318   -6.515  10.464  1.00 16.11 ? 550 GLN B O   1 
ATOM   806  C CB  . GLN B 1 9   ? 7.325   -3.910  10.574  1.00 19.78 ? 550 GLN B CB  1 
ATOM   807  C CG  . GLN B 1 9   ? 7.283   -2.485  10.052  1.00 21.84 ? 550 GLN B CG  1 
ATOM   808  C CD  . GLN B 1 9   ? 7.301   -1.464  11.159  1.00 24.00 ? 550 GLN B CD  1 
ATOM   809  O OE1 . GLN B 1 9   ? 8.236   -1.392  11.942  1.00 25.08 ? 550 GLN B OE1 1 
ATOM   810  N NE2 . GLN B 1 9   ? 6.248   -0.673  11.226  1.00 24.87 ? 550 GLN B NE2 1 
ATOM   811  N N   . VAL B 1 10  ? 6.395   -6.424  12.449  1.00 16.30 ? 551 VAL B N   1 
ATOM   812  C CA  . VAL B 1 10  ? 6.249   -7.886  12.702  1.00 14.59 ? 551 VAL B CA  1 
ATOM   813  C C   . VAL B 1 10  ? 4.765   -8.233  12.838  1.00 17.49 ? 551 VAL B C   1 
ATOM   814  O O   . VAL B 1 10  ? 4.325   -9.187  12.227  1.00 17.78 ? 551 VAL B O   1 
ATOM   815  C CB  . VAL B 1 10  ? 7.072   -8.344  13.921  1.00 16.07 ? 551 VAL B CB  1 
ATOM   816  C CG1 . VAL B 1 10  ? 6.609   -9.696  14.434  1.00 20.72 ? 551 VAL B CG1 1 
ATOM   817  C CG2 . VAL B 1 10  ? 8.535   -8.400  13.565  1.00 18.04 ? 551 VAL B CG2 1 
ATOM   818  N N   . GLN B 1 11  ? 4.024   -7.426  13.579  1.00 17.82 ? 552 GLN B N   1 
ATOM   819  C CA  . GLN B 1 11  ? 2.575   -7.684  13.761  1.00 21.26 ? 552 GLN B CA  1 
ATOM   820  C C   . GLN B 1 11  ? 1.841   -7.541  12.415  1.00 19.92 ? 552 GLN B C   1 
ATOM   821  O O   . GLN B 1 11  ? 0.990   -8.342  12.126  1.00 20.56 ? 552 GLN B O   1 
ATOM   822  C CB  . GLN B 1 11  ? 1.979   -6.764  14.833  1.00 23.40 ? 552 GLN B CB  1 
ATOM   823  C CG  . GLN B 1 11  ? 2.560   -6.916  16.228  1.00 38.48 ? 552 GLN B CG  1 
ATOM   824  C CD  . GLN B 1 11  ? 2.181   -5.716  17.062  1.00 58.98 ? 552 GLN B CD  1 
ATOM   825  O OE1 . GLN B 1 11  ? 1.093   -5.167  16.924  1.00 47.23 ? 552 GLN B OE1 1 
ATOM   826  N NE2 . GLN B 1 11  ? 3.085   -5.287  17.926  1.00 52.81 ? 552 GLN B NE2 1 
ATOM   827  N N   . ALA B 1 12  ? 2.206   -6.537  11.629  1.00 17.62 ? 553 ALA B N   1 
ATOM   828  C CA  . ALA B 1 12  ? 1.576   -6.324  10.307  1.00 16.65 ? 553 ALA B CA  1 
ATOM   829  C C   . ALA B 1 12  ? 1.837   -7.524  9.392   1.00 19.88 ? 553 ALA B C   1 
ATOM   830  O O   . ALA B 1 12  ? 0.938   -7.917  8.682   1.00 18.15 ? 553 ALA B O   1 
ATOM   831  C CB  . ALA B 1 12  ? 2.123   -5.064  9.699   1.00 17.09 ? 553 ALA B CB  1 
ATOM   832  N N   . TRP B 1 13  ? 3.046   -8.050  9.449   1.00 16.90 ? 554 TRP B N   1 
ATOM   833  C CA  . TRP B 1 13  ? 3.412   -9.224  8.620   1.00 15.00 ? 554 TRP B CA  1 
ATOM   834  C C   . TRP B 1 13  ? 2.664   -10.480 9.083   1.00 19.04 ? 554 TRP B C   1 
ATOM   835  O O   . TRP B 1 13  ? 2.212   -11.214 8.269   1.00 19.36 ? 554 TRP B O   1 
ATOM   836  C CB  . TRP B 1 13  ? 4.930   -9.426  8.680   1.00 18.17 ? 554 TRP B CB  1 
ATOM   837  C CG  . TRP B 1 13  ? 5.427   -10.735 8.149   1.00 16.52 ? 554 TRP B CG  1 
ATOM   838  C CD1 . TRP B 1 13  ? 6.140   -11.671 8.838   1.00 19.98 ? 554 TRP B CD1 1 
ATOM   839  C CD2 . TRP B 1 13  ? 5.272   -11.253 6.816   1.00 17.51 ? 554 TRP B CD2 1 
ATOM   840  N NE1 . TRP B 1 13  ? 6.431   -12.735 8.033   1.00 18.60 ? 554 TRP B NE1 1 
ATOM   841  C CE2 . TRP B 1 13  ? 5.915   -12.507 6.788   1.00 16.41 ? 554 TRP B CE2 1 
ATOM   842  C CE3 . TRP B 1 13  ? 4.649   -10.792 5.653   1.00 16.93 ? 554 TRP B CE3 1 
ATOM   843  C CZ2 . TRP B 1 13  ? 5.952   -13.295 5.642   1.00 17.42 ? 554 TRP B CZ2 1 
ATOM   844  C CZ3 . TRP B 1 13  ? 4.682   -11.577 4.524   1.00 18.52 ? 554 TRP B CZ3 1 
ATOM   845  C CH2 . TRP B 1 13  ? 5.317   -12.815 4.525   1.00 18.31 ? 554 TRP B CH2 1 
ATOM   846  N N   . GLU B 1 14  ? 2.573   -10.673 10.384  1.00 18.80 ? 555 GLU B N   1 
ATOM   847  C CA  . GLU B 1 14  ? 1.863   -11.862 10.913  1.00 20.54 ? 555 GLU B CA  1 
ATOM   848  C C   . GLU B 1 14  ? 0.383   -11.829 10.512  1.00 23.70 ? 555 GLU B C   1 
ATOM   849  O O   . GLU B 1 14  ? -0.150  -12.863 10.168  1.00 20.77 ? 555 GLU B O   1 
ATOM   850  C CB  . GLU B 1 14  ? 2.131   -11.969 12.407  1.00 24.93 ? 555 GLU B CB  1 
ATOM   851  C CG  . GLU B 1 14  ? 3.591   -12.292 12.657  1.00 39.41 ? 555 GLU B CG  1 
ATOM   852  C CD  . GLU B 1 14  ? 3.991   -12.722 14.054  1.00 57.34 ? 555 GLU B CD  1 
ATOM   853  O OE1 . GLU B 1 14  ? 5.169   -13.072 14.239  1.00 64.59 ? 555 GLU B OE1 1 
ATOM   854  O OE2 . GLU B 1 14  ? 3.125   -12.709 14.944  1.00 78.94 ? 555 GLU B OE2 1 
ATOM   855  N N   . SER B 1 15  ? -0.214  -10.646 10.535  1.00 18.22 ? 556 SER B N   1 
ATOM   856  C CA  . SER B 1 15  ? -1.634  -10.512 10.140  1.00 17.65 ? 556 SER B CA  1 
ATOM   857  C C   . SER B 1 15  ? -1.828  -10.652 8.630   1.00 16.56 ? 556 SER B C   1 
ATOM   858  O O   . SER B 1 15  ? -2.894  -11.063 8.235   1.00 20.71 ? 556 SER B O   1 
ATOM   859  C CB  . SER B 1 15  ? -2.201  -9.219  10.655  1.00 22.77 ? 556 SER B CB  1 
ATOM   860  O OG  . SER B 1 15  ? -2.376  -9.291  12.054  1.00 29.11 ? 556 SER B OG  1 
ATOM   861  N N   . ARG B 1 16  ? -0.799  -10.354 7.842   1.00 17.34 ? 557 ARG B N   1 
ATOM   862  C CA  . ARG B 1 16  ? -0.932  -10.359 6.361   1.00 16.29 ? 557 ARG B CA  1 
ATOM   863  C C   . ARG B 1 16  ? -0.272  -11.580 5.693   1.00 20.55 ? 557 ARG B C   1 
ATOM   864  O O   . ARG B 1 16  ? -0.528  -11.797 4.541   1.00 19.49 ? 557 ARG B O   1 
ATOM   865  C CB  . ARG B 1 16  ? -0.395  -9.042  5.798   1.00 17.73 ? 557 ARG B CB  1 
ATOM   866  C CG  . ARG B 1 16  ? -1.401  -7.909  5.819   1.00 16.85 ? 557 ARG B CG  1 
ATOM   867  C CD  . ARG B 1 16  ? -0.642  -6.608  5.723   1.00 18.83 ? 557 ARG B CD  1 
ATOM   868  N NE  . ARG B 1 16  ? -1.532  -5.500  5.992   1.00 22.15 ? 557 ARG B NE  1 
ATOM   869  C CZ  . ARG B 1 16  ? -1.855  -5.080  7.204   1.00 24.72 ? 557 ARG B CZ  1 
ATOM   870  N NH1 . ARG B 1 16  ? -1.365  -5.680  8.275   1.00 23.04 ? 557 ARG B NH1 1 
ATOM   871  N NH2 . ARG B 1 16  ? -2.677  -4.064  7.343   1.00 23.89 ? 557 ARG B NH2 1 
ATOM   872  N N   . ARG B 1 17  ? 0.531   -12.323 6.436   1.00 20.85 ? 558 ARG B N   1 
ATOM   873  C CA  . ARG B 1 17  ? 1.253   -13.500 5.872   1.00 19.72 ? 558 ARG B CA  1 
ATOM   874  C C   . ARG B 1 17  ? 0.285   -14.498 5.225   1.00 19.41 ? 558 ARG B C   1 
ATOM   875  O O   . ARG B 1 17  ? 0.573   -14.928 4.133   1.00 20.57 ? 558 ARG B O   1 
ATOM   876  C CB  . ARG B 1 17  ? 2.152   -14.159 6.924   1.00 19.91 ? 558 ARG B CB  1 
ATOM   877  C CG  . ARG B 1 17  ? 2.902   -15.382 6.432   1.00 23.01 ? 558 ARG B CG  1 
ATOM   878  C CD  . ARG B 1 17  ? 3.547   -16.158 7.557   1.00 22.64 ? 558 ARG B CD  1 
ATOM   879  N NE  . ARG B 1 17  ? 3.893   -17.436 6.966   1.00 29.46 ? 558 ARG B NE  1 
ATOM   880  C CZ  . ARG B 1 17  ? 5.116   -17.814 6.635   1.00 27.20 ? 558 ARG B CZ  1 
ATOM   881  N NH1 . ARG B 1 17  ? 6.148   -17.029 6.887   1.00 27.46 ? 558 ARG B NH1 1 
ATOM   882  N NH2 . ARG B 1 17  ? 5.301   -18.989 6.068   1.00 25.69 ? 558 ARG B NH2 1 
ATOM   883  N N   . PRO B 1 18  ? -0.843  -14.897 5.858   1.00 19.63 ? 559 PRO B N   1 
ATOM   884  C CA  . PRO B 1 18  ? -1.752  -15.790 5.183   1.00 17.75 ? 559 PRO B CA  1 
ATOM   885  C C   . PRO B 1 18  ? -2.200  -15.280 3.816   1.00 21.68 ? 559 PRO B C   1 
ATOM   886  O O   . PRO B 1 18  ? -2.169  -16.011 2.897   1.00 21.92 ? 559 PRO B O   1 
ATOM   887  C CB  . PRO B 1 18  ? -2.926  -15.897 6.149   1.00 23.92 ? 559 PRO B CB  1 
ATOM   888  C CG  . PRO B 1 18  ? -2.280  -15.739 7.493   1.00 26.81 ? 559 PRO B CG  1 
ATOM   889  C CD  . PRO B 1 18  ? -1.267  -14.651 7.243   1.00 21.57 ? 559 PRO B CD  1 
ATOM   890  N N   . LEU B 1 19  ? -2.649  -14.030 3.774   1.00 16.66 ? 560 LEU B N   1 
ATOM   891  C CA  . LEU B 1 19  ? -3.116  -13.485 2.504   1.00 16.55 ? 560 LEU B CA  1 
ATOM   892  C C   . LEU B 1 19  ? -1.975  -13.364 1.503   1.00 17.25 ? 560 LEU B C   1 
ATOM   893  O O   . LEU B 1 19  ? -2.145  -13.688 0.324   1.00 17.69 ? 560 LEU B O   1 
ATOM   894  C CB  . LEU B 1 19  ? -3.764  -12.120 2.742   1.00 23.49 ? 560 LEU B CB  1 
ATOM   895  C CG  . LEU B 1 19  ? -4.244  -11.300 1.544   1.00 33.41 ? 560 LEU B CG  1 
ATOM   896  C CD1 . LEU B 1 19  ? -5.312  -12.029 0.741   1.00 32.10 ? 560 LEU B CD1 1 
ATOM   897  C CD2 . LEU B 1 19  ? -4.753  -9.945  2.028   1.00 32.93 ? 560 LEU B CD2 1 
ATOM   898  N N   . ILE B 1 20  ? -0.811  -12.875 1.948   1.00 16.14 ? 561 ILE B N   1 
ATOM   899  C CA  . ILE B 1 20  ? 0.314   -12.709 1.032   1.00 16.85 ? 561 ILE B CA  1 
ATOM   900  C C   . ILE B 1 20  ? 0.776   -14.057 0.497   1.00 19.33 ? 561 ILE B C   1 
ATOM   901  O O   . ILE B 1 20  ? 1.013   -14.213 -0.704  1.00 16.23 ? 561 ILE B O   1 
ATOM   902  C CB  . ILE B 1 20  ? 1.459   -11.914 1.690   1.00 17.43 ? 561 ILE B CB  1 
ATOM   903  C CG1 . ILE B 1 20  ? 1.037   -10.449 1.871   1.00 18.73 ? 561 ILE B CG1 1 
ATOM   904  C CG2 . ILE B 1 20  ? 2.708   -11.975 0.848   1.00 18.20 ? 561 ILE B CG2 1 
ATOM   905  C CD1 . ILE B 1 20  ? 1.938   -9.690  2.831   1.00 18.74 ? 561 ILE B CD1 1 
ATOM   906  N N   . GLN B 1 21  ? 0.892   -15.055 1.375   1.00 17.08 ? 562 GLN B N   1 
ATOM   907  C CA  . GLN B 1 21  ? 1.308   -16.379 0.920   1.00 19.31 ? 562 GLN B CA  1 
ATOM   908  C C   . GLN B 1 21  ? 0.266   -16.986 -0.010  1.00 18.83 ? 562 GLN B C   1 
ATOM   909  O O   . GLN B 1 21  ? 0.614   -17.620 -1.015  1.00 19.00 ? 562 GLN B O   1 
ATOM   910  C CB  . GLN B 1 21  ? 1.557   -17.275 2.136   1.00 19.10 ? 562 GLN B CB  1 
ATOM   911  C CG  . GLN B 1 21  ? 1.945   -18.698 1.819   1.00 25.15 ? 562 GLN B CG  1 
ATOM   912  C CD  . GLN B 1 21  ? 2.310   -19.450 3.079   1.00 39.69 ? 562 GLN B CD  1 
ATOM   913  O OE1 . GLN B 1 21  ? 3.470   -19.791 3.299   1.00 34.56 ? 562 GLN B OE1 1 
ATOM   914  N NE2 . GLN B 1 21  ? 1.315   -19.710 3.918   1.00 46.79 ? 562 GLN B NE2 1 
ATOM   915  N N   . ASP B 1 22  ? -1.019  -16.770 0.277   1.00 15.97 ? 563 ASP B N   1 
ATOM   916  C CA  . ASP B 1 22  ? -2.050  -17.344 -0.583  1.00 15.49 ? 563 ASP B CA  1 
ATOM   917  C C   . ASP B 1 22  ? -1.994  -16.733 -1.979  1.00 18.53 ? 563 ASP B C   1 
ATOM   918  O O   . ASP B 1 22  ? -2.014  -17.448 -2.986  1.00 17.63 ? 563 ASP B O   1 
ATOM   919  C CB  . ASP B 1 22  ? -3.434  -17.171 0.044   1.00 17.06 ? 563 ASP B CB  1 
ATOM   920  C CG  . ASP B 1 22  ? -4.509  -17.925 -0.714  1.00 25.75 ? 563 ASP B CG  1 
ATOM   921  O OD1 . ASP B 1 22  ? -4.612  -19.151 -0.524  1.00 32.56 ? 563 ASP B OD1 1 
ATOM   922  O OD2 . ASP B 1 22  ? -5.241  -17.293 -1.502  1.00 25.22 ? 563 ASP B OD2 1 
ATOM   923  N N   . LEU B 1 23  ? -1.917  -15.404 -2.066  1.00 15.73 ? 564 LEU B N   1 
ATOM   924  C CA  . LEU B 1 23  ? -1.797  -14.784 -3.379  1.00 16.36 ? 564 LEU B CA  1 
ATOM   925  C C   . LEU B 1 23  ? -0.511  -15.228 -4.066  1.00 19.32 ? 564 LEU B C   1 
ATOM   926  O O   . LEU B 1 23  ? -0.502  -15.495 -5.273  1.00 18.79 ? 564 LEU B O   1 
ATOM   927  C CB  . LEU B 1 23  ? -1.846  -13.254 -3.226  1.00 16.60 ? 564 LEU B CB  1 
ATOM   928  C CG  . LEU B 1 23  ? -3.084  -12.682 -2.523  1.00 35.14 ? 564 LEU B CG  1 
ATOM   929  C CD1 . LEU B 1 23  ? -3.071  -11.145 -2.484  1.00 35.54 ? 564 LEU B CD1 1 
ATOM   930  C CD2 . LEU B 1 23  ? -4.362  -13.185 -3.166  1.00 38.62 ? 564 LEU B CD2 1 
ATOM   931  N N   . ALA B 1 24  ? 0.580   -15.354 -3.300  1.00 16.03 ? 565 ALA B N   1 
ATOM   932  C CA  . ALA B 1 24  ? 1.861   -15.716 -3.896  1.00 17.46 ? 565 ALA B CA  1 
ATOM   933  C C   . ALA B 1 24  ? 1.801   -17.091 -4.551  1.00 15.85 ? 565 ALA B C   1 
ATOM   934  O O   . ALA B 1 24  ? 2.323   -17.281 -5.654  1.00 17.58 ? 565 ALA B O   1 
ATOM   935  C CB  . ALA B 1 24  ? 2.985   -15.633 -2.855  1.00 16.61 ? 565 ALA B CB  1 
ATOM   936  N N   . ARG B 1 25  ? 1.137   -18.051 -3.906  1.00 16.99 ? 566 ARG B N   1 
ATOM   937  C CA  . ARG B 1 25  ? 1.047   -19.386 -4.488  1.00 16.28 ? 566 ARG B CA  1 
ATOM   938  C C   . ARG B 1 25  ? 0.198   -19.409 -5.749  1.00 19.49 ? 566 ARG B C   1 
ATOM   939  O O   . ARG B 1 25  ? 0.346   -20.324 -6.556  1.00 19.81 ? 566 ARG B O   1 
ATOM   940  C CB  . ARG B 1 25  ? 0.517   -20.376 -3.450  1.00 14.57 ? 566 ARG B CB  1 
ATOM   941  C CG  . ARG B 1 25  ? 1.497   -20.646 -2.315  1.00 17.97 ? 566 ARG B CG  1 
ATOM   942  C CD  . ARG B 1 25  ? 1.027   -21.822 -1.465  1.00 19.82 ? 566 ARG B CD  1 
ATOM   943  N NE  . ARG B 1 25  ? 1.519   -23.110 -1.961  1.00 18.74 ? 566 ARG B NE  1 
ATOM   944  C CZ  . ARG B 1 25  ? 1.114   -24.289 -1.487  1.00 22.59 ? 566 ARG B CZ  1 
ATOM   945  N NH1 . ARG B 1 25  ? 0.202   -24.342 -0.525  1.00 18.47 ? 566 ARG B NH1 1 
ATOM   946  N NH2 . ARG B 1 25  ? 1.631   -25.414 -1.960  1.00 19.45 ? 566 ARG B NH2 1 
ATOM   947  N N   . ARG B 1 26  ? -0.692  -18.434 -5.936  1.00 18.13 ? 567 ARG B N   1 
ATOM   948  C CA  . ARG B 1 26  ? -1.451  -18.353 -7.178  1.00 18.69 ? 567 ARG B CA  1 
ATOM   949  C C   . ARG B 1 26  ? -0.649  -17.726 -8.309  1.00 27.57 ? 567 ARG B C   1 
ATOM   950  O O   . ARG B 1 26  ? -1.009  -17.900 -9.478  1.00 28.20 ? 567 ARG B O   1 
ATOM   951  C CB  . ARG B 1 26  ? -2.741  -17.555 -6.953  1.00 20.03 ? 567 ARG B CB  1 
ATOM   952  C CG  . ARG B 1 26  ? -3.699  -18.237 -5.992  1.00 21.38 ? 567 ARG B CG  1 
ATOM   953  C CD  . ARG B 1 26  ? -4.823  -17.318 -5.515  1.00 22.75 ? 567 ARG B CD  1 
ATOM   954  N NE  . ARG B 1 26  ? -5.482  -17.904 -4.354  1.00 25.85 ? 567 ARG B NE  1 
ATOM   955  C CZ  . ARG B 1 26  ? -6.418  -18.847 -4.408  1.00 24.24 ? 567 ARG B CZ  1 
ATOM   956  N NH1 . ARG B 1 26  ? -6.865  -19.285 -5.578  1.00 22.83 ? 567 ARG B NH1 1 
ATOM   957  N NH2 . ARG B 1 26  ? -6.932  -19.325 -3.281  1.00 31.86 ? 567 ARG B NH2 1 
ATOM   958  N N   . LEU B 1 27  ? 0.431   -17.009 -7.991  1.00 18.17 ? 568 LEU B N   1 
ATOM   959  C CA  . LEU B 1 27  ? 1.195   -16.260 -8.978  1.00 19.88 ? 568 LEU B CA  1 
ATOM   960  C C   . LEU B 1 27  ? 2.600   -16.793 -9.210  1.00 21.57 ? 568 LEU B C   1 
ATOM   961  O O   . LEU B 1 27  ? 3.196   -16.470 -10.244 1.00 22.29 ? 568 LEU B O   1 
ATOM   962  C CB  . LEU B 1 27  ? 1.330   -14.791 -8.541  1.00 23.56 ? 568 LEU B CB  1 
ATOM   963  C CG  . LEU B 1 27  ? 0.062   -13.955 -8.364  1.00 23.70 ? 568 LEU B CG  1 
ATOM   964  C CD1 . LEU B 1 27  ? 0.386   -12.675 -7.601  1.00 25.98 ? 568 LEU B CD1 1 
ATOM   965  C CD2 . LEU B 1 27  ? -0.585  -13.661 -9.701  1.00 36.39 ? 568 LEU B CD2 1 
ATOM   966  N N   . LEU B 1 28  ? 3.142   -17.584 -8.283  1.00 17.46 ? 569 LEU B N   1 
ATOM   967  C CA  . LEU B 1 28  ? 4.553   -17.947 -8.284  1.00 19.23 ? 569 LEU B CA  1 
ATOM   968  C C   . LEU B 1 28  ? 4.689   -19.434 -7.995  1.00 17.60 ? 569 LEU B C   1 
ATOM   969  O O   . LEU B 1 28  ? 3.755   -20.074 -7.508  1.00 17.32 ? 569 LEU B O   1 
ATOM   970  C CB  . LEU B 1 28  ? 5.304   -17.229 -7.153  1.00 16.50 ? 569 LEU B CB  1 
ATOM   971  C CG  . LEU B 1 28  ? 5.181   -15.710 -7.056  1.00 18.18 ? 569 LEU B CG  1 
ATOM   972  C CD1 . LEU B 1 28  ? 5.859   -15.246 -5.764  1.00 16.64 ? 569 LEU B CD1 1 
ATOM   973  C CD2 . LEU B 1 28  ? 5.768   -15.043 -8.294  1.00 18.83 ? 569 LEU B CD2 1 
ATOM   974  N N   . THR B 1 29  ? 5.894   -19.941 -8.229  1.00 17.89 ? 570 THR B N   1 
ATOM   975  C CA  . THR B 1 29  ? 6.230   -21.329 -7.844  1.00 17.66 ? 570 THR B CA  1 
ATOM   976  C C   . THR B 1 29  ? 6.464   -21.351 -6.328  1.00 17.26 ? 570 THR B C   1 
ATOM   977  O O   . THR B 1 29  ? 6.717   -20.324 -5.767  1.00 16.99 ? 570 THR B O   1 
ATOM   978  C CB  . THR B 1 29  ? 7.494   -21.805 -8.578  1.00 19.30 ? 570 THR B CB  1 
ATOM   979  O OG1 . THR B 1 29  ? 8.634   -21.128 -8.054  1.00 24.13 ? 570 THR B OG1 1 
ATOM   980  C CG2 . THR B 1 29  ? 7.411   -21.636 -10.078 1.00 28.79 ? 570 THR B CG2 1 
ATOM   981  N N   . ASP B 1 30  ? 6.399   -22.529 -5.727  1.00 16.43 ? 571 ASP B N   1 
ATOM   982  C CA  . ASP B 1 30  ? 6.547   -22.642 -4.255  1.00 15.41 ? 571 ASP B CA  1 
ATOM   983  C C   . ASP B 1 30  ? 7.953   -22.221 -3.801  1.00 15.81 ? 571 ASP B C   1 
ATOM   984  O O   . ASP B 1 30  ? 8.079   -21.685 -2.727  1.00 16.96 ? 571 ASP B O   1 
ATOM   985  C CB  . ASP B 1 30  ? 6.100   -24.023 -3.783  1.00 17.60 ? 571 ASP B CB  1 
ATOM   986  C CG  . ASP B 1 30  ? 4.601   -24.103 -3.561  1.00 22.14 ? 571 ASP B CG  1 
ATOM   987  O OD1 . ASP B 1 30  ? 3.963   -23.052 -3.529  1.00 23.25 ? 571 ASP B OD1 1 
ATOM   988  O OD2 . ASP B 1 30  ? 4.101   -25.213 -3.418  1.00 27.13 ? 571 ASP B OD2 1 
ATOM   989  N N   . ASP B 1 31  ? 8.952   -22.458 -4.639  1.00 15.97 ? 572 ASP B N   1 
ATOM   990  C CA  . ASP B 1 31  ? 10.319  -22.007 -4.294  1.00 16.23 ? 572 ASP B CA  1 
ATOM   991  C C   . ASP B 1 31  ? 10.344  -20.482 -4.229  1.00 15.49 ? 572 ASP B C   1 
ATOM   992  O O   . ASP B 1 31  ? 11.001  -19.942 -3.376  1.00 17.60 ? 572 ASP B O   1 
ATOM   993  C CB  . ASP B 1 31  ? 11.325  -22.476 -5.340  1.00 20.48 ? 572 ASP B CB  1 
ATOM   994  C CG  . ASP B 1 31  ? 11.616  -23.966 -5.292  1.00 39.37 ? 572 ASP B CG  1 
ATOM   995  O OD1 . ASP B 1 31  ? 12.177  -24.479 -6.272  1.00 51.44 ? 572 ASP B OD1 1 
ATOM   996  O OD2 . ASP B 1 31  ? 11.282  -24.593 -4.277  1.00 37.02 ? 572 ASP B OD2 1 
ATOM   997  N N   . GLU B 1 32  ? 9.631   -19.851 -5.147  1.00 15.25 ? 573 GLU B N   1 
ATOM   998  C CA  . GLU B 1 32  ? 9.559   -18.368 -5.158  1.00 15.32 ? 573 GLU B CA  1 
ATOM   999  C C   . GLU B 1 32  ? 8.735   -17.847 -3.976  1.00 15.13 ? 573 GLU B C   1 
ATOM   1000 O O   . GLU B 1 32  ? 9.100   -16.857 -3.415  1.00 15.19 ? 573 GLU B O   1 
ATOM   1001 C CB  . GLU B 1 32  ? 8.992   -17.894 -6.490  1.00 18.35 ? 573 GLU B CB  1 
ATOM   1002 C CG  . GLU B 1 32  ? 9.972   -18.025 -7.633  1.00 18.24 ? 573 GLU B CG  1 
ATOM   1003 C CD  . GLU B 1 32  ? 9.317   -17.805 -8.979  1.00 27.74 ? 573 GLU B CD  1 
ATOM   1004 O OE1 . GLU B 1 32  ? 8.096   -17.982 -9.070  1.00 27.32 ? 573 GLU B OE1 1 
ATOM   1005 O OE2 . GLU B 1 32  ? 10.031  -17.455 -9.919  1.00 34.38 ? 573 GLU B OE2 1 
ATOM   1006 N N   . VAL B 1 33  ? 7.639   -18.526 -3.662  1.00 14.83 ? 574 VAL B N   1 
ATOM   1007 C CA  . VAL B 1 33  ? 6.814   -18.121 -2.496  1.00 14.30 ? 574 VAL B CA  1 
ATOM   1008 C C   . VAL B 1 33  ? 7.679   -18.130 -1.236  1.00 14.75 ? 574 VAL B C   1 
ATOM   1009 O O   . VAL B 1 33  ? 7.585   -17.217 -0.456  1.00 15.28 ? 574 VAL B O   1 
ATOM   1010 C CB  . VAL B 1 33  ? 5.594   -19.053 -2.363  1.00 15.51 ? 574 VAL B CB  1 
ATOM   1011 C CG1 . VAL B 1 33  ? 4.762   -18.742 -1.130  1.00 17.12 ? 574 VAL B CG1 1 
ATOM   1012 C CG2 . VAL B 1 33  ? 4.734   -19.011 -3.608  1.00 15.35 ? 574 VAL B CG2 1 
ATOM   1013 N N   . LEU B 1 34  ? 8.464   -19.191 -1.071  1.00 15.09 ? 575 LEU B N   1 
ATOM   1014 C CA  . LEU B 1 34  ? 9.275   -19.318 0.159   1.00 12.64 ? 575 LEU B CA  1 
ATOM   1015 C C   . LEU B 1 34  ? 10.342  -18.221 0.196   1.00 15.01 ? 575 LEU B C   1 
ATOM   1016 O O   . LEU B 1 34  ? 10.574  -17.675 1.237   1.00 15.57 ? 575 LEU B O   1 
ATOM   1017 C CB  . LEU B 1 34  ? 9.882   -20.722 0.186   1.00 17.86 ? 575 LEU B CB  1 
ATOM   1018 C CG  . LEU B 1 34  ? 10.689  -21.074 1.433   1.00 18.83 ? 575 LEU B CG  1 
ATOM   1019 C CD1 . LEU B 1 34  ? 9.852   -20.887 2.688   1.00 20.68 ? 575 LEU B CD1 1 
ATOM   1020 C CD2 . LEU B 1 34  ? 11.204  -22.496 1.340   1.00 17.30 ? 575 LEU B CD2 1 
ATOM   1021 N N   . ALA B 1 35  ? 10.950  -17.961 -0.941  1.00 14.17 ? 576 ALA B N   1 
ATOM   1022 C CA  . ALA B 1 35  ? 11.914  -16.852 -0.979  1.00 14.83 ? 576 ALA B CA  1 
ATOM   1023 C C   . ALA B 1 35  ? 11.203  -15.554 -0.561  1.00 17.21 ? 576 ALA B C   1 
ATOM   1024 O O   . ALA B 1 35  ? 11.763  -14.837 0.217   1.00 15.63 ? 576 ALA B O   1 
ATOM   1025 C CB  . ALA B 1 35  ? 12.519  -16.777 -2.354  1.00 14.66 ? 576 ALA B CB  1 
ATOM   1026 N N   . VAL B 1 36  ? 10.002  -15.313 -1.094  1.00 16.18 ? 577 VAL B N   1 
ATOM   1027 C CA  . VAL B 1 36  ? 9.293   -14.076 -0.741  1.00 15.91 ? 577 VAL B CA  1 
ATOM   1028 C C   . VAL B 1 36  ? 9.009   -14.025 0.758   1.00 15.34 ? 577 VAL B C   1 
ATOM   1029 O O   . VAL B 1 36  ? 9.249   -13.005 1.414   1.00 14.98 ? 577 VAL B O   1 
ATOM   1030 C CB  . VAL B 1 36  ? 7.998   -13.948 -1.568  1.00 14.85 ? 577 VAL B CB  1 
ATOM   1031 C CG1 . VAL B 1 36  ? 7.106   -12.839 -1.005  1.00 17.26 ? 577 VAL B CG1 1 
ATOM   1032 C CG2 . VAL B 1 36  ? 8.314   -13.708 -3.023  1.00 19.69 ? 577 VAL B CG2 1 
ATOM   1033 N N   . THR B 1 37  ? 8.477   -15.113 1.330   1.00 13.46 ? 578 THR B N   1 
ATOM   1034 C CA  . THR B 1 37  ? 8.147   -15.069 2.758   1.00 12.95 ? 578 THR B CA  1 
ATOM   1035 C C   . THR B 1 37  ? 9.399   -14.986 3.626   1.00 16.94 ? 578 THR B C   1 
ATOM   1036 O O   . THR B 1 37  ? 9.398   -14.306 4.656   1.00 15.28 ? 578 THR B O   1 
ATOM   1037 C CB  . THR B 1 37  ? 7.238   -16.226 3.190   1.00 16.38 ? 578 THR B CB  1 
ATOM   1038 O OG1 . THR B 1 37  ? 7.939   -17.470 3.100   1.00 19.06 ? 578 THR B OG1 1 
ATOM   1039 C CG2 . THR B 1 37  ? 5.989   -16.288 2.325   1.00 16.05 ? 578 THR B CG2 1 
ATOM   1040 N N   . ARG B 1 38  ? 10.481  -15.658 3.230   1.00 14.48 ? 579 ARG B N   1 
ATOM   1041 C CA  . ARG B 1 38  ? 11.734  -15.514 3.966   1.00 13.87 ? 579 ARG B CA  1 
ATOM   1042 C C   . ARG B 1 38  ? 12.263  -14.084 3.898   1.00 15.05 ? 579 ARG B C   1 
ATOM   1043 O O   . ARG B 1 38  ? 12.773  -13.561 4.896   1.00 15.88 ? 579 ARG B O   1 
ATOM   1044 C CB  . ARG B 1 38  ? 12.771  -16.497 3.428   1.00 14.23 ? 579 ARG B CB  1 
ATOM   1045 C CG  . ARG B 1 38  ? 12.560  -17.918 3.940   1.00 15.04 ? 579 ARG B CG  1 
ATOM   1046 C CD  . ARG B 1 38  ? 13.458  -18.912 3.209   1.00 15.56 ? 579 ARG B CD  1 
ATOM   1047 N NE  . ARG B 1 38  ? 13.320  -20.237 3.801   1.00 15.28 ? 579 ARG B NE  1 
ATOM   1048 C CZ  . ARG B 1 38  ? 13.907  -21.339 3.332   1.00 16.27 ? 579 ARG B CZ  1 
ATOM   1049 N NH1 . ARG B 1 38  ? 14.653  -21.282 2.236   1.00 17.45 ? 579 ARG B NH1 1 
ATOM   1050 N NH2 . ARG B 1 38  ? 13.709  -22.502 3.942   1.00 20.55 ? 579 ARG B NH2 1 
ATOM   1051 N N   . HIS B 1 39  ? 12.168  -13.443 2.727   1.00 13.52 ? 580 HIS B N   1 
ATOM   1052 C CA  . HIS B 1 39  ? 12.644  -12.061 2.606   1.00 14.90 ? 580 HIS B CA  1 
ATOM   1053 C C   . HIS B 1 39  ? 11.795  -11.117 3.451   1.00 15.60 ? 580 HIS B C   1 
ATOM   1054 O O   . HIS B 1 39  ? 12.332  -10.214 4.106   1.00 15.34 ? 580 HIS B O   1 
ATOM   1055 C CB  . HIS B 1 39  ? 12.608  -11.610 1.144   1.00 16.82 ? 580 HIS B CB  1 
ATOM   1056 C CG  . HIS B 1 39  ? 13.751  -12.116 0.322   1.00 19.01 ? 580 HIS B CG  1 
ATOM   1057 N ND1 . HIS B 1 39  ? 15.068  -11.877 0.647   1.00 25.11 ? 580 HIS B ND1 1 
ATOM   1058 C CD2 . HIS B 1 39  ? 13.773  -12.850 -0.818  1.00 21.23 ? 580 HIS B CD2 1 
ATOM   1059 C CE1 . HIS B 1 39  ? 15.852  -12.448 -0.251  1.00 26.42 ? 580 HIS B CE1 1 
ATOM   1060 N NE2 . HIS B 1 39  ? 15.091  -13.042 -1.152  1.00 23.15 ? 580 HIS B NE2 1 
ATOM   1061 N N   . CYS B 1 40  ? 10.468  -11.287 3.426   1.00 14.65 ? 581 CYS B N   1 
ATOM   1062 C CA  . CYS B 1 40  ? 9.594   -10.432 4.231   1.00 17.07 ? 581 CYS B CA  1 
ATOM   1063 C C   . CYS B 1 40  ? 9.839   -10.639 5.715   1.00 15.70 ? 581 CYS B C   1 
ATOM   1064 O O   . CYS B 1 40  ? 9.939   -9.675  6.485   1.00 15.64 ? 581 CYS B O   1 
ATOM   1065 C CB  . CYS B 1 40  ? 8.131   -10.715 3.907   1.00 15.97 ? 581 CYS B CB  1 
ATOM   1066 S SG  . CYS B 1 40  ? 7.622   -10.163 2.265   1.00 16.14 ? 581 CYS B SG  1 
ATOM   1067 N N   . SER B 1 41  ? 9.946   -11.894 6.139   1.00 14.97 ? 582 SER B N   1 
ATOM   1068 C CA  . SER B 1 41  ? 10.195  -12.162 7.549   1.00 14.17 ? 582 SER B CA  1 
ATOM   1069 C C   . SER B 1 41  ? 11.510  -11.544 8.000   1.00 15.44 ? 582 SER B C   1 
ATOM   1070 O O   . SER B 1 41  ? 11.579  -10.925 9.071   1.00 17.40 ? 582 SER B O   1 
ATOM   1071 C CB  . SER B 1 41  ? 10.199  -13.671 7.782   1.00 14.54 ? 582 SER B CB  1 
ATOM   1072 O OG  . SER B 1 41  ? 10.446  -13.954 9.157   1.00 18.14 ? 582 SER B OG  1 
ATOM   1073 N N   . ARG B 1 42  ? 12.553  -11.656 7.193   1.00 14.87 ? 583 ARG B N   1 
ATOM   1074 C CA  . ARG B 1 42  ? 13.867  -11.096 7.594   1.00 14.06 ? 583 ARG B CA  1 
ATOM   1075 C C   . ARG B 1 42  ? 13.761  -9.570  7.748   1.00 15.27 ? 583 ARG B C   1 
ATOM   1076 O O   . ARG B 1 42  ? 14.265  -9.022  8.693   1.00 15.01 ? 583 ARG B O   1 
ATOM   1077 C CB  . ARG B 1 42  ? 14.931  -11.455 6.562   1.00 15.88 ? 583 ARG B CB  1 
ATOM   1078 C CG  . ARG B 1 42  ? 16.347  -11.077 6.973   1.00 18.42 ? 583 ARG B CG  1 
ATOM   1079 C CD  . ARG B 1 42  ? 17.215  -10.549 5.848   1.00 29.09 ? 583 ARG B CD  1 
ATOM   1080 N NE  . ARG B 1 42  ? 16.590  -9.472  5.095   1.00 27.79 ? 583 ARG B NE  1 
ATOM   1081 C CZ  . ARG B 1 42  ? 16.704  -8.177  5.374   1.00 24.58 ? 583 ARG B CZ  1 
ATOM   1082 N NH1 . ARG B 1 42  ? 17.435  -7.785  6.400   1.00 23.24 ? 583 ARG B NH1 1 
ATOM   1083 N NH2 . ARG B 1 42  ? 16.093  -7.281  4.620   1.00 21.74 ? 583 ARG B NH2 1 
ATOM   1084 N N   . TYR B 1 43  ? 13.096  -8.939  6.797   1.00 14.95 ? 584 TYR B N   1 
ATOM   1085 C CA  . TYR B 1 43  ? 12.969  -7.467  6.826   1.00 14.35 ? 584 TYR B CA  1 
ATOM   1086 C C   . TYR B 1 43  ? 12.251  -6.963  8.084   1.00 15.72 ? 584 TYR B C   1 
ATOM   1087 O O   . TYR B 1 43  ? 12.728  -6.045  8.725   1.00 15.16 ? 584 TYR B O   1 
ATOM   1088 C CB  . TYR B 1 43  ? 12.225  -6.949  5.588   1.00 14.94 ? 584 TYR B CB  1 
ATOM   1089 C CG  . TYR B 1 43  ? 11.842  -5.507  5.765   1.00 12.82 ? 584 TYR B CG  1 
ATOM   1090 C CD1 . TYR B 1 43  ? 12.798  -4.512  5.679   1.00 13.34 ? 584 TYR B CD1 1 
ATOM   1091 C CD2 . TYR B 1 43  ? 10.553  -5.153  6.118   1.00 15.02 ? 584 TYR B CD2 1 
ATOM   1092 C CE1 . TYR B 1 43  ? 12.473  -3.192  5.919   1.00 12.44 ? 584 TYR B CE1 1 
ATOM   1093 C CE2 . TYR B 1 43  ? 10.214  -3.841  6.369   1.00 12.64 ? 584 TYR B CE2 1 
ATOM   1094 C CZ  . TYR B 1 43  ? 11.176  -2.860  6.259   1.00 14.90 ? 584 TYR B CZ  1 
ATOM   1095 O OH  . TYR B 1 43  ? 10.825  -1.571  6.492   1.00 16.34 ? 584 TYR B OH  1 
ATOM   1096 N N   . VAL B 1 44  ? 11.101  -7.543  8.379   1.00 15.35 ? 585 VAL B N   1 
ATOM   1097 C CA  . VAL B 1 44  ? 10.296  -7.011  9.519   1.00 14.82 ? 585 VAL B CA  1 
ATOM   1098 C C   . VAL B 1 44  ? 11.061  -7.174  10.842  1.00 16.93 ? 585 VAL B C   1 
ATOM   1099 O O   . VAL B 1 44  ? 10.877  -6.365  11.717  1.00 17.15 ? 585 VAL B O   1 
ATOM   1100 C CB  . VAL B 1 44  ? 8.870   -7.586  9.571   1.00 17.05 ? 585 VAL B CB  1 
ATOM   1101 C CG1 . VAL B 1 44  ? 8.072   -7.179  8.348   1.00 15.15 ? 585 VAL B CG1 1 
ATOM   1102 C CG2 . VAL B 1 44  ? 8.844   -9.090  9.761   1.00 16.50 ? 585 VAL B CG2 1 
ATOM   1103 N N   . HIS B 1 45  ? 11.916  -8.183  10.910  1.00 15.76 ? 586 HIS B N   1 
ATOM   1104 C CA  . HIS B 1 45  ? 12.702  -8.412  12.144  1.00 17.33 ? 586 HIS B CA  1 
ATOM   1105 C C   . HIS B 1 45  ? 14.030  -7.641  12.145  1.00 21.01 ? 586 HIS B C   1 
ATOM   1106 O O   . HIS B 1 45  ? 14.436  -7.221  13.222  1.00 24.78 ? 586 HIS B O   1 
ATOM   1107 C CB  . HIS B 1 45  ? 12.932  -9.921  12.355  1.00 17.60 ? 586 HIS B CB  1 
ATOM   1108 C CG  . HIS B 1 45  ? 11.729  -10.642 12.847  1.00 19.66 ? 586 HIS B CG  1 
ATOM   1109 N ND1 . HIS B 1 45  ? 10.934  -11.405 12.019  1.00 25.49 ? 586 HIS B ND1 1 
ATOM   1110 C CD2 . HIS B 1 45  ? 11.187  -10.723 14.076  1.00 19.23 ? 586 HIS B CD2 1 
ATOM   1111 C CE1 . HIS B 1 45  ? 9.949   -11.918 12.719  1.00 18.65 ? 586 HIS B CE1 1 
ATOM   1112 N NE2 . HIS B 1 45  ? 10.083  -11.518 13.977  1.00 24.61 ? 586 HIS B NE2 1 
ATOM   1113 N N   . GLU B 1 46  ? 14.663  -7.468  10.990  1.00 18.43 ? 587 GLU B N   1 
ATOM   1114 C CA  . GLU B 1 46  ? 16.038  -6.891  10.975  1.00 21.06 ? 587 GLU B CA  1 
ATOM   1115 C C   . GLU B 1 46  ? 16.135  -5.539  10.270  1.00 22.99 ? 587 GLU B C   1 
ATOM   1116 O O   . GLU B 1 46  ? 17.140  -4.875  10.441  1.00 22.11 ? 587 GLU B O   1 
ATOM   1117 C CB  . GLU B 1 46  ? 16.977  -7.829  10.224  1.00 21.60 ? 587 GLU B CB  1 
ATOM   1118 C CG  . GLU B 1 46  ? 17.143  -9.202  10.834  1.00 28.34 ? 587 GLU B CG  1 
ATOM   1119 C CD  . GLU B 1 46  ? 18.208  -10.004 10.112  1.00 35.73 ? 587 GLU B CD  1 
ATOM   1120 O OE1 . GLU B 1 46  ? 18.517  -11.102 10.570  1.00 44.82 ? 587 GLU B OE1 1 
ATOM   1121 O OE2 . GLU B 1 46  ? 18.726  -9.519  9.093   1.00 36.47 ? 587 GLU B OE2 1 
ATOM   1122 N N   . GLY B 1 47  ? 15.145  -5.189  9.466   1.00 18.28 ? 588 GLY B N   1 
ATOM   1123 C CA  . GLY B 1 47  ? 15.230  -3.955  8.680   1.00 17.89 ? 588 GLY B CA  1 
ATOM   1124 C C   . GLY B 1 47  ? 15.988  -4.157  7.396   1.00 19.65 ? 588 GLY B C   1 
ATOM   1125 O O   . GLY B 1 47  ? 16.306  -5.278  7.073   1.00 22.04 ? 588 GLY B O   1 
ATOM   1126 N N   . GLY B 1 48  ? 16.265  -3.061  6.710   1.00 16.64 ? 589 GLY B N   1 
ATOM   1127 C CA  . GLY B 1 48  ? 16.984  -3.141  5.432   1.00 19.65 ? 589 GLY B CA  1 
ATOM   1128 C C   . GLY B 1 48  ? 16.023  -3.202  4.260   1.00 18.86 ? 589 GLY B C   1 
ATOM   1129 O O   . GLY B 1 48  ? 15.888  -4.260  3.673   1.00 18.46 ? 589 GLY B O   1 
ATOM   1130 N N   . VAL B 1 49  ? 15.425  -2.064  3.914   1.00 18.69 ? 590 VAL B N   1 
ATOM   1131 C CA  . VAL B 1 49  ? 14.387  -2.155  2.890   1.00 16.17 ? 590 VAL B CA  1 
ATOM   1132 C C   . VAL B 1 49  ? 14.968  -2.416  1.504   1.00 18.89 ? 590 VAL B C   1 
ATOM   1133 O O   . VAL B 1 49  ? 14.321  -3.059  0.670   1.00 17.03 ? 590 VAL B O   1 
ATOM   1134 C CB  . VAL B 1 49  ? 13.442  -0.932  2.951   1.00 16.08 ? 590 VAL B CB  1 
ATOM   1135 C CG1 . VAL B 1 49  ? 14.110  0.314   2.399   1.00 17.39 ? 590 VAL B CG1 1 
ATOM   1136 C CG2 . VAL B 1 49  ? 12.135  -1.226  2.229   1.00 18.70 ? 590 VAL B CG2 1 
ATOM   1137 N N   . GLU B 1 50  ? 16.171  -1.957  1.197   1.00 18.75 ? 591 GLU B N   1 
ATOM   1138 C CA  . GLU B 1 50  ? 16.782  -2.252  -0.123  1.00 19.69 ? 591 GLU B CA  1 
ATOM   1139 C C   . GLU B 1 50  ? 17.026  -3.752  -0.277  1.00 18.59 ? 591 GLU B C   1 
ATOM   1140 O O   . GLU B 1 50  ? 16.840  -4.255  -1.357  1.00 20.00 ? 591 GLU B O   1 
ATOM   1141 C CB  . GLU B 1 50  ? 18.085  -1.480  -0.315  1.00 19.98 ? 591 GLU B CB  1 
ATOM   1142 C CG  . GLU B 1 50  ? 17.910  0.019   -0.385  1.00 23.75 ? 591 GLU B CG  1 
ATOM   1143 C CD  . GLU B 1 50  ? 19.165  0.735   -0.846  1.00 31.82 ? 591 GLU B CD  1 
ATOM   1144 O OE1 . GLU B 1 50  ? 20.145  0.044   -1.168  1.00 37.18 ? 591 GLU B OE1 1 
ATOM   1145 O OE2 . GLU B 1 50  ? 19.158  1.974   -0.873  1.00 35.54 ? 591 GLU B OE2 1 
ATOM   1146 N N   . ASP B 1 51  ? 17.411  -4.414  0.807   1.00 18.32 ? 592 ASP B N   1 
ATOM   1147 C CA  . ASP B 1 51  ? 17.677  -5.869  0.781   1.00 17.15 ? 592 ASP B CA  1 
ATOM   1148 C C   . ASP B 1 51  ? 16.371  -6.653  0.649   1.00 19.01 ? 592 ASP B C   1 
ATOM   1149 O O   . ASP B 1 51  ? 16.437  -7.814  0.338   1.00 21.11 ? 592 ASP B O   1 
ATOM   1150 C CB  . ASP B 1 51  ? 18.482  -6.297  2.000   1.00 20.17 ? 592 ASP B CB  1 
ATOM   1151 C CG  . ASP B 1 51  ? 19.921  -5.817  1.953   1.00 34.00 ? 592 ASP B CG  1 
ATOM   1152 O OD1 . ASP B 1 51  ? 20.507  -5.641  3.027   1.00 44.70 ? 592 ASP B OD1 1 
ATOM   1153 O OD2 . ASP B 1 51  ? 20.426  -5.602  0.850   1.00 32.13 ? 592 ASP B OD2 1 
ATOM   1154 N N   . LEU B 1 52  ? 15.242  -6.028  0.930   1.00 18.28 ? 593 LEU B N   1 
ATOM   1155 C CA  . LEU B 1 52  ? 13.940  -6.697  0.686   1.00 13.38 ? 593 LEU B CA  1 
ATOM   1156 C C   . LEU B 1 52  ? 13.535  -6.448  -0.766  1.00 17.99 ? 593 LEU B C   1 
ATOM   1157 O O   . LEU B 1 52  ? 13.189  -7.379  -1.440  1.00 16.83 ? 593 LEU B O   1 
ATOM   1158 C CB  . LEU B 1 52  ? 12.895  -6.114  1.647   1.00 15.94 ? 593 LEU B CB  1 
ATOM   1159 C CG  . LEU B 1 52  ? 11.440  -6.459  1.340   1.00 13.94 ? 593 LEU B CG  1 
ATOM   1160 C CD1 . LEU B 1 52  ? 11.153  -7.910  1.667   1.00 16.37 ? 593 LEU B CD1 1 
ATOM   1161 C CD2 . LEU B 1 52  ? 10.483  -5.547  2.090   1.00 16.30 ? 593 LEU B CD2 1 
ATOM   1162 N N   . VAL B 1 53  ? 13.635  -5.204  -1.208  1.00 16.74 ? 594 VAL B N   1 
ATOM   1163 C CA  . VAL B 1 53  ? 13.089  -4.865  -2.549  1.00 14.75 ? 594 VAL B CA  1 
ATOM   1164 C C   . VAL B 1 53  ? 13.890  -5.486  -3.698  1.00 15.97 ? 594 VAL B C   1 
ATOM   1165 O O   . VAL B 1 53  ? 13.274  -5.991  -4.606  1.00 17.45 ? 594 VAL B O   1 
ATOM   1166 C CB  . VAL B 1 53  ? 12.907  -3.345  -2.705  1.00 15.94 ? 594 VAL B CB  1 
ATOM   1167 C CG1 . VAL B 1 53  ? 12.479  -2.960  -4.105  1.00 16.82 ? 594 VAL B CG1 1 
ATOM   1168 C CG2 . VAL B 1 53  ? 11.916  -2.810  -1.693  1.00 21.52 ? 594 VAL B CG2 1 
ATOM   1169 N N   . ARG B 1 54  ? 15.212  -5.430  -3.639  1.00 19.64 ? 595 ARG B N   1 
ATOM   1170 C CA  . ARG B 1 54  ? 16.007  -5.936  -4.780  1.00 21.09 ? 595 ARG B CA  1 
ATOM   1171 C C   . ARG B 1 54  ? 15.615  -7.376  -5.144  1.00 20.18 ? 595 ARG B C   1 
ATOM   1172 O O   . ARG B 1 54  ? 15.294  -7.618  -6.288  1.00 20.14 ? 595 ARG B O   1 
ATOM   1173 C CB  . ARG B 1 54  ? 17.517  -5.779  -4.546  1.00 23.05 ? 595 ARG B CB  1 
ATOM   1174 C CG  . ARG B 1 54  ? 18.061  -4.364  -4.477  1.00 49.80 ? 595 ARG B CG  1 
ATOM   1175 C CD  . ARG B 1 54  ? 19.516  -4.397  -4.028  1.00 60.00 ? 595 ARG B CD  1 
ATOM   1176 N NE  . ARG B 1 54  ? 19.726  -5.143  -2.789  1.00 64.62 ? 595 ARG B NE  1 
ATOM   1177 C CZ  . ARG B 1 54  ? 20.197  -6.384  -2.724  1.00 60.03 ? 595 ARG B CZ  1 
ATOM   1178 N NH1 . ARG B 1 54  ? 20.498  -7.031  -3.835  1.00 60.99 ? 595 ARG B NH1 1 
ATOM   1179 N NH2 . ARG B 1 54  ? 20.338  -6.984  -1.559  1.00 49.82 ? 595 ARG B NH2 1 
ATOM   1180 N N   . PRO B 1 55  ? 15.650  -8.355  -4.228  1.00 18.88 ? 596 PRO B N   1 
ATOM   1181 C CA  . PRO B 1 55  ? 15.270  -9.695  -4.596  1.00 17.39 ? 596 PRO B CA  1 
ATOM   1182 C C   . PRO B 1 55  ? 13.812  -9.851  -5.029  1.00 19.09 ? 596 PRO B C   1 
ATOM   1183 O O   . PRO B 1 55  ? 13.566  -10.627 -5.863  1.00 19.91 ? 596 PRO B O   1 
ATOM   1184 C CB  . PRO B 1 55  ? 15.575  -10.536 -3.350  1.00 23.49 ? 596 PRO B CB  1 
ATOM   1185 C CG  . PRO B 1 55  ? 15.570  -9.551  -2.225  1.00 20.06 ? 596 PRO B CG  1 
ATOM   1186 C CD  . PRO B 1 55  ? 16.134  -8.297  -2.844  1.00 22.15 ? 596 PRO B CD  1 
ATOM   1187 N N   . LEU B 1 56  ? 12.912  -9.089  -4.418  1.00 17.43 ? 597 LEU B N   1 
ATOM   1188 C CA  . LEU B 1 56  ? 11.493  -9.143  -4.824  1.00 17.41 ? 597 LEU B CA  1 
ATOM   1189 C C   . LEU B 1 56  ? 11.361  -8.694  -6.278  1.00 20.05 ? 597 LEU B C   1 
ATOM   1190 O O   . LEU B 1 56  ? 10.591  -9.263  -6.987  1.00 18.65 ? 597 LEU B O   1 
ATOM   1191 C CB  . LEU B 1 56  ? 10.639  -8.279  -3.889  1.00 15.89 ? 597 LEU B CB  1 
ATOM   1192 C CG  . LEU B 1 56  ? 10.432  -8.802  -2.470  1.00 17.22 ? 597 LEU B CG  1 
ATOM   1193 C CD1 . LEU B 1 56  ? 9.554   -7.846  -1.686  1.00 18.37 ? 597 LEU B CD1 1 
ATOM   1194 C CD2 . LEU B 1 56  ? 9.826   -10.191 -2.477  1.00 21.66 ? 597 LEU B CD2 1 
ATOM   1195 N N   . LEU B 1 57  ? 12.104  -7.667  -6.666  1.00 17.38 ? 598 LEU B N   1 
ATOM   1196 C CA  . LEU B 1 57  ? 11.934  -7.176  -8.048  1.00 17.09 ? 598 LEU B CA  1 
ATOM   1197 C C   . LEU B 1 57  ? 12.454  -8.208  -9.057  1.00 20.17 ? 598 LEU B C   1 
ATOM   1198 O O   . LEU B 1 57  ? 11.954  -8.239  -10.168 1.00 23.08 ? 598 LEU B O   1 
ATOM   1199 C CB  . LEU B 1 57  ? 12.638  -5.832  -8.185  1.00 17.64 ? 598 LEU B CB  1 
ATOM   1200 C CG  . LEU B 1 57  ? 11.926  -4.658  -7.515  1.00 21.50 ? 598 LEU B CG  1 
ATOM   1201 C CD1 . LEU B 1 57  ? 12.676  -3.362  -7.762  1.00 22.15 ? 598 LEU B CD1 1 
ATOM   1202 C CD2 . LEU B 1 57  ? 10.491  -4.541  -7.989  1.00 23.64 ? 598 LEU B CD2 1 
ATOM   1203 N N   . ALA B 1 58  ? 13.402  -9.037  -8.650  1.00 17.90 ? 599 ALA B N   1 
ATOM   1204 C CA  . ALA B 1 58  ? 13.869  -10.108 -9.548  1.00 20.34 ? 599 ALA B CA  1 
ATOM   1205 C C   . ALA B 1 58  ? 12.831  -11.232 -9.628  1.00 21.59 ? 599 ALA B C   1 
ATOM   1206 O O   . ALA B 1 58  ? 12.723  -11.842 -10.676 1.00 22.89 ? 599 ALA B O   1 
ATOM   1207 C CB  . ALA B 1 58  ? 15.186  -10.625 -9.062  1.00 24.90 ? 599 ALA B CB  1 
ATOM   1208 N N   . ILE B 1 59  ? 12.116  -11.482 -8.534  1.00 16.32 ? 600 ILE B N   1 
ATOM   1209 C CA  . ILE B 1 59  ? 11.121  -12.557 -8.521  1.00 15.87 ? 600 ILE B CA  1 
ATOM   1210 C C   . ILE B 1 59  ? 9.813   -12.103 -9.154  1.00 18.34 ? 600 ILE B C   1 
ATOM   1211 O O   . ILE B 1 59  ? 9.185   -12.846 -9.916  1.00 19.37 ? 600 ILE B O   1 
ATOM   1212 C CB  . ILE B 1 59  ? 10.899  -13.051 -7.077  1.00 15.72 ? 600 ILE B CB  1 
ATOM   1213 C CG1 . ILE B 1 59  ? 12.163  -13.695 -6.504  1.00 21.35 ? 600 ILE B CG1 1 
ATOM   1214 C CG2 . ILE B 1 59  ? 9.678   -13.986 -6.988  1.00 18.59 ? 600 ILE B CG2 1 
ATOM   1215 C CD1 . ILE B 1 59  ? 12.188  -13.760 -4.979  1.00 22.70 ? 600 ILE B CD1 1 
ATOM   1216 N N   . LEU B 1 60  ? 9.364   -10.887 -8.837  1.00 16.46 ? 601 LEU B N   1 
ATOM   1217 C CA  . LEU B 1 60  ? 8.068   -10.400 -9.301  1.00 15.07 ? 601 LEU B CA  1 
ATOM   1218 C C   . LEU B 1 60  ? 8.282   -9.715  -10.647 1.00 16.23 ? 601 LEU B C   1 
ATOM   1219 O O   . LEU B 1 60  ? 8.282   -8.483  -10.773 1.00 19.04 ? 601 LEU B O   1 
ATOM   1220 C CB  . LEU B 1 60  ? 7.461   -9.469  -8.256  1.00 17.01 ? 601 LEU B CB  1 
ATOM   1221 C CG  . LEU B 1 60  ? 7.471   -10.052 -6.841  1.00 13.73 ? 601 LEU B CG  1 
ATOM   1222 C CD1 . LEU B 1 60  ? 6.942   -9.023  -5.848  1.00 16.92 ? 601 LEU B CD1 1 
ATOM   1223 C CD2 . LEU B 1 60  ? 6.644   -11.342 -6.768  1.00 16.99 ? 601 LEU B CD2 1 
ATOM   1224 N N   . ASP B 1 61  ? 8.451   -10.547 -11.680 1.00 19.55 ? 602 ASP B N   1 
ATOM   1225 C CA  . ASP B 1 61  ? 9.049   -10.112 -12.937 1.00 21.60 ? 602 ASP B CA  1 
ATOM   1226 C C   . ASP B 1 61  ? 8.043   -9.939  -14.069 1.00 20.86 ? 602 ASP B C   1 
ATOM   1227 O O   . ASP B 1 61  ? 8.441   -9.962  -15.239 1.00 23.29 ? 602 ASP B O   1 
ATOM   1228 C CB  . ASP B 1 61  ? 10.169  -11.065 -13.363 1.00 19.84 ? 602 ASP B CB  1 
ATOM   1229 C CG  . ASP B 1 61  ? 9.656   -12.440 -13.745 1.00 23.69 ? 602 ASP B CG  1 
ATOM   1230 O OD1 . ASP B 1 61  ? 8.486   -12.743 -13.448 1.00 24.02 ? 602 ASP B OD1 1 
ATOM   1231 O OD2 . ASP B 1 61  ? 10.420  -13.216 -14.367 1.00 20.85 ? 602 ASP B OD2 1 
ATOM   1232 N N   . ARG B 1 62  ? 6.764   -9.788  -13.752 1.00 17.81 ? 603 ARG B N   1 
ATOM   1233 C CA  . ARG B 1 62  ? 5.732   -9.437  -14.718 1.00 20.87 ? 603 ARG B CA  1 
ATOM   1234 C C   . ARG B 1 62  ? 4.631   -8.699  -13.979 1.00 21.38 ? 603 ARG B C   1 
ATOM   1235 O O   . ARG B 1 62  ? 4.530   -8.799  -12.748 1.00 20.86 ? 603 ARG B O   1 
ATOM   1236 C CB  . ARG B 1 62  ? 5.177   -10.680 -15.434 1.00 22.38 ? 603 ARG B CB  1 
ATOM   1237 C CG  . ARG B 1 62  ? 4.373   -11.598 -14.534 1.00 24.97 ? 603 ARG B CG  1 
ATOM   1238 C CD  . ARG B 1 62  ? 4.057   -12.917 -15.217 1.00 27.59 ? 603 ARG B CD  1 
ATOM   1239 N NE  . ARG B 1 62  ? 3.247   -12.715 -16.409 1.00 31.70 ? 603 ARG B NE  1 
ATOM   1240 C CZ  . ARG B 1 62  ? 3.053   -13.639 -17.347 1.00 30.70 ? 603 ARG B CZ  1 
ATOM   1241 N NH1 . ARG B 1 62  ? 2.296   -13.363 -18.398 1.00 37.34 ? 603 ARG B NH1 1 
ATOM   1242 N NH2 . ARG B 1 62  ? 3.625   -14.829 -17.242 1.00 31.78 ? 603 ARG B NH2 1 
ATOM   1243 N N   . PRO B 1 63  ? 3.795   -7.935  -14.692 1.00 21.11 ? 604 PRO B N   1 
ATOM   1244 C CA  . PRO B 1 63  ? 2.791   -7.108  -14.004 1.00 23.49 ? 604 PRO B CA  1 
ATOM   1245 C C   . PRO B 1 63  ? 1.912   -7.843  -13.001 1.00 22.87 ? 604 PRO B C   1 
ATOM   1246 O O   . PRO B 1 63  ? 1.698   -7.310  -11.908 1.00 22.04 ? 604 PRO B O   1 
ATOM   1247 C CB  . PRO B 1 63  ? 2.008   -6.485  -15.170 1.00 26.28 ? 604 PRO B CB  1 
ATOM   1248 C CG  . PRO B 1 63  ? 3.071   -6.325  -16.212 1.00 26.39 ? 604 PRO B CG  1 
ATOM   1249 C CD  . PRO B 1 63  ? 3.847   -7.613  -16.130 1.00 22.47 ? 604 PRO B CD  1 
ATOM   1250 N N   . THR B 1 64  ? 1.410   -9.043  -13.314 1.00 22.56 ? 605 THR B N   1 
ATOM   1251 C CA  . THR B 1 64  ? 0.529   -9.712  -12.356 1.00 19.55 ? 605 THR B CA  1 
ATOM   1252 C C   . THR B 1 64  ? 1.264   -10.059 -11.067 1.00 21.62 ? 605 THR B C   1 
ATOM   1253 O O   . THR B 1 64  ? 0.703   -9.922  -9.975  1.00 22.14 ? 605 THR B O   1 
ATOM   1254 C CB  . THR B 1 64  ? -0.142  -10.942 -12.968 1.00 26.46 ? 605 THR B CB  1 
ATOM   1255 O OG1 . THR B 1 64  ? 0.852   -11.878 -13.408 1.00 35.03 ? 605 THR B OG1 1 
ATOM   1256 C CG2 . THR B 1 64  ? -1.012  -10.525 -14.144 1.00 28.31 ? 605 THR B CG2 1 
ATOM   1257 N N   . LYS B 1 65  ? 2.524   -10.493 -11.168 1.00 19.28 ? 606 LYS B N   1 
ATOM   1258 C CA  . LYS B 1 65  ? 3.282   -10.819 -9.962  1.00 17.44 ? 606 LYS B CA  1 
ATOM   1259 C C   . LYS B 1 65  ? 3.547   -9.580  -9.114  1.00 17.50 ? 606 LYS B C   1 
ATOM   1260 O O   . LYS B 1 65  ? 3.655   -9.676  -7.885  1.00 17.74 ? 606 LYS B O   1 
ATOM   1261 C CB  . LYS B 1 65  ? 4.612   -11.481 -10.332 1.00 17.99 ? 606 LYS B CB  1 
ATOM   1262 C CG  . LYS B 1 65  ? 4.472   -12.828 -11.038 1.00 19.04 ? 606 LYS B CG  1 
ATOM   1263 C CD  . LYS B 1 65  ? 5.836   -13.341 -11.485 1.00 16.50 ? 606 LYS B CD  1 
ATOM   1264 C CE  . LYS B 1 65  ? 5.714   -14.650 -12.255 1.00 21.14 ? 606 LYS B CE  1 
ATOM   1265 N NZ  . LYS B 1 65  ? 7.034   -15.180 -12.700 1.00 25.25 ? 606 LYS B NZ  1 
ATOM   1266 N N   . LEU B 1 66  ? 3.643   -8.421  -9.731  1.00 18.34 ? 607 LEU B N   1 
ATOM   1267 C CA  . LEU B 1 66  ? 3.911   -7.177  -8.982  1.00 16.85 ? 607 LEU B CA  1 
ATOM   1268 C C   . LEU B 1 66  ? 2.741   -6.847  -8.050  1.00 20.04 ? 607 LEU B C   1 
ATOM   1269 O O   . LEU B 1 66  ? 2.935   -6.033  -7.171  1.00 20.09 ? 607 LEU B O   1 
ATOM   1270 C CB  . LEU B 1 66  ? 4.219   -6.061  -9.979  1.00 18.69 ? 607 LEU B CB  1 
ATOM   1271 C CG  . LEU B 1 66  ? 5.600   -6.126  -10.616 1.00 26.42 ? 607 LEU B CG  1 
ATOM   1272 C CD1 . LEU B 1 66  ? 5.650   -5.285  -11.876 1.00 37.85 ? 607 LEU B CD1 1 
ATOM   1273 C CD2 . LEU B 1 66  ? 6.654   -5.671  -9.630  1.00 21.75 ? 607 LEU B CD2 1 
ATOM   1274 N N   . LEU B 1 67  ? 1.569   -7.431  -8.297  1.00 18.26 ? 608 LEU B N   1 
ATOM   1275 C CA  . LEU B 1 67  ? 0.460   -7.257  -7.369  1.00 16.57 ? 608 LEU B CA  1 
ATOM   1276 C C   . LEU B 1 67  ? 0.865   -7.609  -5.943  1.00 19.32 ? 608 LEU B C   1 
ATOM   1277 O O   . LEU B 1 67  ? 0.304   -7.064  -4.987  1.00 18.70 ? 608 LEU B O   1 
ATOM   1278 C CB  . LEU B 1 67  ? -0.727  -8.130  -7.795  1.00 21.19 ? 608 LEU B CB  1 
ATOM   1279 C CG  . LEU B 1 67  ? -1.500  -7.676  -9.031  1.00 27.39 ? 608 LEU B CG  1 
ATOM   1280 C CD1 . LEU B 1 67  ? -2.441  -8.774  -9.521  1.00 26.34 ? 608 LEU B CD1 1 
ATOM   1281 C CD2 . LEU B 1 67  ? -2.257  -6.386  -8.736  1.00 28.39 ? 608 LEU B CD2 1 
ATOM   1282 N N   . LEU B 1 68  ? 1.843   -8.509  -5.774  1.00 18.02 ? 609 LEU B N   1 
ATOM   1283 C CA  . LEU B 1 68  ? 2.223   -8.911  -4.423  1.00 15.68 ? 609 LEU B CA  1 
ATOM   1284 C C   . LEU B 1 68  ? 2.856   -7.765  -3.656  1.00 17.37 ? 609 LEU B C   1 
ATOM   1285 O O   . LEU B 1 68  ? 2.794   -7.739  -2.419  1.00 17.08 ? 609 LEU B O   1 
ATOM   1286 C CB  . LEU B 1 68  ? 3.180   -10.097 -4.467  1.00 16.36 ? 609 LEU B CB  1 
ATOM   1287 C CG  . LEU B 1 68  ? 2.475   -11.451 -4.503  1.00 26.44 ? 609 LEU B CG  1 
ATOM   1288 C CD1 . LEU B 1 68  ? 3.458   -12.517 -4.959  1.00 32.48 ? 609 LEU B CD1 1 
ATOM   1289 C CD2 . LEU B 1 68  ? 1.870   -11.804 -3.144  1.00 24.96 ? 609 LEU B CD2 1 
ATOM   1290 N N   . LEU B 1 69  ? 3.422   -6.798  -4.364  1.00 18.69 ? 610 LEU B N   1 
ATOM   1291 C CA  . LEU B 1 69  ? 4.093   -5.654  -3.696  1.00 16.72 ? 610 LEU B CA  1 
ATOM   1292 C C   . LEU B 1 69  ? 3.086   -4.742  -2.990  1.00 18.80 ? 610 LEU B C   1 
ATOM   1293 O O   . LEU B 1 69  ? 3.487   -4.046  -2.084  1.00 16.42 ? 610 LEU B O   1 
ATOM   1294 C CB  . LEU B 1 69  ? 4.938   -4.872  -4.710  1.00 17.86 ? 610 LEU B CB  1 
ATOM   1295 C CG  . LEU B 1 69  ? 6.287   -5.485  -5.064  1.00 23.81 ? 610 LEU B CG  1 
ATOM   1296 C CD1 . LEU B 1 69  ? 7.033   -4.604  -6.042  1.00 26.17 ? 610 LEU B CD1 1 
ATOM   1297 C CD2 . LEU B 1 69  ? 7.121   -5.713  -3.820  1.00 22.81 ? 610 LEU B CD2 1 
ATOM   1298 N N   . ARG B 1 70  ? 1.835   -4.761  -3.428  1.00 16.30 ? 611 ARG B N   1 
ATOM   1299 C CA  . ARG B 1 70  ? 0.800   -3.931  -2.767  1.00 15.93 ? 611 ARG B CA  1 
ATOM   1300 C C   . ARG B 1 70  ? 0.711   -4.303  -1.295  1.00 15.89 ? 611 ARG B C   1 
ATOM   1301 O O   . ARG B 1 70  ? 0.808   -3.428  -0.459  1.00 17.73 ? 611 ARG B O   1 
ATOM   1302 C CB  . ARG B 1 70  ? -0.576  -4.074  -3.438  1.00 18.40 ? 611 ARG B CB  1 
ATOM   1303 C CG  . ARG B 1 70  ? -0.636  -3.609  -4.883  1.00 19.02 ? 611 ARG B CG  1 
ATOM   1304 C CD  . ARG B 1 70  ? -1.998  -3.852  -5.503  1.00 16.93 ? 611 ARG B CD  1 
ATOM   1305 N NE  . ARG B 1 70  ? -3.039  -2.936  -5.066  1.00 16.54 ? 611 ARG B NE  1 
ATOM   1306 C CZ  . ARG B 1 70  ? -3.246  -1.735  -5.585  1.00 18.87 ? 611 ARG B CZ  1 
ATOM   1307 N NH1 . ARG B 1 70  ? -2.472  -1.286  -6.554  1.00 18.11 ? 611 ARG B NH1 1 
ATOM   1308 N NH2 . ARG B 1 70  ? -4.227  -0.985  -5.133  1.00 17.46 ? 611 ARG B NH2 1 
ATOM   1309 N N   . ASP B 1 71  ? 0.522   -5.588  -1.023  1.00 16.53 ? 612 ASP B N   1 
ATOM   1310 C CA  . ASP B 1 71  ? 0.364   -5.969  0.366   1.00 17.89 ? 612 ASP B CA  1 
ATOM   1311 C C   . ASP B 1 71  ? 1.685   -5.962  1.109   1.00 14.34 ? 612 ASP B C   1 
ATOM   1312 O O   . ASP B 1 71  ? 1.704   -5.719  2.321   1.00 20.36 ? 612 ASP B O   1 
ATOM   1313 C CB  . ASP B 1 71  ? -0.319  -7.327  0.472   1.00 18.94 ? 612 ASP B CB  1 
ATOM   1314 C CG  . ASP B 1 71  ? -1.775  -7.250  0.062   1.00 26.57 ? 612 ASP B CG  1 
ATOM   1315 O OD1 . ASP B 1 71  ? -2.227  -8.033  -0.807  1.00 32.22 ? 612 ASP B OD1 1 
ATOM   1316 O OD2 . ASP B 1 71  ? -2.448  -6.339  0.585   1.00 21.79 ? 612 ASP B OD2 1 
ATOM   1317 N N   . ILE B 1 72  ? 2.787   -6.231  0.406   1.00 16.42 ? 613 ILE B N   1 
ATOM   1318 C CA  . ILE B 1 72  ? 4.085   -6.180  1.066   1.00 13.61 ? 613 ILE B CA  1 
ATOM   1319 C C   . ILE B 1 72  ? 4.390   -4.767  1.536   1.00 13.18 ? 613 ILE B C   1 
ATOM   1320 O O   . ILE B 1 72  ? 4.993   -4.577  2.598   1.00 14.58 ? 613 ILE B O   1 
ATOM   1321 C CB  . ILE B 1 72  ? 5.180   -6.786  0.169   1.00 12.49 ? 613 ILE B CB  1 
ATOM   1322 C CG1 . ILE B 1 72  ? 4.982   -8.307  0.076   1.00 12.25 ? 613 ILE B CG1 1 
ATOM   1323 C CG2 . ILE B 1 72  ? 6.566   -6.490  0.711   1.00 14.56 ? 613 ILE B CG2 1 
ATOM   1324 C CD1 . ILE B 1 72  ? 5.840   -8.975  -1.008  1.00 14.88 ? 613 ILE B CD1 1 
ATOM   1325 N N   . ARG B 1 73  ? 3.920   -3.765  0.825   1.00 12.89 ? 614 ARG B N   1 
ATOM   1326 C CA  . ARG B 1 73  ? 4.207   -2.374  1.235   1.00 12.38 ? 614 ARG B CA  1 
ATOM   1327 C C   . ARG B 1 73  ? 3.624   -2.093  2.628   1.00 13.27 ? 614 ARG B C   1 
ATOM   1328 O O   . ARG B 1 73  ? 4.155   -1.256  3.329   1.00 14.10 ? 614 ARG B O   1 
ATOM   1329 C CB  . ARG B 1 73  ? 3.704   -1.394  0.172   1.00 12.83 ? 614 ARG B CB  1 
ATOM   1330 C CG  . ARG B 1 73  ? 4.209   0.031   0.344   1.00 11.70 ? 614 ARG B CG  1 
ATOM   1331 C CD  . ARG B 1 73  ? 3.666   0.995   -0.696  1.00 16.15 ? 614 ARG B CD  1 
ATOM   1332 N NE  . ARG B 1 73  ? 4.163   2.352   -0.536  1.00 15.30 ? 614 ARG B NE  1 
ATOM   1333 C CZ  . ARG B 1 73  ? 3.707   3.223   0.348   1.00 16.63 ? 614 ARG B CZ  1 
ATOM   1334 N NH1 . ARG B 1 73  ? 2.733   2.887   1.170   1.00 17.27 ? 614 ARG B NH1 1 
ATOM   1335 N NH2 . ARG B 1 73  ? 4.226   4.433   0.416   1.00 13.70 ? 614 ARG B NH2 1 
ATOM   1336 N N   . SER B 1 74  ? 2.558   -2.783  2.990   1.00 13.30 ? 615 SER B N   1 
ATOM   1337 C CA  . SER B 1 74  ? 1.942   -2.521  4.291   1.00 12.09 ? 615 SER B CA  1 
ATOM   1338 C C   . SER B 1 74  ? 2.808   -2.959  5.463   1.00 14.71 ? 615 SER B C   1 
ATOM   1339 O O   . SER B 1 74  ? 2.536   -2.543  6.598   1.00 16.46 ? 615 SER B O   1 
ATOM   1340 C CB  . SER B 1 74  ? 0.602   -3.249  4.396   1.00 16.03 ? 615 SER B CB  1 
ATOM   1341 O OG  . SER B 1 74  ? -0.300  -2.830  3.387   1.00 16.33 ? 615 SER B OG  1 
ATOM   1342 N N   . VAL B 1 75  ? 3.816   -3.806  5.233   1.00 12.94 ? 616 VAL B N   1 
ATOM   1343 C CA  . VAL B 1 75  ? 4.695   -4.265  6.309   1.00 14.24 ? 616 VAL B CA  1 
ATOM   1344 C C   . VAL B 1 75  ? 5.987   -3.473  6.358   1.00 15.85 ? 616 VAL B C   1 
ATOM   1345 O O   . VAL B 1 75  ? 6.854   -3.760  7.193   1.00 16.74 ? 616 VAL B O   1 
ATOM   1346 C CB  . VAL B 1 75  ? 4.959   -5.791  6.292   1.00 15.47 ? 616 VAL B CB  1 
ATOM   1347 C CG1 . VAL B 1 75  ? 3.625   -6.562  6.159   1.00 16.60 ? 616 VAL B CG1 1 
ATOM   1348 C CG2 . VAL B 1 75  ? 5.948   -6.180  5.201   1.00 17.07 ? 616 VAL B CG2 1 
ATOM   1349 N N   . VAL B 1 76  ? 6.133   -2.478  5.486   1.00 13.38 ? 617 VAL B N   1 
ATOM   1350 C CA  . VAL B 1 76  ? 7.335   -1.645  5.438   1.00 14.05 ? 617 VAL B CA  1 
ATOM   1351 C C   . VAL B 1 76  ? 7.233   -0.555  6.502   1.00 14.41 ? 617 VAL B C   1 
ATOM   1352 O O   . VAL B 1 76  ? 6.186   0.091   6.661   1.00 15.46 ? 617 VAL B O   1 
ATOM   1353 C CB  . VAL B 1 76  ? 7.517   -1.065  4.025   1.00 14.61 ? 617 VAL B CB  1 
ATOM   1354 C CG1 . VAL B 1 76  ? 8.677   -0.072  3.991   1.00 14.52 ? 617 VAL B CG1 1 
ATOM   1355 C CG2 . VAL B 1 76  ? 7.739   -2.182  2.997   1.00 16.02 ? 617 VAL B CG2 1 
ATOM   1356 N N   . ALA B 1 77  ? 8.318   -0.362  7.255   1.00 14.54 ? 618 ALA B N   1 
ATOM   1357 C CA  . ALA B 1 77  ? 8.324   0.623   8.324   1.00 14.79 ? 618 ALA B CA  1 
ATOM   1358 C C   . ALA B 1 77  ? 8.112   2.011   7.736   1.00 15.94 ? 618 ALA B C   1 
ATOM   1359 O O   . ALA B 1 77  ? 8.599   2.300   6.640   1.00 15.78 ? 618 ALA B O   1 
ATOM   1360 C CB  . ALA B 1 77  ? 9.671   0.603   9.045   1.00 15.79 ? 618 ALA B CB  1 
ATOM   1361 N N   . PRO B 1 78  ? 7.396   2.885   8.435   1.00 13.72 ? 619 PRO B N   1 
ATOM   1362 C CA  . PRO B 1 78  ? 7.136   4.224   7.892   1.00 15.72 ? 619 PRO B CA  1 
ATOM   1363 C C   . PRO B 1 78  ? 8.391   4.965   7.460   1.00 15.40 ? 619 PRO B C   1 
ATOM   1364 O O   . PRO B 1 78  ? 8.377   5.614   6.404   1.00 16.76 ? 619 PRO B O   1 
ATOM   1365 C CB  . PRO B 1 78  ? 6.419   4.912   9.061   1.00 17.61 ? 619 PRO B CB  1 
ATOM   1366 C CG  . PRO B 1 78  ? 5.624   3.783   9.673   1.00 22.54 ? 619 PRO B CG  1 
ATOM   1367 C CD  . PRO B 1 78  ? 6.585   2.610   9.633   1.00 16.66 ? 619 PRO B CD  1 
ATOM   1368 N N   . THR B 1 79  ? 9.490   4.851   8.220   1.00 15.56 ? 620 THR B N   1 
ATOM   1369 C CA  . THR B 1 79  ? 10.724  5.519   7.812   1.00 15.60 ? 620 THR B CA  1 
ATOM   1370 C C   . THR B 1 79  ? 11.343  4.917   6.557   1.00 14.70 ? 620 THR B C   1 
ATOM   1371 O O   . THR B 1 79  ? 12.253  5.529   5.987   1.00 19.02 ? 620 THR B O   1 
ATOM   1372 C CB  . THR B 1 79  ? 11.775  5.507   8.933   1.00 19.79 ? 620 THR B CB  1 
ATOM   1373 O OG1 . THR B 1 79  ? 11.963  4.172   9.409   1.00 21.69 ? 620 THR B OG1 1 
ATOM   1374 C CG2 . THR B 1 79  ? 11.309  6.368   10.092  1.00 26.59 ? 620 THR B CG2 1 
ATOM   1375 N N   . ASP B 1 80  ? 10.882  3.738   6.107   1.00 13.43 ? 621 ASP B N   1 
ATOM   1376 C CA  . ASP B 1 80  ? 11.430  3.101   4.918   1.00 13.16 ? 621 ASP B CA  1 
ATOM   1377 C C   . ASP B 1 80  ? 10.567  3.312   3.673   1.00 13.87 ? 621 ASP B C   1 
ATOM   1378 O O   . ASP B 1 80  ? 10.965  2.897   2.580   1.00 13.80 ? 621 ASP B O   1 
ATOM   1379 C CB  . ASP B 1 80  ? 11.590  1.594   5.160   1.00 12.45 ? 621 ASP B CB  1 
ATOM   1380 C CG  . ASP B 1 80  ? 12.821  1.239   5.988   1.00 17.33 ? 621 ASP B CG  1 
ATOM   1381 O OD1 . ASP B 1 80  ? 13.788  2.032   6.039   1.00 16.64 ? 621 ASP B OD1 1 
ATOM   1382 O OD2 . ASP B 1 80  ? 12.840  0.137   6.586   1.00 15.52 ? 621 ASP B OD2 1 
ATOM   1383 N N   . LEU B 1 81  ? 9.409   3.956   3.802   1.00 13.32 ? 622 LEU B N   1 
ATOM   1384 C CA  . LEU B 1 81  ? 8.468   3.997   2.679   1.00 13.75 ? 622 LEU B CA  1 
ATOM   1385 C C   . LEU B 1 81  ? 8.998   4.823   1.510   1.00 15.72 ? 622 LEU B C   1 
ATOM   1386 O O   . LEU B 1 81  ? 8.789   4.465   0.350   1.00 16.30 ? 622 LEU B O   1 
ATOM   1387 C CB  . LEU B 1 81  ? 7.131   4.541   3.152   1.00 13.51 ? 622 LEU B CB  1 
ATOM   1388 C CG  . LEU B 1 81  ? 6.385   3.546   4.028   1.00 15.30 ? 622 LEU B CG  1 
ATOM   1389 C CD1 . LEU B 1 81  ? 5.224   4.245   4.730   1.00 21.51 ? 622 LEU B CD1 1 
ATOM   1390 C CD2 . LEU B 1 81  ? 5.877   2.383   3.175   1.00 15.06 ? 622 LEU B CD2 1 
ATOM   1391 N N   . GLY B 1 82  ? 9.660   5.950   1.783   1.00 14.79 ? 623 GLY B N   1 
ATOM   1392 C CA  . GLY B 1 82  ? 10.220  6.735   0.690   1.00 16.00 ? 623 GLY B CA  1 
ATOM   1393 C C   . GLY B 1 82  ? 11.241  5.965   -0.131  1.00 14.40 ? 623 GLY B C   1 
ATOM   1394 O O   . GLY B 1 82  ? 11.222  6.012   -1.363  1.00 15.07 ? 623 GLY B O   1 
ATOM   1395 N N   . ARG B 1 83  ? 12.145  5.247   0.538   1.00 13.89 ? 624 ARG B N   1 
ATOM   1396 C CA  . ARG B 1 83  ? 13.100  4.404   -0.181  1.00 16.05 ? 624 ARG B CA  1 
ATOM   1397 C C   . ARG B 1 83  ? 12.393  3.285   -0.935  1.00 17.23 ? 624 ARG B C   1 
ATOM   1398 O O   . ARG B 1 83  ? 12.730  3.000   -2.085  1.00 15.48 ? 624 ARG B O   1 
ATOM   1399 C CB  . ARG B 1 83  ? 14.123  3.811   0.792   1.00 15.86 ? 624 ARG B CB  1 
ATOM   1400 C CG  . ARG B 1 83  ? 15.067  2.789   0.158   1.00 17.01 ? 624 ARG B CG  1 
ATOM   1401 C CD  . ARG B 1 83  ? 15.923  3.341   -0.977  1.00 17.86 ? 624 ARG B CD  1 
ATOM   1402 N NE  . ARG B 1 83  ? 16.783  4.430   -0.510  1.00 17.94 ? 624 ARG B NE  1 
ATOM   1403 C CZ  . ARG B 1 83  ? 16.848  5.640   -1.059  1.00 18.47 ? 624 ARG B CZ  1 
ATOM   1404 N NH1 . ARG B 1 83  ? 17.672  6.557   -0.536  1.00 19.12 ? 624 ARG B NH1 1 
ATOM   1405 N NH2 . ARG B 1 83  ? 16.115  5.948   -2.126  1.00 18.49 ? 624 ARG B NH2 1 
ATOM   1406 N N   . PHE B 1 84  ? 11.427  2.643   -0.305  1.00 13.66 ? 625 PHE B N   1 
ATOM   1407 C CA  . PHE B 1 84  ? 10.684  1.572   -1.002  1.00 17.33 ? 625 PHE B CA  1 
ATOM   1408 C C   . PHE B 1 84  ? 10.106  2.135   -2.300  1.00 15.48 ? 625 PHE B C   1 
ATOM   1409 O O   . PHE B 1 84  ? 10.277  1.552   -3.351  1.00 15.18 ? 625 PHE B O   1 
ATOM   1410 C CB  . PHE B 1 84  ? 9.575   1.070   -0.079  1.00 12.96 ? 625 PHE B CB  1 
ATOM   1411 C CG  . PHE B 1 84  ? 8.715   -0.046  -0.617  1.00 13.98 ? 625 PHE B CG  1 
ATOM   1412 C CD1 . PHE B 1 84  ? 9.012   -1.364  -0.332  1.00 16.19 ? 625 PHE B CD1 1 
ATOM   1413 C CD2 . PHE B 1 84  ? 7.594   0.223   -1.380  1.00 14.58 ? 625 PHE B CD2 1 
ATOM   1414 C CE1 . PHE B 1 84  ? 8.222   -2.392  -0.817  1.00 16.53 ? 625 PHE B CE1 1 
ATOM   1415 C CE2 . PHE B 1 84  ? 6.815   -0.804  -1.880  1.00 15.82 ? 625 PHE B CE2 1 
ATOM   1416 C CZ  . PHE B 1 84  ? 7.121   -2.109  -1.584  1.00 18.52 ? 625 PHE B CZ  1 
ATOM   1417 N N   . ASP B 1 85  ? 9.403   3.247   -2.165  1.00 15.38 ? 626 ASP B N   1 
ATOM   1418 C CA  . ASP B 1 85  ? 8.738   3.837   -3.351  1.00 13.70 ? 626 ASP B CA  1 
ATOM   1419 C C   . ASP B 1 85  ? 9.760   4.261   -4.418  1.00 16.85 ? 626 ASP B C   1 
ATOM   1420 O O   . ASP B 1 85  ? 9.474   4.115   -5.581  1.00 17.43 ? 626 ASP B O   1 
ATOM   1421 C CB  . ASP B 1 85  ? 7.800   4.971   -2.933  1.00 15.85 ? 626 ASP B CB  1 
ATOM   1422 C CG  . ASP B 1 85  ? 6.496   4.478   -2.337  1.00 20.96 ? 626 ASP B CG  1 
ATOM   1423 O OD1 . ASP B 1 85  ? 6.280   3.266   -2.341  1.00 17.70 ? 626 ASP B OD1 1 
ATOM   1424 O OD2 . ASP B 1 85  ? 5.719   5.316   -1.884  1.00 19.92 ? 626 ASP B OD2 1 
ATOM   1425 N N   . SER B 1 86  ? 10.892  4.811   -3.981  1.00 16.17 ? 627 SER B N   1 
ATOM   1426 C CA  . SER B 1 86  ? 11.897  5.218   -4.960  1.00 17.01 ? 627 SER B CA  1 
ATOM   1427 C C   . SER B 1 86  ? 12.331  4.051   -5.828  1.00 21.73 ? 627 SER B C   1 
ATOM   1428 O O   . SER B 1 86  ? 12.678  4.239   -6.998  1.00 19.95 ? 627 SER B O   1 
ATOM   1429 C CB  . SER B 1 86  ? 13.102  5.856   -4.256  1.00 17.18 ? 627 SER B CB  1 
ATOM   1430 O OG  . SER B 1 86  ? 13.951  4.868   -3.686  1.00 19.82 ? 627 SER B OG  1 
ATOM   1431 N N   . MET B 1 87  ? 12.261  2.848   -5.296  1.00 17.67 ? 628 MET B N   1 
ATOM   1432 C CA  . MET B 1 87  ? 12.734  1.650   -6.022  1.00 16.40 ? 628 MET B CA  1 
ATOM   1433 C C   . MET B 1 87  ? 11.590  0.999   -6.810  1.00 18.53 ? 628 MET B C   1 
ATOM   1434 O O   . MET B 1 87  ? 11.834  0.531   -7.899  1.00 19.19 ? 628 MET B O   1 
ATOM   1435 C CB  . MET B 1 87  ? 13.233  0.635   -4.982  1.00 15.18 ? 628 MET B CB  1 
ATOM   1436 C CG  . MET B 1 87  ? 14.533  1.047   -4.327  1.00 17.55 ? 628 MET B CG  1 
ATOM   1437 S SD  . MET B 1 87  ? 15.105  -0.135  -3.074  1.00 20.11 ? 628 MET B SD  1 
ATOM   1438 C CE  . MET B 1 87  ? 16.003  -1.295  -4.099  1.00 27.92 ? 628 MET B CE  1 
ATOM   1439 N N   . VAL B 1 88  ? 10.389  0.985   -6.247  1.00 17.54 ? 629 VAL B N   1 
ATOM   1440 C CA  . VAL B 1 88  ? 9.253   0.240   -6.863  1.00 17.17 ? 629 VAL B CA  1 
ATOM   1441 C C   . VAL B 1 88  ? 8.447   1.096   -7.850  1.00 17.91 ? 629 VAL B C   1 
ATOM   1442 O O   . VAL B 1 88  ? 7.976   0.570   -8.823  1.00 18.02 ? 629 VAL B O   1 
ATOM   1443 C CB  . VAL B 1 88  ? 8.363   -0.357  -5.751  1.00 18.40 ? 629 VAL B CB  1 
ATOM   1444 C CG1 . VAL B 1 88  ? 7.104   -1.012  -6.275  1.00 28.83 ? 629 VAL B CG1 1 
ATOM   1445 C CG2 . VAL B 1 88  ? 9.143   -1.334  -4.890  1.00 18.58 ? 629 VAL B CG2 1 
ATOM   1446 N N   . MET B 1 89  ? 8.318   2.380   -7.572  1.00 17.55 ? 630 MET B N   1 
ATOM   1447 C CA  . MET B 1 89  ? 7.469   3.225   -8.453  1.00 16.44 ? 630 MET B CA  1 
ATOM   1448 C C   . MET B 1 89  ? 7.919   3.210   -9.932  1.00 19.14 ? 630 MET B C   1 
ATOM   1449 O O   . MET B 1 89  ? 7.054   3.218   -10.765 1.00 19.71 ? 630 MET B O   1 
ATOM   1450 C CB  . MET B 1 89  ? 7.325   4.648   -7.920  1.00 19.01 ? 630 MET B CB  1 
ATOM   1451 C CG  . MET B 1 89  ? 6.408   4.735   -6.736  1.00 24.29 ? 630 MET B CG  1 
ATOM   1452 S SD  . MET B 1 89  ? 6.343   6.438   -6.170  1.00 35.11 ? 630 MET B SD  1 
ATOM   1453 C CE  . MET B 1 89  ? 4.629   6.549   -5.704  1.00 28.61 ? 630 MET B CE  1 
ATOM   1454 N N   . PRO B 1 90  ? 9.221   3.255   -10.288 1.00 20.90 ? 631 PRO B N   1 
ATOM   1455 C CA  . PRO B 1 90  ? 9.637   3.134   -11.690 1.00 25.01 ? 631 PRO B CA  1 
ATOM   1456 C C   . PRO B 1 90  ? 9.197   1.818   -12.353 1.00 25.14 ? 631 PRO B C   1 
ATOM   1457 O O   . PRO B 1 90  ? 8.888   1.814   -13.491 1.00 24.87 ? 631 PRO B O   1 
ATOM   1458 C CB  . PRO B 1 90  ? 11.160  3.277   -11.598 1.00 29.11 ? 631 PRO B CB  1 
ATOM   1459 C CG  . PRO B 1 90  ? 11.381  4.150   -10.413 1.00 26.05 ? 631 PRO B CG  1 
ATOM   1460 C CD  . PRO B 1 90  ? 10.366  3.613   -9.437  1.00 21.43 ? 631 PRO B CD  1 
ATOM   1461 N N   . VAL B 1 91  ? 9.124   0.747   -11.569 1.00 20.81 ? 632 VAL B N   1 
ATOM   1462 C CA  . VAL B 1 91  ? 8.676   -0.575  -12.089 1.00 19.89 ? 632 VAL B CA  1 
ATOM   1463 C C   . VAL B 1 91  ? 7.153   -0.562  -12.223 1.00 21.32 ? 632 VAL B C   1 
ATOM   1464 O O   . VAL B 1 91  ? 6.635   -1.115  -13.165 1.00 21.07 ? 632 VAL B O   1 
ATOM   1465 C CB  . VAL B 1 91  ? 9.150   -1.694  -11.143 1.00 23.62 ? 632 VAL B CB  1 
ATOM   1466 C CG1 . VAL B 1 91  ? 8.848   -3.079  -11.683 1.00 25.08 ? 632 VAL B CG1 1 
ATOM   1467 C CG2 . VAL B 1 91  ? 10.627  -1.561  -10.818 1.00 24.26 ? 632 VAL B CG2 1 
ATOM   1468 N N   . GLU B 1 92  ? 6.489   0.090   -11.274 1.00 21.80 ? 633 GLU B N   1 
ATOM   1469 C CA  . GLU B 1 92  ? 5.019   0.218   -11.379 1.00 20.65 ? 633 GLU B CA  1 
ATOM   1470 C C   . GLU B 1 92  ? 4.670   0.958   -12.677 1.00 24.37 ? 633 GLU B C   1 
ATOM   1471 O O   . GLU B 1 92  ? 3.731   0.570   -13.343 1.00 21.59 ? 633 GLU B O   1 
ATOM   1472 C CB  . GLU B 1 92  ? 4.448   1.010   -10.202 1.00 20.10 ? 633 GLU B CB  1 
ATOM   1473 C CG  . GLU B 1 92  ? 4.446   0.277   -8.886  1.00 25.23 ? 633 GLU B CG  1 
ATOM   1474 C CD  . GLU B 1 92  ? 4.065   1.211   -7.752  1.00 23.86 ? 633 GLU B CD  1 
ATOM   1475 O OE1 . GLU B 1 92  ? 3.024   1.855   -7.851  1.00 25.61 ? 633 GLU B OE1 1 
ATOM   1476 O OE2 . GLU B 1 92  ? 4.822   1.294   -6.793  1.00 30.11 ? 633 GLU B OE2 1 
ATOM   1477 N N   . LEU B 1 93  ? 5.405   2.018   -12.967 1.00 21.04 ? 634 LEU B N   1 
ATOM   1478 C CA  . LEU B 1 93  ? 5.125   2.796   -14.195 1.00 25.16 ? 634 LEU B CA  1 
ATOM   1479 C C   . LEU B 1 93  ? 5.295   1.929   -15.456 1.00 30.39 ? 634 LEU B C   1 
ATOM   1480 O O   . LEU B 1 93  ? 4.509   2.086   -16.377 1.00 27.01 ? 634 LEU B O   1 
ATOM   1481 C CB  . LEU B 1 93  ? 5.992   4.051   -14.196 1.00 28.71 ? 634 LEU B CB  1 
ATOM   1482 C CG  . LEU B 1 93  ? 5.635   5.113   -15.231 1.00 53.39 ? 634 LEU B CG  1 
ATOM   1483 C CD1 . LEU B 1 93  ? 4.326   5.796   -14.876 1.00 54.75 ? 634 LEU B CD1 1 
ATOM   1484 C CD2 . LEU B 1 93  ? 6.751   6.134   -15.338 1.00 41.27 ? 634 LEU B CD2 1 
ATOM   1485 N N   . GLU B 1 94  ? 6.262   1.012   -15.453 1.00 29.85 ? 635 GLU B N   1 
ATOM   1486 C CA  . GLU B 1 94  ? 6.444   0.078   -16.603 1.00 26.65 ? 635 GLU B CA  1 
ATOM   1487 C C   . GLU B 1 94  ? 5.306   -0.930  -16.689 1.00 36.11 ? 635 GLU B C   1 
ATOM   1488 O O   . GLU B 1 94  ? 4.886   -1.231  -17.793 1.00 36.07 ? 635 GLU B O   1 
ATOM   1489 C CB  . GLU B 1 94  ? 7.788   -0.642  -16.513 1.00 41.61 ? 635 GLU B CB  1 
ATOM   1490 C CG  . GLU B 1 94  ? 8.968   0.204   -16.929 1.00 37.96 ? 635 GLU B CG  1 
ATOM   1491 C CD  . GLU B 1 94  ? 9.006   0.545   -18.407 1.00 39.22 ? 635 GLU B CD  1 
ATOM   1492 O OE1 . GLU B 1 94  ? 8.711   -0.339  -19.228 1.00 35.16 ? 635 GLU B OE1 1 
ATOM   1493 O OE2 . GLU B 1 94  ? 9.330   1.690   -18.726 1.00 32.21 ? 635 GLU B OE2 1 
ATOM   1494 N N   . ALA B 1 95  ? 4.803   -1.411  -15.562 1.00 28.91 ? 636 ALA B N   1 
ATOM   1495 C CA  . ALA B 1 95  ? 3.649   -2.334  -15.584 1.00 25.80 ? 636 ALA B CA  1 
ATOM   1496 C C   . ALA B 1 95  ? 2.409   -1.645  -16.156 1.00 30.31 ? 636 ALA B C   1 
ATOM   1497 O O   . ALA B 1 95  ? 1.605   -2.307  -16.801 1.00 32.25 ? 636 ALA B O   1 
ATOM   1498 C CB  . ALA B 1 95  ? 3.371   -2.854  -14.206 1.00 28.76 ? 636 ALA B CB  1 
ATOM   1499 N N   . PHE B 1 96  ? 2.270   -0.357  -15.892 1.00 29.40 ? 637 PHE B N   1 
ATOM   1500 C CA  . PHE B 1 96  ? 1.078   0.379   -16.366 1.00 31.89 ? 637 PHE B CA  1 
ATOM   1501 C C   . PHE B 1 96  ? 1.173   0.505   -17.876 1.00 33.99 ? 637 PHE B C   1 
ATOM   1502 O O   . PHE B 1 96  ? 0.162   0.322   -18.559 1.00 36.50 ? 637 PHE B O   1 
ATOM   1503 C CB  . PHE B 1 96  ? 0.954   1.733   -15.677 1.00 25.22 ? 637 PHE B CB  1 
ATOM   1504 C CG  . PHE B 1 96  ? 0.131   1.728   -14.416 1.00 27.32 ? 637 PHE B CG  1 
ATOM   1505 C CD1 . PHE B 1 96  ? 0.692   2.083   -13.204 1.00 40.15 ? 637 PHE B CD1 1 
ATOM   1506 C CD2 . PHE B 1 96  ? -1.204  1.372   -14.446 1.00 33.25 ? 637 PHE B CD2 1 
ATOM   1507 C CE1 . PHE B 1 96  ? -0.064  2.076   -12.044 1.00 46.39 ? 637 PHE B CE1 1 
ATOM   1508 C CE2 . PHE B 1 96  ? -1.960  1.363   -13.285 1.00 32.79 ? 637 PHE B CE2 1 
ATOM   1509 C CZ  . PHE B 1 96  ? -1.388  1.716   -12.088 1.00 35.35 ? 637 PHE B CZ  1 
ATOM   1510 N N   . GLU B 1 97  ? 2.369   0.795   -18.360 1.00 29.42 ? 638 GLU B N   1 
ATOM   1511 C CA  . GLU B 1 97  ? 2.564   0.940   -19.809 1.00 39.00 ? 638 GLU B CA  1 
ATOM   1512 C C   . GLU B 1 97  ? 2.243   -0.395  -20.489 1.00 50.07 ? 638 GLU B C   1 
ATOM   1513 O O   . GLU B 1 97  ? 1.567   -0.381  -21.526 1.00 39.51 ? 638 GLU B O   1 
ATOM   1514 C CB  . GLU B 1 97  ? 4.007   1.379   -20.037 1.00 38.50 ? 638 GLU B CB  1 
ATOM   1515 C CG  . GLU B 1 97  ? 4.202   2.134   -21.328 1.00 52.04 ? 638 GLU B CG  1 
ATOM   1516 C CD  . GLU B 1 97  ? 3.804   3.592   -21.211 1.00 71.36 ? 638 GLU B CD  1 
ATOM   1517 O OE1 . GLU B 1 97  ? 2.798   3.966   -21.829 1.00 71.45 ? 638 GLU B OE1 1 
ATOM   1518 O OE2 . GLU B 1 97  ? 4.495   4.342   -20.486 1.00 63.06 ? 638 GLU B OE2 1 
ATOM   1519 N N   . ALA B 1 98  ? 2.756   -1.492  -19.937 1.00 41.54 ? 639 ALA B N   1 
ATOM   1520 C CA  . ALA B 1 98  ? 2.447   -2.835  -20.455 1.00 40.33 ? 639 ALA B CA  1 
ATOM   1521 C C   . ALA B 1 98  ? 0.935   -3.026  -20.479 1.00 35.91 ? 639 ALA B C   1 
ATOM   1522 O O   . ALA B 1 98  ? 0.473   -3.595  -21.476 1.00 63.16 ? 639 ALA B O   1 
ATOM   1523 C CB  . ALA B 1 98  ? 3.082   -3.848  -19.551 1.00 34.76 ? 639 ALA B CB  1 
HETATM 1524 O OH  . 2Q5 C 2 .   ? 3.451   -2.003  -6.111  1.00 28.72 ? 701 2Q5 A OH  1 
HETATM 1525 C C2  . 2Q5 C 2 .   ? 3.137   -0.966  -5.209  1.00 35.98 ? 701 2Q5 A C2  1 
HETATM 1526 C C1  . 2Q5 C 2 .   ? 3.800   -1.181  -3.895  1.00 31.40 ? 701 2Q5 A C1  1 
HETATM 1527 C C3  . 2Q5 C 2 .   ? 1.640   -0.775  -5.092  1.00 24.10 ? 701 2Q5 A C3  1 
HETATM 1528 O O2  . 2Q5 C 2 .   ? 1.398   -0.077  -3.884  1.00 42.99 ? 701 2Q5 A O2  1 
HETATM 1529 C C5  . 2Q5 C 2 .   ? 0.019   -0.003  -3.532  1.00 39.54 ? 701 2Q5 A C5  1 
HETATM 1530 C C6  . 2Q5 C 2 .   ? -0.057  0.409   -2.097  1.00 24.34 ? 701 2Q5 A C6  1 
HETATM 1531 C C4  . 2Q5 C 2 .   ? -0.691  0.957   -4.466  1.00 30.75 ? 701 2Q5 A C4  1 
HETATM 1532 O O3  . 2Q5 C 2 .   ? -0.788  2.244   -3.881  1.00 22.13 ? 701 2Q5 A O3  1 
HETATM 1533 C C7  . 2Q5 C 2 .   ? -2.054  2.910   -4.059  1.00 34.46 ? 701 2Q5 A C7  1 
HETATM 1534 C C9  . 2Q5 C 2 .   ? -3.237  2.014   -3.850  1.00 23.36 ? 701 2Q5 A C9  1 
HETATM 1535 C C8  . 2Q5 C 2 .   ? -2.123  3.677   -5.367  1.00 48.34 ? 701 2Q5 A C8  1 
HETATM 1536 O O4  . 2Q5 C 2 .   ? -0.844  4.089   -5.827  1.00 36.17 ? 701 2Q5 A O4  1 
HETATM 1537 C C11 . 2Q5 C 2 .   ? -0.803  5.453   -6.258  1.00 45.53 ? 701 2Q5 A C11 1 
HETATM 1538 C C12 . 2Q5 C 2 .   ? -2.079  5.766   -6.967  1.00 29.72 ? 701 2Q5 A C12 1 
HETATM 1539 C C10 . 2Q5 C 2 .   ? 0.370   5.583   -7.201  1.00 53.08 ? 701 2Q5 A C10 1 
HETATM 1540 O O5  . 2Q5 C 2 .   ? -0.079  5.541   -8.552  1.00 62.30 ? 701 2Q5 A O5  1 
HETATM 1541 O O   . HOH D 3 .   ? 0.258   9.715   15.368  1.00 38.65 ? 801 HOH A O   1 
HETATM 1542 O O   . HOH D 3 .   ? -12.417 18.351  -2.318  1.00 35.85 ? 802 HOH A O   1 
HETATM 1543 O O   . HOH D 3 .   ? -8.531  8.371   -11.689 1.00 21.17 ? 803 HOH A O   1 
HETATM 1544 O O   . HOH D 3 .   ? -1.575  -5.116  11.341  1.00 31.46 ? 804 HOH A O   1 
HETATM 1545 O O   . HOH D 3 .   ? -20.561 -3.215  -2.493  1.00 22.44 ? 805 HOH A O   1 
HETATM 1546 O O   . HOH D 3 .   ? -9.196  18.046  -3.968  1.00 28.15 ? 806 HOH A O   1 
HETATM 1547 O O   . HOH D 3 .   ? 2.997   19.247  4.828   1.00 20.70 ? 807 HOH A O   1 
HETATM 1548 O O   . HOH D 3 .   ? 0.838   0.682   1.478   1.00 19.18 ? 808 HOH A O   1 
HETATM 1549 O O   . HOH D 3 .   ? -5.575  -7.155  -4.090  1.00 32.06 ? 809 HOH A O   1 
HETATM 1550 O O   . HOH D 3 .   ? 5.569   19.950  6.880   1.00 20.53 ? 810 HOH A O   1 
HETATM 1551 O O   . HOH D 3 .   ? -7.162  11.220  -13.490 1.00 31.92 ? 811 HOH A O   1 
HETATM 1552 O O   . HOH D 3 .   ? -0.894  3.296   18.339  1.00 46.98 ? 812 HOH A O   1 
HETATM 1553 O O   . HOH D 3 .   ? 3.998   -1.658  9.810   1.00 34.78 ? 813 HOH A O   1 
HETATM 1554 O O   . HOH D 3 .   ? -13.956 14.773  -7.465  1.00 29.81 ? 814 HOH A O   1 
HETATM 1555 O O   . HOH D 3 .   ? -14.438 -2.831  7.905   1.00 25.02 ? 815 HOH A O   1 
HETATM 1556 O O   . HOH D 3 .   ? -6.153  9.466   -24.401 1.00 36.73 ? 816 HOH A O   1 
HETATM 1557 O O   . HOH D 3 .   ? -18.943 4.480   11.053  1.00 28.63 ? 817 HOH A O   1 
HETATM 1558 O O   . HOH D 3 .   ? -13.907 -6.785  6.792   1.00 36.41 ? 818 HOH A O   1 
HETATM 1559 O O   . HOH D 3 .   ? -9.272  23.400  8.276   1.00 48.93 ? 819 HOH A O   1 
HETATM 1560 O O   . HOH D 3 .   ? -2.306  19.708  -5.458  1.00 43.39 ? 820 HOH A O   1 
HETATM 1561 O O   . HOH D 3 .   ? -14.156 6.493   6.509   1.00 25.70 ? 821 HOH A O   1 
HETATM 1562 O O   . HOH D 3 .   ? -18.091 8.111   4.340   1.00 35.71 ? 822 HOH A O   1 
HETATM 1563 O O   . HOH D 3 .   ? 2.778   9.126   15.090  1.00 56.02 ? 823 HOH A O   1 
HETATM 1564 O O   . HOH D 3 .   ? 4.544   12.419  3.531   1.00 32.31 ? 824 HOH A O   1 
HETATM 1565 O O   . HOH D 3 .   ? -12.666 17.314  -5.009  1.00 34.39 ? 825 HOH A O   1 
HETATM 1566 O O   . HOH D 3 .   ? -11.277 23.233  0.486   1.00 33.34 ? 826 HOH A O   1 
HETATM 1567 O O   . HOH D 3 .   ? -7.362  9.499   14.975  1.00 30.85 ? 827 HOH A O   1 
HETATM 1568 O O   . HOH D 3 .   ? -3.359  -3.212  4.797   1.00 16.25 ? 828 HOH A O   1 
HETATM 1569 O O   . HOH D 3 .   ? 2.389   2.798   4.390   1.00 22.90 ? 829 HOH A O   1 
HETATM 1570 O O   . HOH D 3 .   ? 1.498   9.497   2.623   1.00 22.15 ? 830 HOH A O   1 
HETATM 1571 O O   . HOH D 3 .   ? -9.214  20.008  -7.142  1.00 37.33 ? 831 HOH A O   1 
HETATM 1572 O O   . HOH D 3 .   ? -13.644 2.135   -9.194  1.00 37.99 ? 832 HOH A O   1 
HETATM 1573 O O   . HOH D 3 .   ? 0.950   7.697   0.600   1.00 22.42 ? 833 HOH A O   1 
HETATM 1574 O O   . HOH D 3 .   ? -13.425 10.679  12.251  1.00 28.20 ? 834 HOH A O   1 
HETATM 1575 O O   . HOH D 3 .   ? -0.800  2.592   -8.556  1.00 37.34 ? 835 HOH A O   1 
HETATM 1576 O O   . HOH D 3 .   ? -12.779 -3.446  -10.087 1.00 33.52 ? 836 HOH A O   1 
HETATM 1577 O O   . HOH D 3 .   ? -16.073 8.587   6.798   1.00 40.06 ? 837 HOH A O   1 
HETATM 1578 O O   . HOH D 3 .   ? -9.825  1.913   -15.251 1.00 20.23 ? 838 HOH A O   1 
HETATM 1579 O O   . HOH D 3 .   ? -12.296 -7.320  0.838   1.00 15.41 ? 839 HOH A O   1 
HETATM 1580 O O   . HOH D 3 .   ? -14.075 7.022   15.458  1.00 24.54 ? 840 HOH A O   1 
HETATM 1581 O O   . HOH D 3 .   ? -12.464 8.856   14.490  1.00 27.79 ? 841 HOH A O   1 
HETATM 1582 O O   . HOH D 3 .   ? -6.508  7.014   16.112  1.00 25.89 ? 842 HOH A O   1 
HETATM 1583 O O   . HOH D 3 .   ? -13.358 19.479  6.183   1.00 34.06 ? 843 HOH A O   1 
HETATM 1584 O O   . HOH D 3 .   ? -14.614 17.190  7.405   1.00 33.61 ? 844 HOH A O   1 
HETATM 1585 O O   . HOH D 3 .   ? -4.802  -6.737  11.297  1.00 39.03 ? 845 HOH A O   1 
HETATM 1586 O O   . HOH D 3 .   ? -0.460  -9.597  14.433  1.00 39.60 ? 846 HOH A O   1 
HETATM 1587 O O   . HOH D 3 .   ? 0.271   -1.743  8.147   1.00 23.25 ? 847 HOH A O   1 
HETATM 1588 O O   . HOH D 3 .   ? -16.588 8.939   -5.046  1.00 43.79 ? 848 HOH A O   1 
HETATM 1589 O O   . HOH D 3 .   ? -7.058  20.433  -3.622  1.00 34.45 ? 849 HOH A O   1 
HETATM 1590 O O   . HOH D 3 .   ? 2.619   15.653  9.762   1.00 23.26 ? 850 HOH A O   1 
HETATM 1591 O O   . HOH D 3 .   ? -4.343  9.206   18.343  1.00 49.32 ? 851 HOH A O   1 
HETATM 1592 O O   . HOH D 3 .   ? -15.418 14.396  2.460   1.00 30.83 ? 852 HOH A O   1 
HETATM 1593 O O   . HOH D 3 .   ? -10.995 19.774  -5.678  1.00 48.51 ? 853 HOH A O   1 
HETATM 1594 O O   . HOH D 3 .   ? -15.744 -2.960  5.042   1.00 18.40 ? 854 HOH A O   1 
HETATM 1595 O O   . HOH D 3 .   ? 5.208   7.841   2.280   1.00 26.50 ? 855 HOH A O   1 
HETATM 1596 O O   . HOH D 3 .   ? -19.544 1.911   7.717   1.00 48.97 ? 856 HOH A O   1 
HETATM 1597 O O   . HOH D 3 .   ? -5.419  5.227   20.441  1.00 44.77 ? 857 HOH A O   1 
HETATM 1598 O O   . HOH D 3 .   ? -3.318  -0.818  -10.367 1.00 46.57 ? 858 HOH A O   1 
HETATM 1599 O O   . HOH D 3 .   ? -8.814  25.048  3.741   1.00 27.14 ? 859 HOH A O   1 
HETATM 1600 O O   . HOH D 3 .   ? -9.103  -8.197  8.821   1.00 23.70 ? 860 HOH A O   1 
HETATM 1601 O O   . HOH D 3 .   ? -17.679 -1.336  3.289   1.00 27.53 ? 861 HOH A O   1 
HETATM 1602 O O   . HOH D 3 .   ? 0.358   12.194  14.985  1.00 47.57 ? 862 HOH A O   1 
HETATM 1603 O O   . HOH D 3 .   ? -4.921  14.618  13.585  1.00 39.79 ? 863 HOH A O   1 
HETATM 1604 O O   . HOH D 3 .   ? 6.060   19.992  -1.353  1.00 40.84 ? 864 HOH A O   1 
HETATM 1605 O O   . HOH D 3 .   ? 6.043   6.442   12.925  1.00 41.42 ? 865 HOH A O   1 
HETATM 1606 O O   . HOH D 3 .   ? -12.063 -10.840 2.801   1.00 28.42 ? 866 HOH A O   1 
HETATM 1607 O O   . HOH D 3 .   ? -15.604 13.667  -0.254  1.00 29.47 ? 867 HOH A O   1 
HETATM 1608 O O   . HOH D 3 .   ? -21.445 1.084   1.649   1.00 54.89 ? 868 HOH A O   1 
HETATM 1609 O O   . HOH D 3 .   ? -18.610 1.108   4.374   1.00 31.01 ? 869 HOH A O   1 
HETATM 1610 O O   . HOH D 3 .   ? -5.969  -5.063  21.425  1.00 54.27 ? 870 HOH A O   1 
HETATM 1611 O O   . HOH D 3 .   ? -9.655  -6.834  -5.893  1.00 34.23 ? 871 HOH A O   1 
HETATM 1612 O O   . HOH D 3 .   ? -1.514  15.427  -11.219 1.00 20.10 ? 872 HOH A O   1 
HETATM 1613 O O   . HOH D 3 .   ? -6.703  -5.764  15.084  1.00 36.28 ? 873 HOH A O   1 
HETATM 1614 O O   . HOH D 3 .   ? 0.029   -2.747  12.465  1.00 37.86 ? 874 HOH A O   1 
HETATM 1615 O O   . HOH D 3 .   ? -19.108 1.842   10.192  1.00 44.95 ? 875 HOH A O   1 
HETATM 1616 O O   . HOH D 3 .   ? -15.285 -0.034  -9.217  1.00 39.46 ? 876 HOH A O   1 
HETATM 1617 O O   . HOH D 3 .   ? 1.267   -1.644  10.727  1.00 39.64 ? 877 HOH A O   1 
HETATM 1618 O O   . HOH D 3 .   ? 4.043   10.207  1.986   1.00 34.66 ? 878 HOH A O   1 
HETATM 1619 O O   . HOH D 3 .   ? 3.291   8.276   -0.556  1.00 36.00 ? 879 HOH A O   1 
HETATM 1620 O O   . HOH D 3 .   ? -17.473 -3.567  6.706   1.00 37.11 ? 880 HOH A O   1 
HETATM 1621 O O   . HOH D 3 .   ? -18.936 10.399  3.331   1.00 47.71 ? 881 HOH A O   1 
HETATM 1622 O O   . HOH D 3 .   ? -18.004 13.062  -0.649  1.00 45.13 ? 882 HOH A O   1 
HETATM 1623 O O   . HOH D 3 .   ? 2.849   9.018   -10.579 1.00 56.53 ? 883 HOH A O   1 
HETATM 1624 O O   . HOH D 3 .   ? 4.800   10.145  -10.513 1.00 71.49 ? 884 HOH A O   1 
HETATM 1625 O O   . HOH E 3 .   ? 20.349  3.869   -1.737  1.00 22.24 ? 701 HOH B O   1 
HETATM 1626 O O   . HOH E 3 .   ? -0.489  -7.731  -2.685  1.00 30.34 ? 702 HOH B O   1 
HETATM 1627 O O   . HOH E 3 .   ? 14.200  3.259   8.519   1.00 37.30 ? 703 HOH B O   1 
HETATM 1628 O O   . HOH E 3 .   ? -5.330  -21.582 -1.095  1.00 20.33 ? 704 HOH B O   1 
HETATM 1629 O O   . HOH E 3 .   ? 15.000  -0.664  7.789   1.00 24.80 ? 705 HOH B O   1 
HETATM 1630 O O   . HOH E 3 .   ? 7.177   -13.794 -15.445 1.00 38.15 ? 706 HOH B O   1 
HETATM 1631 O O   . HOH E 3 .   ? 2.066   0.036   12.054  1.00 27.42 ? 707 HOH B O   1 
HETATM 1632 O O   . HOH E 3 .   ? 5.225   -27.572 -3.473  1.00 36.21 ? 708 HOH B O   1 
HETATM 1633 O O   . HOH E 3 .   ? 13.970  -15.293 6.449   1.00 21.52 ? 709 HOH B O   1 
HETATM 1634 O O   . HOH E 3 .   ? 9.162   -15.212 -11.175 1.00 24.75 ? 710 HOH B O   1 
HETATM 1635 O O   . HOH E 3 .   ? -0.456  -1.653  1.053   1.00 18.08 ? 711 HOH B O   1 
HETATM 1636 O O   . HOH E 3 .   ? -2.836  -19.649 -10.250 1.00 35.60 ? 712 HOH B O   1 
HETATM 1637 O O   . HOH E 3 .   ? 1.989   -15.693 -12.505 1.00 43.74 ? 713 HOH B O   1 
HETATM 1638 O O   . HOH E 3 .   ? 0.479   -3.280  15.124  1.00 45.32 ? 714 HOH B O   1 
HETATM 1639 O O   . HOH E 3 .   ? 6.863   -17.965 -11.448 1.00 34.01 ? 715 HOH B O   1 
HETATM 1640 O O   . HOH E 3 .   ? 3.221   -16.281 -19.458 1.00 39.67 ? 716 HOH B O   1 
HETATM 1641 O O   . HOH E 3 .   ? 3.835   0.575   5.445   1.00 17.10 ? 717 HOH B O   1 
HETATM 1642 O O   . HOH E 3 .   ? -3.302  -2.360  9.344   1.00 33.00 ? 718 HOH B O   1 
HETATM 1643 O O   . HOH E 3 .   ? 6.021   7.262   -0.023  1.00 32.84 ? 719 HOH B O   1 
HETATM 1644 O O   . HOH E 3 .   ? 16.338  -6.637  -8.590  1.00 35.07 ? 720 HOH B O   1 
HETATM 1645 O O   . HOH E 3 .   ? -2.085  -4.844  3.042   1.00 23.79 ? 721 HOH B O   1 
HETATM 1646 O O   . HOH E 3 .   ? 7.553   -13.525 13.018  1.00 34.82 ? 722 HOH B O   1 
HETATM 1647 O O   . HOH E 3 .   ? 10.192  -6.475  -11.266 1.00 25.55 ? 723 HOH B O   1 
HETATM 1648 O O   . HOH E 3 .   ? -4.909  -8.218  -1.341  1.00 30.53 ? 724 HOH B O   1 
HETATM 1649 O O   . HOH E 3 .   ? 9.166   -3.057  -19.340 1.00 35.92 ? 725 HOH B O   1 
HETATM 1650 O O   . HOH E 3 .   ? 14.228  -11.708 -12.984 1.00 32.72 ? 726 HOH B O   1 
HETATM 1651 O O   . HOH E 3 .   ? 5.338   1.479   12.693  1.00 32.66 ? 727 HOH B O   1 
HETATM 1652 O O   . HOH E 3 .   ? 6.043   -1.598  -20.278 1.00 41.02 ? 728 HOH B O   1 
HETATM 1653 O O   . HOH E 3 .   ? 18.585  -9.531  -0.014  1.00 36.43 ? 729 HOH B O   1 
HETATM 1654 O O   . HOH E 3 .   ? -3.052  -20.042 -2.651  1.00 18.83 ? 730 HOH B O   1 
HETATM 1655 O O   . HOH E 3 .   ? 13.155  -21.000 -1.963  1.00 26.45 ? 731 HOH B O   1 
HETATM 1656 O O   . HOH E 3 .   ? 14.759  -9.130  3.019   1.00 25.87 ? 732 HOH B O   1 
HETATM 1657 O O   . HOH E 3 .   ? 12.493  6.139   3.270   1.00 16.12 ? 733 HOH B O   1 
HETATM 1658 O O   . HOH E 3 .   ? 18.949  -5.271  12.547  1.00 41.42 ? 734 HOH B O   1 
HETATM 1659 O O   . HOH E 3 .   ? 9.729   3.917   -15.149 1.00 35.50 ? 735 HOH B O   1 
HETATM 1660 O O   . HOH E 3 .   ? 1.122   3.094   16.427  1.00 28.62 ? 736 HOH B O   1 
HETATM 1661 O O   . HOH E 3 .   ? 4.470   -18.265 -11.999 1.00 41.16 ? 737 HOH B O   1 
HETATM 1662 O O   . HOH E 3 .   ? -3.917  -12.553 6.075   1.00 26.96 ? 738 HOH B O   1 
HETATM 1663 O O   . HOH E 3 .   ? 6.175   -19.752 2.389   1.00 22.48 ? 739 HOH B O   1 
HETATM 1664 O O   . HOH E 3 .   ? 15.806  -14.288 -3.642  1.00 31.04 ? 740 HOH B O   1 
HETATM 1665 O O   . HOH E 3 .   ? -1.711  -18.847 3.140   1.00 26.70 ? 741 HOH B O   1 
HETATM 1666 O O   . HOH E 3 .   ? -6.208  -18.922 -8.383  1.00 35.88 ? 742 HOH B O   1 
HETATM 1667 O O   . HOH E 3 .   ? 15.532  -12.795 -5.972  1.00 31.79 ? 743 HOH B O   1 
HETATM 1668 O O   . HOH E 3 .   ? -2.474  -7.381  -4.092  1.00 36.76 ? 744 HOH B O   1 
HETATM 1669 O O   . HOH E 3 .   ? 6.818   -21.074 4.619   1.00 36.85 ? 745 HOH B O   1 
HETATM 1670 O O   . HOH E 3 .   ? -2.527  -11.815 13.594  1.00 48.58 ? 746 HOH B O   1 
HETATM 1671 O O   . HOH E 3 .   ? 8.698   -24.642 -6.666  1.00 30.86 ? 747 HOH B O   1 
HETATM 1672 O O   . HOH E 3 .   ? -1.158  -19.505 5.592   1.00 36.69 ? 748 HOH B O   1 
HETATM 1673 O O   . HOH E 3 .   ? 9.485   3.723   11.057  1.00 21.74 ? 749 HOH B O   1 
HETATM 1674 O O   . HOH E 3 .   ? 12.384  8.462   6.668   1.00 27.59 ? 750 HOH B O   1 
HETATM 1675 O O   . HOH E 3 .   ? 14.401  -19.461 -0.159  1.00 25.45 ? 751 HOH B O   1 
HETATM 1676 O O   . HOH E 3 .   ? 19.031  -2.982  2.923   1.00 29.03 ? 752 HOH B O   1 
HETATM 1677 O O   . HOH E 3 .   ? 16.338  0.629   5.197   1.00 21.43 ? 753 HOH B O   1 
HETATM 1678 O O   . HOH E 3 .   ? 10.066  8.136   -3.195  1.00 32.41 ? 754 HOH B O   1 
HETATM 1679 O O   . HOH E 3 .   ? 18.110  -0.423  2.977   1.00 26.36 ? 755 HOH B O   1 
HETATM 1680 O O   . HOH E 3 .   ? 0.432   0.355   -8.555  1.00 37.17 ? 756 HOH B O   1 
HETATM 1681 O O   . HOH E 3 .   ? 16.151  -12.543 3.472   1.00 33.78 ? 757 HOH B O   1 
HETATM 1682 O O   . HOH E 3 .   ? 0.947   -18.482 6.763   1.00 40.54 ? 758 HOH B O   1 
HETATM 1683 O O   . HOH E 3 .   ? -0.747  -3.238  10.227  1.00 35.55 ? 759 HOH B O   1 
HETATM 1684 O O   . HOH E 3 .   ? 15.192  3.481   -8.876  1.00 44.75 ? 760 HOH B O   1 
HETATM 1685 O O   . HOH E 3 .   ? 16.639  4.437   -5.613  1.00 47.24 ? 761 HOH B O   1 
HETATM 1686 O O   . HOH E 3 .   ? 18.798  -9.431  -5.690  1.00 51.46 ? 762 HOH B O   1 
HETATM 1687 O O   . HOH E 3 .   ? 15.131  -12.438 11.144  1.00 27.18 ? 763 HOH B O   1 
HETATM 1688 O O   . HOH E 3 .   ? 16.295  -14.761 4.869   1.00 27.66 ? 764 HOH B O   1 
HETATM 1689 O O   . HOH E 3 .   ? 8.122   5.507   12.626  1.00 40.79 ? 765 HOH B O   1 
HETATM 1690 O O   . HOH E 3 .   ? 18.105  -12.090 -6.284  1.00 49.03 ? 766 HOH B O   1 
HETATM 1691 O O   . HOH E 3 .   ? -4.787  -6.888  -14.725 1.00 69.30 ? 767 HOH B O   1 
# 
loop_
_pdbx_poly_seq_scheme.asym_id 
_pdbx_poly_seq_scheme.entity_id 
_pdbx_poly_seq_scheme.seq_id 
_pdbx_poly_seq_scheme.mon_id 
_pdbx_poly_seq_scheme.ndb_seq_num 
_pdbx_poly_seq_scheme.pdb_seq_num 
_pdbx_poly_seq_scheme.auth_seq_num 
_pdbx_poly_seq_scheme.pdb_mon_id 
_pdbx_poly_seq_scheme.auth_mon_id 
_pdbx_poly_seq_scheme.pdb_strand_id 
_pdbx_poly_seq_scheme.pdb_ins_code 
_pdbx_poly_seq_scheme.hetero 
A 1 1   GLY 1   542 ?   ?   ?   A . n 
A 1 2   PRO 2   543 ?   ?   ?   A . n 
A 1 3   GLY 3   544 ?   ?   ?   A . n 
A 1 4   SER 4   545 ?   ?   ?   A . n 
A 1 5   THR 5   546 ?   ?   ?   A . n 
A 1 6   VAL 6   547 547 VAL VAL A . n 
A 1 7   ASN 7   548 548 ASN ASN A . n 
A 1 8   GLU 8   549 549 GLU GLU A . n 
A 1 9   GLN 9   550 550 GLN GLN A . n 
A 1 10  VAL 10  551 551 VAL VAL A . n 
A 1 11  GLN 11  552 552 GLN GLN A . n 
A 1 12  ALA 12  553 553 ALA ALA A . n 
A 1 13  TRP 13  554 554 TRP TRP A . n 
A 1 14  GLU 14  555 555 GLU GLU A . n 
A 1 15  SER 15  556 556 SER SER A . n 
A 1 16  ARG 16  557 557 ARG ARG A . n 
A 1 17  ARG 17  558 558 ARG ARG A . n 
A 1 18  PRO 18  559 559 PRO PRO A . n 
A 1 19  LEU 19  560 560 LEU LEU A . n 
A 1 20  ILE 20  561 561 ILE ILE A . n 
A 1 21  GLN 21  562 562 GLN GLN A . n 
A 1 22  ASP 22  563 563 ASP ASP A . n 
A 1 23  LEU 23  564 564 LEU LEU A . n 
A 1 24  ALA 24  565 565 ALA ALA A . n 
A 1 25  ARG 25  566 566 ARG ARG A . n 
A 1 26  ARG 26  567 567 ARG ARG A . n 
A 1 27  LEU 27  568 568 LEU LEU A . n 
A 1 28  LEU 28  569 569 LEU LEU A . n 
A 1 29  THR 29  570 570 THR THR A . n 
A 1 30  ASP 30  571 571 ASP ASP A . n 
A 1 31  ASP 31  572 572 ASP ASP A . n 
A 1 32  GLU 32  573 573 GLU GLU A . n 
A 1 33  VAL 33  574 574 VAL VAL A . n 
A 1 34  LEU 34  575 575 LEU LEU A . n 
A 1 35  ALA 35  576 576 ALA ALA A . n 
A 1 36  VAL 36  577 577 VAL VAL A . n 
A 1 37  THR 37  578 578 THR THR A . n 
A 1 38  ARG 38  579 579 ARG ARG A . n 
A 1 39  HIS 39  580 580 HIS HIS A . n 
A 1 40  CYS 40  581 581 CYS CYS A . n 
A 1 41  SER 41  582 582 SER SER A . n 
A 1 42  ARG 42  583 583 ARG ARG A . n 
A 1 43  TYR 43  584 584 TYR TYR A . n 
A 1 44  VAL 44  585 585 VAL VAL A . n 
A 1 45  HIS 45  586 586 HIS HIS A . n 
A 1 46  GLU 46  587 587 GLU GLU A . n 
A 1 47  GLY 47  588 588 GLY GLY A . n 
A 1 48  GLY 48  589 589 GLY GLY A . n 
A 1 49  VAL 49  590 590 VAL VAL A . n 
A 1 50  GLU 50  591 591 GLU GLU A . n 
A 1 51  ASP 51  592 592 ASP ASP A . n 
A 1 52  LEU 52  593 593 LEU LEU A . n 
A 1 53  VAL 53  594 594 VAL VAL A . n 
A 1 54  ARG 54  595 595 ARG ARG A . n 
A 1 55  PRO 55  596 596 PRO PRO A . n 
A 1 56  LEU 56  597 597 LEU LEU A . n 
A 1 57  LEU 57  598 598 LEU LEU A . n 
A 1 58  ALA 58  599 599 ALA ALA A . n 
A 1 59  ILE 59  600 600 ILE ILE A . n 
A 1 60  LEU 60  601 601 LEU LEU A . n 
A 1 61  ASP 61  602 602 ASP ASP A . n 
A 1 62  ARG 62  603 603 ARG ARG A . n 
A 1 63  PRO 63  604 604 PRO PRO A . n 
A 1 64  THR 64  605 605 THR THR A . n 
A 1 65  LYS 65  606 606 LYS LYS A . n 
A 1 66  LEU 66  607 607 LEU LEU A . n 
A 1 67  LEU 67  608 608 LEU LEU A . n 
A 1 68  LEU 68  609 609 LEU LEU A . n 
A 1 69  LEU 69  610 610 LEU LEU A . n 
A 1 70  ARG 70  611 611 ARG ARG A . n 
A 1 71  ASP 71  612 612 ASP ASP A . n 
A 1 72  ILE 72  613 613 ILE ILE A . n 
A 1 73  ARG 73  614 614 ARG ARG A . n 
A 1 74  SER 74  615 615 SER SER A . n 
A 1 75  VAL 75  616 616 VAL VAL A . n 
A 1 76  VAL 76  617 617 VAL VAL A . n 
A 1 77  ALA 77  618 618 ALA ALA A . n 
A 1 78  PRO 78  619 619 PRO PRO A . n 
A 1 79  THR 79  620 620 THR THR A . n 
A 1 80  ASP 80  621 621 ASP ASP A . n 
A 1 81  LEU 81  622 622 LEU LEU A . n 
A 1 82  GLY 82  623 623 GLY GLY A . n 
A 1 83  ARG 83  624 624 ARG ARG A . n 
A 1 84  PHE 84  625 625 PHE PHE A . n 
A 1 85  ASP 85  626 626 ASP ASP A . n 
A 1 86  SER 86  627 627 SER SER A . n 
A 1 87  MET 87  628 628 MET MET A . n 
A 1 88  VAL 88  629 629 VAL VAL A . n 
A 1 89  MET 89  630 630 MET MET A . n 
A 1 90  PRO 90  631 631 PRO PRO A . n 
A 1 91  VAL 91  632 632 VAL VAL A . n 
A 1 92  GLU 92  633 633 GLU GLU A . n 
A 1 93  LEU 93  634 634 LEU LEU A . n 
A 1 94  GLU 94  635 635 GLU GLU A . n 
A 1 95  ALA 95  636 636 ALA ALA A . n 
A 1 96  PHE 96  637 637 PHE PHE A . n 
A 1 97  GLU 97  638 638 GLU GLU A . n 
A 1 98  ALA 98  639 639 ALA ALA A . n 
A 1 99  LEU 99  640 640 LEU LEU A . n 
A 1 100 LYS 100 641 641 LYS LYS A . n 
A 1 101 SER 101 642 642 SER SER A . n 
A 1 102 ARG 102 643 643 ARG ARG A . n 
A 1 103 ALA 103 644 ?   ?   ?   A . n 
A 1 104 VAL 104 645 ?   ?   ?   A . n 
A 1 105 GLY 105 646 ?   ?   ?   A . n 
B 1 1   GLY 1   542 ?   ?   ?   B . n 
B 1 2   PRO 2   543 ?   ?   ?   B . n 
B 1 3   GLY 3   544 ?   ?   ?   B . n 
B 1 4   SER 4   545 ?   ?   ?   B . n 
B 1 5   THR 5   546 ?   ?   ?   B . n 
B 1 6   VAL 6   547 547 VAL VAL B . n 
B 1 7   ASN 7   548 548 ASN ASN B . n 
B 1 8   GLU 8   549 549 GLU GLU B . n 
B 1 9   GLN 9   550 550 GLN GLN B . n 
B 1 10  VAL 10  551 551 VAL VAL B . n 
B 1 11  GLN 11  552 552 GLN GLN B . n 
B 1 12  ALA 12  553 553 ALA ALA B . n 
B 1 13  TRP 13  554 554 TRP TRP B . n 
B 1 14  GLU 14  555 555 GLU GLU B . n 
B 1 15  SER 15  556 556 SER SER B . n 
B 1 16  ARG 16  557 557 ARG ARG B . n 
B 1 17  ARG 17  558 558 ARG ARG B . n 
B 1 18  PRO 18  559 559 PRO PRO B . n 
B 1 19  LEU 19  560 560 LEU LEU B . n 
B 1 20  ILE 20  561 561 ILE ILE B . n 
B 1 21  GLN 21  562 562 GLN GLN B . n 
B 1 22  ASP 22  563 563 ASP ASP B . n 
B 1 23  LEU 23  564 564 LEU LEU B . n 
B 1 24  ALA 24  565 565 ALA ALA B . n 
B 1 25  ARG 25  566 566 ARG ARG B . n 
B 1 26  ARG 26  567 567 ARG ARG B . n 
B 1 27  LEU 27  568 568 LEU LEU B . n 
B 1 28  LEU 28  569 569 LEU LEU B . n 
B 1 29  THR 29  570 570 THR THR B . n 
B 1 30  ASP 30  571 571 ASP ASP B . n 
B 1 31  ASP 31  572 572 ASP ASP B . n 
B 1 32  GLU 32  573 573 GLU GLU B . n 
B 1 33  VAL 33  574 574 VAL VAL B . n 
B 1 34  LEU 34  575 575 LEU LEU B . n 
B 1 35  ALA 35  576 576 ALA ALA B . n 
B 1 36  VAL 36  577 577 VAL VAL B . n 
B 1 37  THR 37  578 578 THR THR B . n 
B 1 38  ARG 38  579 579 ARG ARG B . n 
B 1 39  HIS 39  580 580 HIS HIS B . n 
B 1 40  CYS 40  581 581 CYS CYS B . n 
B 1 41  SER 41  582 582 SER SER B . n 
B 1 42  ARG 42  583 583 ARG ARG B . n 
B 1 43  TYR 43  584 584 TYR TYR B . n 
B 1 44  VAL 44  585 585 VAL VAL B . n 
B 1 45  HIS 45  586 586 HIS HIS B . n 
B 1 46  GLU 46  587 587 GLU GLU B . n 
B 1 47  GLY 47  588 588 GLY GLY B . n 
B 1 48  GLY 48  589 589 GLY GLY B . n 
B 1 49  VAL 49  590 590 VAL VAL B . n 
B 1 50  GLU 50  591 591 GLU GLU B . n 
B 1 51  ASP 51  592 592 ASP ASP B . n 
B 1 52  LEU 52  593 593 LEU LEU B . n 
B 1 53  VAL 53  594 594 VAL VAL B . n 
B 1 54  ARG 54  595 595 ARG ARG B . n 
B 1 55  PRO 55  596 596 PRO PRO B . n 
B 1 56  LEU 56  597 597 LEU LEU B . n 
B 1 57  LEU 57  598 598 LEU LEU B . n 
B 1 58  ALA 58  599 599 ALA ALA B . n 
B 1 59  ILE 59  600 600 ILE ILE B . n 
B 1 60  LEU 60  601 601 LEU LEU B . n 
B 1 61  ASP 61  602 602 ASP ASP B . n 
B 1 62  ARG 62  603 603 ARG ARG B . n 
B 1 63  PRO 63  604 604 PRO PRO B . n 
B 1 64  THR 64  605 605 THR THR B . n 
B 1 65  LYS 65  606 606 LYS LYS B . n 
B 1 66  LEU 66  607 607 LEU LEU B . n 
B 1 67  LEU 67  608 608 LEU LEU B . n 
B 1 68  LEU 68  609 609 LEU LEU B . n 
B 1 69  LEU 69  610 610 LEU LEU B . n 
B 1 70  ARG 70  611 611 ARG ARG B . n 
B 1 71  ASP 71  612 612 ASP ASP B . n 
B 1 72  ILE 72  613 613 ILE ILE B . n 
B 1 73  ARG 73  614 614 ARG ARG B . n 
B 1 74  SER 74  615 615 SER SER B . n 
B 1 75  VAL 75  616 616 VAL VAL B . n 
B 1 76  VAL 76  617 617 VAL VAL B . n 
B 1 77  ALA 77  618 618 ALA ALA B . n 
B 1 78  PRO 78  619 619 PRO PRO B . n 
B 1 79  THR 79  620 620 THR THR B . n 
B 1 80  ASP 80  621 621 ASP ASP B . n 
B 1 81  LEU 81  622 622 LEU LEU B . n 
B 1 82  GLY 82  623 623 GLY GLY B . n 
B 1 83  ARG 83  624 624 ARG ARG B . n 
B 1 84  PHE 84  625 625 PHE PHE B . n 
B 1 85  ASP 85  626 626 ASP ASP B . n 
B 1 86  SER 86  627 627 SER SER B . n 
B 1 87  MET 87  628 628 MET MET B . n 
B 1 88  VAL 88  629 629 VAL VAL B . n 
B 1 89  MET 89  630 630 MET MET B . n 
B 1 90  PRO 90  631 631 PRO PRO B . n 
B 1 91  VAL 91  632 632 VAL VAL B . n 
B 1 92  GLU 92  633 633 GLU GLU B . n 
B 1 93  LEU 93  634 634 LEU LEU B . n 
B 1 94  GLU 94  635 635 GLU GLU B . n 
B 1 95  ALA 95  636 636 ALA ALA B . n 
B 1 96  PHE 96  637 637 PHE PHE B . n 
B 1 97  GLU 97  638 638 GLU GLU B . n 
B 1 98  ALA 98  639 639 ALA ALA B . n 
B 1 99  LEU 99  640 ?   ?   ?   B . n 
B 1 100 LYS 100 641 ?   ?   ?   B . n 
B 1 101 SER 101 642 ?   ?   ?   B . n 
B 1 102 ARG 102 643 ?   ?   ?   B . n 
B 1 103 ALA 103 644 ?   ?   ?   B . n 
B 1 104 VAL 104 645 ?   ?   ?   B . n 
B 1 105 GLY 105 646 ?   ?   ?   B . n 
# 
loop_
_pdbx_nonpoly_scheme.asym_id 
_pdbx_nonpoly_scheme.entity_id 
_pdbx_nonpoly_scheme.mon_id 
_pdbx_nonpoly_scheme.ndb_seq_num 
_pdbx_nonpoly_scheme.pdb_seq_num 
_pdbx_nonpoly_scheme.auth_seq_num 
_pdbx_nonpoly_scheme.pdb_mon_id 
_pdbx_nonpoly_scheme.auth_mon_id 
_pdbx_nonpoly_scheme.pdb_strand_id 
_pdbx_nonpoly_scheme.pdb_ins_code 
C 2 2Q5 1  701 701 2Q5 2Q5 A . 
D 3 HOH 1  801 103 HOH HOH A . 
D 3 HOH 2  802 94  HOH HOH A . 
D 3 HOH 3  803 11  HOH HOH A . 
D 3 HOH 4  804 41  HOH HOH A . 
D 3 HOH 5  805 18  HOH HOH A . 
D 3 HOH 6  806 37  HOH HOH A . 
D 3 HOH 7  807 17  HOH HOH A . 
D 3 HOH 8  808 13  HOH HOH A . 
D 3 HOH 9  809 82  HOH HOH A . 
D 3 HOH 10 810 8   HOH HOH A . 
D 3 HOH 11 811 71  HOH HOH A . 
D 3 HOH 12 812 150 HOH HOH A . 
D 3 HOH 13 813 118 HOH HOH A . 
D 3 HOH 14 814 55  HOH HOH A . 
D 3 HOH 15 815 44  HOH HOH A . 
D 3 HOH 16 816 113 HOH HOH A . 
D 3 HOH 17 817 42  HOH HOH A . 
D 3 HOH 18 818 104 HOH HOH A . 
D 3 HOH 19 819 166 HOH HOH A . 
D 3 HOH 20 820 101 HOH HOH A . 
D 3 HOH 21 821 58  HOH HOH A . 
D 3 HOH 22 822 136 HOH HOH A . 
D 3 HOH 23 823 159 HOH HOH A . 
D 3 HOH 24 824 99  HOH HOH A . 
D 3 HOH 25 825 65  HOH HOH A . 
D 3 HOH 26 826 67  HOH HOH A . 
D 3 HOH 27 827 75  HOH HOH A . 
D 3 HOH 28 828 6   HOH HOH A . 
D 3 HOH 29 829 15  HOH HOH A . 
D 3 HOH 30 830 33  HOH HOH A . 
D 3 HOH 31 831 90  HOH HOH A . 
D 3 HOH 32 832 102 HOH HOH A . 
D 3 HOH 33 833 47  HOH HOH A . 
D 3 HOH 34 834 24  HOH HOH A . 
D 3 HOH 35 835 83  HOH HOH A . 
D 3 HOH 36 836 97  HOH HOH A . 
D 3 HOH 37 837 96  HOH HOH A . 
D 3 HOH 38 838 7   HOH HOH A . 
D 3 HOH 39 839 4   HOH HOH A . 
D 3 HOH 40 840 29  HOH HOH A . 
D 3 HOH 41 841 50  HOH HOH A . 
D 3 HOH 42 842 54  HOH HOH A . 
D 3 HOH 43 843 138 HOH HOH A . 
D 3 HOH 44 844 85  HOH HOH A . 
D 3 HOH 45 845 140 HOH HOH A . 
D 3 HOH 46 846 107 HOH HOH A . 
D 3 HOH 47 847 23  HOH HOH A . 
D 3 HOH 48 848 149 HOH HOH A . 
D 3 HOH 49 849 89  HOH HOH A . 
D 3 HOH 50 850 32  HOH HOH A . 
D 3 HOH 51 851 151 HOH HOH A . 
D 3 HOH 52 852 87  HOH HOH A . 
D 3 HOH 53 853 146 HOH HOH A . 
D 3 HOH 54 854 9   HOH HOH A . 
D 3 HOH 55 855 28  HOH HOH A . 
D 3 HOH 56 856 120 HOH HOH A . 
D 3 HOH 57 857 100 HOH HOH A . 
D 3 HOH 58 858 139 HOH HOH A . 
D 3 HOH 59 859 64  HOH HOH A . 
D 3 HOH 60 860 20  HOH HOH A . 
D 3 HOH 61 861 43  HOH HOH A . 
D 3 HOH 62 862 152 HOH HOH A . 
D 3 HOH 63 863 125 HOH HOH A . 
D 3 HOH 64 864 72  HOH HOH A . 
D 3 HOH 65 865 162 HOH HOH A . 
D 3 HOH 66 866 48  HOH HOH A . 
D 3 HOH 67 867 53  HOH HOH A . 
D 3 HOH 68 868 160 HOH HOH A . 
D 3 HOH 69 869 84  HOH HOH A . 
D 3 HOH 70 870 155 HOH HOH A . 
D 3 HOH 71 871 127 HOH HOH A . 
D 3 HOH 72 872 1   HOH HOH A . 
D 3 HOH 73 873 92  HOH HOH A . 
D 3 HOH 74 874 121 HOH HOH A . 
D 3 HOH 75 875 156 HOH HOH A . 
D 3 HOH 76 876 122 HOH HOH A . 
D 3 HOH 77 877 144 HOH HOH A . 
D 3 HOH 78 878 86  HOH HOH A . 
D 3 HOH 79 879 147 HOH HOH A . 
D 3 HOH 80 880 134 HOH HOH A . 
D 3 HOH 81 881 167 HOH HOH A . 
D 3 HOH 82 882 142 HOH HOH A . 
D 3 HOH 83 883 109 HOH HOH A . 
D 3 HOH 84 884 123 HOH HOH A . 
E 3 HOH 1  701 25  HOH HOH B . 
E 3 HOH 2  702 70  HOH HOH B . 
E 3 HOH 3  703 157 HOH HOH B . 
E 3 HOH 4  704 10  HOH HOH B . 
E 3 HOH 5  705 49  HOH HOH B . 
E 3 HOH 6  706 126 HOH HOH B . 
E 3 HOH 7  707 69  HOH HOH B . 
E 3 HOH 8  708 114 HOH HOH B . 
E 3 HOH 9  709 26  HOH HOH B . 
E 3 HOH 10 710 31  HOH HOH B . 
E 3 HOH 11 711 5   HOH HOH B . 
E 3 HOH 12 712 91  HOH HOH B . 
E 3 HOH 13 713 161 HOH HOH B . 
E 3 HOH 14 714 106 HOH HOH B . 
E 3 HOH 15 715 93  HOH HOH B . 
E 3 HOH 16 716 112 HOH HOH B . 
E 3 HOH 17 717 12  HOH HOH B . 
E 3 HOH 18 718 77  HOH HOH B . 
E 3 HOH 19 719 88  HOH HOH B . 
E 3 HOH 20 720 66  HOH HOH B . 
E 3 HOH 21 721 16  HOH HOH B . 
E 3 HOH 22 722 68  HOH HOH B . 
E 3 HOH 23 723 22  HOH HOH B . 
E 3 HOH 24 724 52  HOH HOH B . 
E 3 HOH 25 725 154 HOH HOH B . 
E 3 HOH 26 726 51  HOH HOH B . 
E 3 HOH 27 727 81  HOH HOH B . 
E 3 HOH 28 728 79  HOH HOH B . 
E 3 HOH 29 729 135 HOH HOH B . 
E 3 HOH 30 730 2   HOH HOH B . 
E 3 HOH 31 731 34  HOH HOH B . 
E 3 HOH 32 732 46  HOH HOH B . 
E 3 HOH 33 733 3   HOH HOH B . 
E 3 HOH 34 734 148 HOH HOH B . 
E 3 HOH 35 735 76  HOH HOH B . 
E 3 HOH 36 736 45  HOH HOH B . 
E 3 HOH 37 737 95  HOH HOH B . 
E 3 HOH 38 738 60  HOH HOH B . 
E 3 HOH 39 739 27  HOH HOH B . 
E 3 HOH 40 740 59  HOH HOH B . 
E 3 HOH 41 741 38  HOH HOH B . 
E 3 HOH 42 742 119 HOH HOH B . 
E 3 HOH 43 743 74  HOH HOH B . 
E 3 HOH 44 744 132 HOH HOH B . 
E 3 HOH 45 745 108 HOH HOH B . 
E 3 HOH 46 746 153 HOH HOH B . 
E 3 HOH 47 747 73  HOH HOH B . 
E 3 HOH 48 748 130 HOH HOH B . 
E 3 HOH 49 749 21  HOH HOH B . 
E 3 HOH 50 750 57  HOH HOH B . 
E 3 HOH 51 751 30  HOH HOH B . 
E 3 HOH 52 752 63  HOH HOH B . 
E 3 HOH 53 753 14  HOH HOH B . 
E 3 HOH 54 754 98  HOH HOH B . 
E 3 HOH 55 755 40  HOH HOH B . 
E 3 HOH 56 756 137 HOH HOH B . 
E 3 HOH 57 757 145 HOH HOH B . 
E 3 HOH 58 758 158 HOH HOH B . 
E 3 HOH 59 759 129 HOH HOH B . 
E 3 HOH 60 760 141 HOH HOH B . 
E 3 HOH 61 761 168 HOH HOH B . 
E 3 HOH 62 762 163 HOH HOH B . 
E 3 HOH 63 763 128 HOH HOH B . 
E 3 HOH 64 764 61  HOH HOH B . 
E 3 HOH 65 765 165 HOH HOH B . 
E 3 HOH 66 766 105 HOH HOH B . 
E 3 HOH 67 767 164 HOH HOH B . 
# 
loop_
_pdbx_struct_assembly.id 
_pdbx_struct_assembly.details 
_pdbx_struct_assembly.method_details 
_pdbx_struct_assembly.oligomeric_details 
_pdbx_struct_assembly.oligomeric_count 
1 author_defined_assembly ? monomeric 1 
2 author_defined_assembly ? monomeric 1 
# 
loop_
_pdbx_struct_assembly_gen.assembly_id 
_pdbx_struct_assembly_gen.oper_expression 
_pdbx_struct_assembly_gen.asym_id_list 
1 1 A,C,D 
2 1 B,E   
# 
_pdbx_struct_oper_list.id                   1 
_pdbx_struct_oper_list.type                 'identity operation' 
_pdbx_struct_oper_list.name                 1_555 
_pdbx_struct_oper_list.symmetry_operation   x,y,z 
_pdbx_struct_oper_list.matrix[1][1]         1.0000000000 
_pdbx_struct_oper_list.matrix[1][2]         0.0000000000 
_pdbx_struct_oper_list.matrix[1][3]         0.0000000000 
_pdbx_struct_oper_list.vector[1]            0.0000000000 
_pdbx_struct_oper_list.matrix[2][1]         0.0000000000 
_pdbx_struct_oper_list.matrix[2][2]         1.0000000000 
_pdbx_struct_oper_list.matrix[2][3]         0.0000000000 
_pdbx_struct_oper_list.vector[2]            0.0000000000 
_pdbx_struct_oper_list.matrix[3][1]         0.0000000000 
_pdbx_struct_oper_list.matrix[3][2]         0.0000000000 
_pdbx_struct_oper_list.matrix[3][3]         1.0000000000 
_pdbx_struct_oper_list.vector[3]            0.0000000000 
# 
loop_
_pdbx_audit_revision_history.ordinal 
_pdbx_audit_revision_history.data_content_type 
_pdbx_audit_revision_history.major_revision 
_pdbx_audit_revision_history.minor_revision 
_pdbx_audit_revision_history.revision_date 
1 'Structure model' 1 0 2021-08-25 
2 'Structure model' 1 1 2023-11-29 
# 
_pdbx_audit_revision_details.ordinal             1 
_pdbx_audit_revision_details.revision_ordinal    1 
_pdbx_audit_revision_details.data_content_type   'Structure model' 
_pdbx_audit_revision_details.provider            repository 
_pdbx_audit_revision_details.type                'Initial release' 
_pdbx_audit_revision_details.description         ? 
_pdbx_audit_revision_details.details             ? 
# 
loop_
_pdbx_audit_revision_group.ordinal 
_pdbx_audit_revision_group.revision_ordinal 
_pdbx_audit_revision_group.data_content_type 
_pdbx_audit_revision_group.group 
1 2 'Structure model' 'Data collection'        
2 2 'Structure model' 'Refinement description' 
# 
loop_
_pdbx_audit_revision_category.ordinal 
_pdbx_audit_revision_category.revision_ordinal 
_pdbx_audit_revision_category.data_content_type 
_pdbx_audit_revision_category.category 
1 2 'Structure model' chem_comp_atom                
2 2 'Structure model' chem_comp_bond                
3 2 'Structure model' pdbx_initial_refinement_model 
# 
loop_
_software.citation_id 
_software.classification 
_software.compiler_name 
_software.compiler_version 
_software.contact_author 
_software.contact_author_email 
_software.date 
_software.description 
_software.dependencies 
_software.hardware 
_software.language 
_software.location 
_software.mods 
_software.name 
_software.os 
_software.os_version 
_software.type 
_software.version 
_software.pdbx_ordinal 
? refinement        ? ? ? ? ? ? ? ? ? ? ? PHENIX      ? ? ? 1.18.2_3874 1 
? 'data scaling'    ? ? ? ? ? ? ? ? ? ? ? XSCALE      ? ? ? .           2 
? 'data extraction' ? ? ? ? ? ? ? ? ? ? ? PDB_EXTRACT ? ? ? 3.27        3 
? 'data reduction'  ? ? ? ? ? ? ? ? ? ? ? XDS         ? ? ? .           4 
? phasing           ? ? ? ? ? ? ? ? ? ? ? PHASER      ? ? ? .           5 
# 
_pdbx_entry_details.entry_id                 7DE7 
_pdbx_entry_details.has_ligand_of_interest   N 
_pdbx_entry_details.compound_details         ? 
_pdbx_entry_details.source_details           ? 
_pdbx_entry_details.nonpolymer_details       ? 
_pdbx_entry_details.sequence_details         ? 
# 
loop_
_pdbx_distant_solvent_atoms.id 
_pdbx_distant_solvent_atoms.PDB_model_num 
_pdbx_distant_solvent_atoms.auth_atom_id 
_pdbx_distant_solvent_atoms.label_alt_id 
_pdbx_distant_solvent_atoms.auth_asym_id 
_pdbx_distant_solvent_atoms.auth_comp_id 
_pdbx_distant_solvent_atoms.auth_seq_id 
_pdbx_distant_solvent_atoms.PDB_ins_code 
_pdbx_distant_solvent_atoms.neighbor_macromolecule_distance 
_pdbx_distant_solvent_atoms.neighbor_ligand_distance 
1 1 O ? A HOH 884 ? 6.19 . 
2 1 O ? B HOH 767 ? 6.71 . 
# 
loop_
_pdbx_unobs_or_zero_occ_atoms.id 
_pdbx_unobs_or_zero_occ_atoms.PDB_model_num 
_pdbx_unobs_or_zero_occ_atoms.polymer_flag 
_pdbx_unobs_or_zero_occ_atoms.occupancy_flag 
_pdbx_unobs_or_zero_occ_atoms.auth_asym_id 
_pdbx_unobs_or_zero_occ_atoms.auth_comp_id 
_pdbx_unobs_or_zero_occ_atoms.auth_seq_id 
_pdbx_unobs_or_zero_occ_atoms.PDB_ins_code 
_pdbx_unobs_or_zero_occ_atoms.auth_atom_id 
_pdbx_unobs_or_zero_occ_atoms.label_alt_id 
_pdbx_unobs_or_zero_occ_atoms.label_asym_id 
_pdbx_unobs_or_zero_occ_atoms.label_comp_id 
_pdbx_unobs_or_zero_occ_atoms.label_seq_id 
_pdbx_unobs_or_zero_occ_atoms.label_atom_id 
1  1 Y 1 A VAL 547 ? CG1 ? A VAL 6   CG1 
2  1 Y 1 A VAL 547 ? CG2 ? A VAL 6   CG2 
3  1 Y 1 A ARG 643 ? CG  ? A ARG 102 CG  
4  1 Y 1 A ARG 643 ? CD  ? A ARG 102 CD  
5  1 Y 1 A ARG 643 ? NE  ? A ARG 102 NE  
6  1 Y 1 A ARG 643 ? CZ  ? A ARG 102 CZ  
7  1 Y 1 A ARG 643 ? NH1 ? A ARG 102 NH1 
8  1 Y 1 A ARG 643 ? NH2 ? A ARG 102 NH2 
9  1 Y 1 B VAL 547 ? CG1 ? B VAL 6   CG1 
10 1 Y 1 B VAL 547 ? CG2 ? B VAL 6   CG2 
# 
loop_
_pdbx_unobs_or_zero_occ_residues.id 
_pdbx_unobs_or_zero_occ_residues.PDB_model_num 
_pdbx_unobs_or_zero_occ_residues.polymer_flag 
_pdbx_unobs_or_zero_occ_residues.occupancy_flag 
_pdbx_unobs_or_zero_occ_residues.auth_asym_id 
_pdbx_unobs_or_zero_occ_residues.auth_comp_id 
_pdbx_unobs_or_zero_occ_residues.auth_seq_id 
_pdbx_unobs_or_zero_occ_residues.PDB_ins_code 
_pdbx_unobs_or_zero_occ_residues.label_asym_id 
_pdbx_unobs_or_zero_occ_residues.label_comp_id 
_pdbx_unobs_or_zero_occ_residues.label_seq_id 
1  1 Y 1 A GLY 542 ? A GLY 1   
2  1 Y 1 A PRO 543 ? A PRO 2   
3  1 Y 1 A GLY 544 ? A GLY 3   
4  1 Y 1 A SER 545 ? A SER 4   
5  1 Y 1 A THR 546 ? A THR 5   
6  1 Y 1 A ALA 644 ? A ALA 103 
7  1 Y 1 A VAL 645 ? A VAL 104 
8  1 Y 1 A GLY 646 ? A GLY 105 
9  1 Y 1 B GLY 542 ? B GLY 1   
10 1 Y 1 B PRO 543 ? B PRO 2   
11 1 Y 1 B GLY 544 ? B GLY 3   
12 1 Y 1 B SER 545 ? B SER 4   
13 1 Y 1 B THR 546 ? B THR 5   
14 1 Y 1 B LEU 640 ? B LEU 99  
15 1 Y 1 B LYS 641 ? B LYS 100 
16 1 Y 1 B SER 642 ? B SER 101 
17 1 Y 1 B ARG 643 ? B ARG 102 
18 1 Y 1 B ALA 644 ? B ALA 103 
19 1 Y 1 B VAL 645 ? B VAL 104 
20 1 Y 1 B GLY 646 ? B GLY 105 
# 
loop_
_chem_comp_atom.comp_id 
_chem_comp_atom.atom_id 
_chem_comp_atom.type_symbol 
_chem_comp_atom.pdbx_aromatic_flag 
_chem_comp_atom.pdbx_stereo_config 
_chem_comp_atom.pdbx_ordinal 
2Q5 OH   O N N 1   
2Q5 C2   C N R 2   
2Q5 C1   C N N 3   
2Q5 C3   C N N 4   
2Q5 O2   O N N 5   
2Q5 C5   C N S 6   
2Q5 C6   C N N 7   
2Q5 C4   C N N 8   
2Q5 O3   O N N 9   
2Q5 C7   C N R 10  
2Q5 C9   C N N 11  
2Q5 C8   C N N 12  
2Q5 O4   O N N 13  
2Q5 C11  C N R 14  
2Q5 C12  C N N 15  
2Q5 C10  C N N 16  
2Q5 O5   O N N 17  
2Q5 H1   H N N 18  
2Q5 H2   H N N 19  
2Q5 H3   H N N 20  
2Q5 H4   H N N 21  
2Q5 H5   H N N 22  
2Q5 H6   H N N 23  
2Q5 H7   H N N 24  
2Q5 H8   H N N 25  
2Q5 H9   H N N 26  
2Q5 H10  H N N 27  
2Q5 H11  H N N 28  
2Q5 H12  H N N 29  
2Q5 H13  H N N 30  
2Q5 H14  H N N 31  
2Q5 H15  H N N 32  
2Q5 H16  H N N 33  
2Q5 H17  H N N 34  
2Q5 H18  H N N 35  
2Q5 H19  H N N 36  
2Q5 H20  H N N 37  
2Q5 H21  H N N 38  
2Q5 H22  H N N 39  
2Q5 H23  H N N 40  
2Q5 H24  H N N 41  
2Q5 H25  H N N 42  
2Q5 H26  H N N 43  
ALA N    N N N 44  
ALA CA   C N S 45  
ALA C    C N N 46  
ALA O    O N N 47  
ALA CB   C N N 48  
ALA OXT  O N N 49  
ALA H    H N N 50  
ALA H2   H N N 51  
ALA HA   H N N 52  
ALA HB1  H N N 53  
ALA HB2  H N N 54  
ALA HB3  H N N 55  
ALA HXT  H N N 56  
ARG N    N N N 57  
ARG CA   C N S 58  
ARG C    C N N 59  
ARG O    O N N 60  
ARG CB   C N N 61  
ARG CG   C N N 62  
ARG CD   C N N 63  
ARG NE   N N N 64  
ARG CZ   C N N 65  
ARG NH1  N N N 66  
ARG NH2  N N N 67  
ARG OXT  O N N 68  
ARG H    H N N 69  
ARG H2   H N N 70  
ARG HA   H N N 71  
ARG HB2  H N N 72  
ARG HB3  H N N 73  
ARG HG2  H N N 74  
ARG HG3  H N N 75  
ARG HD2  H N N 76  
ARG HD3  H N N 77  
ARG HE   H N N 78  
ARG HH11 H N N 79  
ARG HH12 H N N 80  
ARG HH21 H N N 81  
ARG HH22 H N N 82  
ARG HXT  H N N 83  
ASN N    N N N 84  
ASN CA   C N S 85  
ASN C    C N N 86  
ASN O    O N N 87  
ASN CB   C N N 88  
ASN CG   C N N 89  
ASN OD1  O N N 90  
ASN ND2  N N N 91  
ASN OXT  O N N 92  
ASN H    H N N 93  
ASN H2   H N N 94  
ASN HA   H N N 95  
ASN HB2  H N N 96  
ASN HB3  H N N 97  
ASN HD21 H N N 98  
ASN HD22 H N N 99  
ASN HXT  H N N 100 
ASP N    N N N 101 
ASP CA   C N S 102 
ASP C    C N N 103 
ASP O    O N N 104 
ASP CB   C N N 105 
ASP CG   C N N 106 
ASP OD1  O N N 107 
ASP OD2  O N N 108 
ASP OXT  O N N 109 
ASP H    H N N 110 
ASP H2   H N N 111 
ASP HA   H N N 112 
ASP HB2  H N N 113 
ASP HB3  H N N 114 
ASP HD2  H N N 115 
ASP HXT  H N N 116 
CYS N    N N N 117 
CYS CA   C N R 118 
CYS C    C N N 119 
CYS O    O N N 120 
CYS CB   C N N 121 
CYS SG   S N N 122 
CYS OXT  O N N 123 
CYS H    H N N 124 
CYS H2   H N N 125 
CYS HA   H N N 126 
CYS HB2  H N N 127 
CYS HB3  H N N 128 
CYS HG   H N N 129 
CYS HXT  H N N 130 
GLN N    N N N 131 
GLN CA   C N S 132 
GLN C    C N N 133 
GLN O    O N N 134 
GLN CB   C N N 135 
GLN CG   C N N 136 
GLN CD   C N N 137 
GLN OE1  O N N 138 
GLN NE2  N N N 139 
GLN OXT  O N N 140 
GLN H    H N N 141 
GLN H2   H N N 142 
GLN HA   H N N 143 
GLN HB2  H N N 144 
GLN HB3  H N N 145 
GLN HG2  H N N 146 
GLN HG3  H N N 147 
GLN HE21 H N N 148 
GLN HE22 H N N 149 
GLN HXT  H N N 150 
GLU N    N N N 151 
GLU CA   C N S 152 
GLU C    C N N 153 
GLU O    O N N 154 
GLU CB   C N N 155 
GLU CG   C N N 156 
GLU CD   C N N 157 
GLU OE1  O N N 158 
GLU OE2  O N N 159 
GLU OXT  O N N 160 
GLU H    H N N 161 
GLU H2   H N N 162 
GLU HA   H N N 163 
GLU HB2  H N N 164 
GLU HB3  H N N 165 
GLU HG2  H N N 166 
GLU HG3  H N N 167 
GLU HE2  H N N 168 
GLU HXT  H N N 169 
GLY N    N N N 170 
GLY CA   C N N 171 
GLY C    C N N 172 
GLY O    O N N 173 
GLY OXT  O N N 174 
GLY H    H N N 175 
GLY H2   H N N 176 
GLY HA2  H N N 177 
GLY HA3  H N N 178 
GLY HXT  H N N 179 
HIS N    N N N 180 
HIS CA   C N S 181 
HIS C    C N N 182 
HIS O    O N N 183 
HIS CB   C N N 184 
HIS CG   C Y N 185 
HIS ND1  N Y N 186 
HIS CD2  C Y N 187 
HIS CE1  C Y N 188 
HIS NE2  N Y N 189 
HIS OXT  O N N 190 
HIS H    H N N 191 
HIS H2   H N N 192 
HIS HA   H N N 193 
HIS HB2  H N N 194 
HIS HB3  H N N 195 
HIS HD1  H N N 196 
HIS HD2  H N N 197 
HIS HE1  H N N 198 
HIS HE2  H N N 199 
HIS HXT  H N N 200 
HOH O    O N N 201 
HOH H1   H N N 202 
HOH H2   H N N 203 
ILE N    N N N 204 
ILE CA   C N S 205 
ILE C    C N N 206 
ILE O    O N N 207 
ILE CB   C N S 208 
ILE CG1  C N N 209 
ILE CG2  C N N 210 
ILE CD1  C N N 211 
ILE OXT  O N N 212 
ILE H    H N N 213 
ILE H2   H N N 214 
ILE HA   H N N 215 
ILE HB   H N N 216 
ILE HG12 H N N 217 
ILE HG13 H N N 218 
ILE HG21 H N N 219 
ILE HG22 H N N 220 
ILE HG23 H N N 221 
ILE HD11 H N N 222 
ILE HD12 H N N 223 
ILE HD13 H N N 224 
ILE HXT  H N N 225 
LEU N    N N N 226 
LEU CA   C N S 227 
LEU C    C N N 228 
LEU O    O N N 229 
LEU CB   C N N 230 
LEU CG   C N N 231 
LEU CD1  C N N 232 
LEU CD2  C N N 233 
LEU OXT  O N N 234 
LEU H    H N N 235 
LEU H2   H N N 236 
LEU HA   H N N 237 
LEU HB2  H N N 238 
LEU HB3  H N N 239 
LEU HG   H N N 240 
LEU HD11 H N N 241 
LEU HD12 H N N 242 
LEU HD13 H N N 243 
LEU HD21 H N N 244 
LEU HD22 H N N 245 
LEU HD23 H N N 246 
LEU HXT  H N N 247 
LYS N    N N N 248 
LYS CA   C N S 249 
LYS C    C N N 250 
LYS O    O N N 251 
LYS CB   C N N 252 
LYS CG   C N N 253 
LYS CD   C N N 254 
LYS CE   C N N 255 
LYS NZ   N N N 256 
LYS OXT  O N N 257 
LYS H    H N N 258 
LYS H2   H N N 259 
LYS HA   H N N 260 
LYS HB2  H N N 261 
LYS HB3  H N N 262 
LYS HG2  H N N 263 
LYS HG3  H N N 264 
LYS HD2  H N N 265 
LYS HD3  H N N 266 
LYS HE2  H N N 267 
LYS HE3  H N N 268 
LYS HZ1  H N N 269 
LYS HZ2  H N N 270 
LYS HZ3  H N N 271 
LYS HXT  H N N 272 
MET N    N N N 273 
MET CA   C N S 274 
MET C    C N N 275 
MET O    O N N 276 
MET CB   C N N 277 
MET CG   C N N 278 
MET SD   S N N 279 
MET CE   C N N 280 
MET OXT  O N N 281 
MET H    H N N 282 
MET H2   H N N 283 
MET HA   H N N 284 
MET HB2  H N N 285 
MET HB3  H N N 286 
MET HG2  H N N 287 
MET HG3  H N N 288 
MET HE1  H N N 289 
MET HE2  H N N 290 
MET HE3  H N N 291 
MET HXT  H N N 292 
PHE N    N N N 293 
PHE CA   C N S 294 
PHE C    C N N 295 
PHE O    O N N 296 
PHE CB   C N N 297 
PHE CG   C Y N 298 
PHE CD1  C Y N 299 
PHE CD2  C Y N 300 
PHE CE1  C Y N 301 
PHE CE2  C Y N 302 
PHE CZ   C Y N 303 
PHE OXT  O N N 304 
PHE H    H N N 305 
PHE H2   H N N 306 
PHE HA   H N N 307 
PHE HB2  H N N 308 
PHE HB3  H N N 309 
PHE HD1  H N N 310 
PHE HD2  H N N 311 
PHE HE1  H N N 312 
PHE HE2  H N N 313 
PHE HZ   H N N 314 
PHE HXT  H N N 315 
PRO N    N N N 316 
PRO CA   C N S 317 
PRO C    C N N 318 
PRO O    O N N 319 
PRO CB   C N N 320 
PRO CG   C N N 321 
PRO CD   C N N 322 
PRO OXT  O N N 323 
PRO H    H N N 324 
PRO HA   H N N 325 
PRO HB2  H N N 326 
PRO HB3  H N N 327 
PRO HG2  H N N 328 
PRO HG3  H N N 329 
PRO HD2  H N N 330 
PRO HD3  H N N 331 
PRO HXT  H N N 332 
SER N    N N N 333 
SER CA   C N S 334 
SER C    C N N 335 
SER O    O N N 336 
SER CB   C N N 337 
SER OG   O N N 338 
SER OXT  O N N 339 
SER H    H N N 340 
SER H2   H N N 341 
SER HA   H N N 342 
SER HB2  H N N 343 
SER HB3  H N N 344 
SER HG   H N N 345 
SER HXT  H N N 346 
THR N    N N N 347 
THR CA   C N S 348 
THR C    C N N 349 
THR O    O N N 350 
THR CB   C N R 351 
THR OG1  O N N 352 
THR CG2  C N N 353 
THR OXT  O N N 354 
THR H    H N N 355 
THR H2   H N N 356 
THR HA   H N N 357 
THR HB   H N N 358 
THR HG1  H N N 359 
THR HG21 H N N 360 
THR HG22 H N N 361 
THR HG23 H N N 362 
THR HXT  H N N 363 
TRP N    N N N 364 
TRP CA   C N S 365 
TRP C    C N N 366 
TRP O    O N N 367 
TRP CB   C N N 368 
TRP CG   C Y N 369 
TRP CD1  C Y N 370 
TRP CD2  C Y N 371 
TRP NE1  N Y N 372 
TRP CE2  C Y N 373 
TRP CE3  C Y N 374 
TRP CZ2  C Y N 375 
TRP CZ3  C Y N 376 
TRP CH2  C Y N 377 
TRP OXT  O N N 378 
TRP H    H N N 379 
TRP H2   H N N 380 
TRP HA   H N N 381 
TRP HB2  H N N 382 
TRP HB3  H N N 383 
TRP HD1  H N N 384 
TRP HE1  H N N 385 
TRP HE3  H N N 386 
TRP HZ2  H N N 387 
TRP HZ3  H N N 388 
TRP HH2  H N N 389 
TRP HXT  H N N 390 
TYR N    N N N 391 
TYR CA   C N S 392 
TYR C    C N N 393 
TYR O    O N N 394 
TYR CB   C N N 395 
TYR CG   C Y N 396 
TYR CD1  C Y N 397 
TYR CD2  C Y N 398 
TYR CE1  C Y N 399 
TYR CE2  C Y N 400 
TYR CZ   C Y N 401 
TYR OH   O N N 402 
TYR OXT  O N N 403 
TYR H    H N N 404 
TYR H2   H N N 405 
TYR HA   H N N 406 
TYR HB2  H N N 407 
TYR HB3  H N N 408 
TYR HD1  H N N 409 
TYR HD2  H N N 410 
TYR HE1  H N N 411 
TYR HE2  H N N 412 
TYR HH   H N N 413 
TYR HXT  H N N 414 
VAL N    N N N 415 
VAL CA   C N S 416 
VAL C    C N N 417 
VAL O    O N N 418 
VAL CB   C N N 419 
VAL CG1  C N N 420 
VAL CG2  C N N 421 
VAL OXT  O N N 422 
VAL H    H N N 423 
VAL H2   H N N 424 
VAL HA   H N N 425 
VAL HB   H N N 426 
VAL HG11 H N N 427 
VAL HG12 H N N 428 
VAL HG13 H N N 429 
VAL HG21 H N N 430 
VAL HG22 H N N 431 
VAL HG23 H N N 432 
VAL HXT  H N N 433 
# 
loop_
_chem_comp_bond.comp_id 
_chem_comp_bond.atom_id_1 
_chem_comp_bond.atom_id_2 
_chem_comp_bond.value_order 
_chem_comp_bond.pdbx_aromatic_flag 
_chem_comp_bond.pdbx_stereo_config 
_chem_comp_bond.pdbx_ordinal 
2Q5 C12 C11  sing N N 1   
2Q5 O5  C10  sing N N 2   
2Q5 C10 C11  sing N N 3   
2Q5 C11 O4   sing N N 4   
2Q5 O4  C8   sing N N 5   
2Q5 C8  C7   sing N N 6   
2Q5 C9  C7   sing N N 7   
2Q5 C7  O3   sing N N 8   
2Q5 O3  C4   sing N N 9   
2Q5 C4  C5   sing N N 10  
2Q5 C5  O2   sing N N 11  
2Q5 C5  C6   sing N N 12  
2Q5 O2  C3   sing N N 13  
2Q5 OH  C2   sing N N 14  
2Q5 C3  C2   sing N N 15  
2Q5 C2  C1   sing N N 16  
2Q5 OH  H1   sing N N 17  
2Q5 C2  H2   sing N N 18  
2Q5 C1  H3   sing N N 19  
2Q5 C1  H4   sing N N 20  
2Q5 C1  H5   sing N N 21  
2Q5 C3  H6   sing N N 22  
2Q5 C3  H7   sing N N 23  
2Q5 C5  H8   sing N N 24  
2Q5 C6  H9   sing N N 25  
2Q5 C6  H10  sing N N 26  
2Q5 C6  H11  sing N N 27  
2Q5 C4  H12  sing N N 28  
2Q5 C4  H13  sing N N 29  
2Q5 C7  H14  sing N N 30  
2Q5 C9  H15  sing N N 31  
2Q5 C9  H16  sing N N 32  
2Q5 C9  H17  sing N N 33  
2Q5 C8  H18  sing N N 34  
2Q5 C8  H19  sing N N 35  
2Q5 C11 H20  sing N N 36  
2Q5 C12 H21  sing N N 37  
2Q5 C12 H22  sing N N 38  
2Q5 C12 H23  sing N N 39  
2Q5 C10 H24  sing N N 40  
2Q5 C10 H25  sing N N 41  
2Q5 O5  H26  sing N N 42  
ALA N   CA   sing N N 43  
ALA N   H    sing N N 44  
ALA N   H2   sing N N 45  
ALA CA  C    sing N N 46  
ALA CA  CB   sing N N 47  
ALA CA  HA   sing N N 48  
ALA C   O    doub N N 49  
ALA C   OXT  sing N N 50  
ALA CB  HB1  sing N N 51  
ALA CB  HB2  sing N N 52  
ALA CB  HB3  sing N N 53  
ALA OXT HXT  sing N N 54  
ARG N   CA   sing N N 55  
ARG N   H    sing N N 56  
ARG N   H2   sing N N 57  
ARG CA  C    sing N N 58  
ARG CA  CB   sing N N 59  
ARG CA  HA   sing N N 60  
ARG C   O    doub N N 61  
ARG C   OXT  sing N N 62  
ARG CB  CG   sing N N 63  
ARG CB  HB2  sing N N 64  
ARG CB  HB3  sing N N 65  
ARG CG  CD   sing N N 66  
ARG CG  HG2  sing N N 67  
ARG CG  HG3  sing N N 68  
ARG CD  NE   sing N N 69  
ARG CD  HD2  sing N N 70  
ARG CD  HD3  sing N N 71  
ARG NE  CZ   sing N N 72  
ARG NE  HE   sing N N 73  
ARG CZ  NH1  sing N N 74  
ARG CZ  NH2  doub N N 75  
ARG NH1 HH11 sing N N 76  
ARG NH1 HH12 sing N N 77  
ARG NH2 HH21 sing N N 78  
ARG NH2 HH22 sing N N 79  
ARG OXT HXT  sing N N 80  
ASN N   CA   sing N N 81  
ASN N   H    sing N N 82  
ASN N   H2   sing N N 83  
ASN CA  C    sing N N 84  
ASN CA  CB   sing N N 85  
ASN CA  HA   sing N N 86  
ASN C   O    doub N N 87  
ASN C   OXT  sing N N 88  
ASN CB  CG   sing N N 89  
ASN CB  HB2  sing N N 90  
ASN CB  HB3  sing N N 91  
ASN CG  OD1  doub N N 92  
ASN CG  ND2  sing N N 93  
ASN ND2 HD21 sing N N 94  
ASN ND2 HD22 sing N N 95  
ASN OXT HXT  sing N N 96  
ASP N   CA   sing N N 97  
ASP N   H    sing N N 98  
ASP N   H2   sing N N 99  
ASP CA  C    sing N N 100 
ASP CA  CB   sing N N 101 
ASP CA  HA   sing N N 102 
ASP C   O    doub N N 103 
ASP C   OXT  sing N N 104 
ASP CB  CG   sing N N 105 
ASP CB  HB2  sing N N 106 
ASP CB  HB3  sing N N 107 
ASP CG  OD1  doub N N 108 
ASP CG  OD2  sing N N 109 
ASP OD2 HD2  sing N N 110 
ASP OXT HXT  sing N N 111 
CYS N   CA   sing N N 112 
CYS N   H    sing N N 113 
CYS N   H2   sing N N 114 
CYS CA  C    sing N N 115 
CYS CA  CB   sing N N 116 
CYS CA  HA   sing N N 117 
CYS C   O    doub N N 118 
CYS C   OXT  sing N N 119 
CYS CB  SG   sing N N 120 
CYS CB  HB2  sing N N 121 
CYS CB  HB3  sing N N 122 
CYS SG  HG   sing N N 123 
CYS OXT HXT  sing N N 124 
GLN N   CA   sing N N 125 
GLN N   H    sing N N 126 
GLN N   H2   sing N N 127 
GLN CA  C    sing N N 128 
GLN CA  CB   sing N N 129 
GLN CA  HA   sing N N 130 
GLN C   O    doub N N 131 
GLN C   OXT  sing N N 132 
GLN CB  CG   sing N N 133 
GLN CB  HB2  sing N N 134 
GLN CB  HB3  sing N N 135 
GLN CG  CD   sing N N 136 
GLN CG  HG2  sing N N 137 
GLN CG  HG3  sing N N 138 
GLN CD  OE1  doub N N 139 
GLN CD  NE2  sing N N 140 
GLN NE2 HE21 sing N N 141 
GLN NE2 HE22 sing N N 142 
GLN OXT HXT  sing N N 143 
GLU N   CA   sing N N 144 
GLU N   H    sing N N 145 
GLU N   H2   sing N N 146 
GLU CA  C    sing N N 147 
GLU CA  CB   sing N N 148 
GLU CA  HA   sing N N 149 
GLU C   O    doub N N 150 
GLU C   OXT  sing N N 151 
GLU CB  CG   sing N N 152 
GLU CB  HB2  sing N N 153 
GLU CB  HB3  sing N N 154 
GLU CG  CD   sing N N 155 
GLU CG  HG2  sing N N 156 
GLU CG  HG3  sing N N 157 
GLU CD  OE1  doub N N 158 
GLU CD  OE2  sing N N 159 
GLU OE2 HE2  sing N N 160 
GLU OXT HXT  sing N N 161 
GLY N   CA   sing N N 162 
GLY N   H    sing N N 163 
GLY N   H2   sing N N 164 
GLY CA  C    sing N N 165 
GLY CA  HA2  sing N N 166 
GLY CA  HA3  sing N N 167 
GLY C   O    doub N N 168 
GLY C   OXT  sing N N 169 
GLY OXT HXT  sing N N 170 
HIS N   CA   sing N N 171 
HIS N   H    sing N N 172 
HIS N   H2   sing N N 173 
HIS CA  C    sing N N 174 
HIS CA  CB   sing N N 175 
HIS CA  HA   sing N N 176 
HIS C   O    doub N N 177 
HIS C   OXT  sing N N 178 
HIS CB  CG   sing N N 179 
HIS CB  HB2  sing N N 180 
HIS CB  HB3  sing N N 181 
HIS CG  ND1  sing Y N 182 
HIS CG  CD2  doub Y N 183 
HIS ND1 CE1  doub Y N 184 
HIS ND1 HD1  sing N N 185 
HIS CD2 NE2  sing Y N 186 
HIS CD2 HD2  sing N N 187 
HIS CE1 NE2  sing Y N 188 
HIS CE1 HE1  sing N N 189 
HIS NE2 HE2  sing N N 190 
HIS OXT HXT  sing N N 191 
HOH O   H1   sing N N 192 
HOH O   H2   sing N N 193 
ILE N   CA   sing N N 194 
ILE N   H    sing N N 195 
ILE N   H2   sing N N 196 
ILE CA  C    sing N N 197 
ILE CA  CB   sing N N 198 
ILE CA  HA   sing N N 199 
ILE C   O    doub N N 200 
ILE C   OXT  sing N N 201 
ILE CB  CG1  sing N N 202 
ILE CB  CG2  sing N N 203 
ILE CB  HB   sing N N 204 
ILE CG1 CD1  sing N N 205 
ILE CG1 HG12 sing N N 206 
ILE CG1 HG13 sing N N 207 
ILE CG2 HG21 sing N N 208 
ILE CG2 HG22 sing N N 209 
ILE CG2 HG23 sing N N 210 
ILE CD1 HD11 sing N N 211 
ILE CD1 HD12 sing N N 212 
ILE CD1 HD13 sing N N 213 
ILE OXT HXT  sing N N 214 
LEU N   CA   sing N N 215 
LEU N   H    sing N N 216 
LEU N   H2   sing N N 217 
LEU CA  C    sing N N 218 
LEU CA  CB   sing N N 219 
LEU CA  HA   sing N N 220 
LEU C   O    doub N N 221 
LEU C   OXT  sing N N 222 
LEU CB  CG   sing N N 223 
LEU CB  HB2  sing N N 224 
LEU CB  HB3  sing N N 225 
LEU CG  CD1  sing N N 226 
LEU CG  CD2  sing N N 227 
LEU CG  HG   sing N N 228 
LEU CD1 HD11 sing N N 229 
LEU CD1 HD12 sing N N 230 
LEU CD1 HD13 sing N N 231 
LEU CD2 HD21 sing N N 232 
LEU CD2 HD22 sing N N 233 
LEU CD2 HD23 sing N N 234 
LEU OXT HXT  sing N N 235 
LYS N   CA   sing N N 236 
LYS N   H    sing N N 237 
LYS N   H2   sing N N 238 
LYS CA  C    sing N N 239 
LYS CA  CB   sing N N 240 
LYS CA  HA   sing N N 241 
LYS C   O    doub N N 242 
LYS C   OXT  sing N N 243 
LYS CB  CG   sing N N 244 
LYS CB  HB2  sing N N 245 
LYS CB  HB3  sing N N 246 
LYS CG  CD   sing N N 247 
LYS CG  HG2  sing N N 248 
LYS CG  HG3  sing N N 249 
LYS CD  CE   sing N N 250 
LYS CD  HD2  sing N N 251 
LYS CD  HD3  sing N N 252 
LYS CE  NZ   sing N N 253 
LYS CE  HE2  sing N N 254 
LYS CE  HE3  sing N N 255 
LYS NZ  HZ1  sing N N 256 
LYS NZ  HZ2  sing N N 257 
LYS NZ  HZ3  sing N N 258 
LYS OXT HXT  sing N N 259 
MET N   CA   sing N N 260 
MET N   H    sing N N 261 
MET N   H2   sing N N 262 
MET CA  C    sing N N 263 
MET CA  CB   sing N N 264 
MET CA  HA   sing N N 265 
MET C   O    doub N N 266 
MET C   OXT  sing N N 267 
MET CB  CG   sing N N 268 
MET CB  HB2  sing N N 269 
MET CB  HB3  sing N N 270 
MET CG  SD   sing N N 271 
MET CG  HG2  sing N N 272 
MET CG  HG3  sing N N 273 
MET SD  CE   sing N N 274 
MET CE  HE1  sing N N 275 
MET CE  HE2  sing N N 276 
MET CE  HE3  sing N N 277 
MET OXT HXT  sing N N 278 
PHE N   CA   sing N N 279 
PHE N   H    sing N N 280 
PHE N   H2   sing N N 281 
PHE CA  C    sing N N 282 
PHE CA  CB   sing N N 283 
PHE CA  HA   sing N N 284 
PHE C   O    doub N N 285 
PHE C   OXT  sing N N 286 
PHE CB  CG   sing N N 287 
PHE CB  HB2  sing N N 288 
PHE CB  HB3  sing N N 289 
PHE CG  CD1  doub Y N 290 
PHE CG  CD2  sing Y N 291 
PHE CD1 CE1  sing Y N 292 
PHE CD1 HD1  sing N N 293 
PHE CD2 CE2  doub Y N 294 
PHE CD2 HD2  sing N N 295 
PHE CE1 CZ   doub Y N 296 
PHE CE1 HE1  sing N N 297 
PHE CE2 CZ   sing Y N 298 
PHE CE2 HE2  sing N N 299 
PHE CZ  HZ   sing N N 300 
PHE OXT HXT  sing N N 301 
PRO N   CA   sing N N 302 
PRO N   CD   sing N N 303 
PRO N   H    sing N N 304 
PRO CA  C    sing N N 305 
PRO CA  CB   sing N N 306 
PRO CA  HA   sing N N 307 
PRO C   O    doub N N 308 
PRO C   OXT  sing N N 309 
PRO CB  CG   sing N N 310 
PRO CB  HB2  sing N N 311 
PRO CB  HB3  sing N N 312 
PRO CG  CD   sing N N 313 
PRO CG  HG2  sing N N 314 
PRO CG  HG3  sing N N 315 
PRO CD  HD2  sing N N 316 
PRO CD  HD3  sing N N 317 
PRO OXT HXT  sing N N 318 
SER N   CA   sing N N 319 
SER N   H    sing N N 320 
SER N   H2   sing N N 321 
SER CA  C    sing N N 322 
SER CA  CB   sing N N 323 
SER CA  HA   sing N N 324 
SER C   O    doub N N 325 
SER C   OXT  sing N N 326 
SER CB  OG   sing N N 327 
SER CB  HB2  sing N N 328 
SER CB  HB3  sing N N 329 
SER OG  HG   sing N N 330 
SER OXT HXT  sing N N 331 
THR N   CA   sing N N 332 
THR N   H    sing N N 333 
THR N   H2   sing N N 334 
THR CA  C    sing N N 335 
THR CA  CB   sing N N 336 
THR CA  HA   sing N N 337 
THR C   O    doub N N 338 
THR C   OXT  sing N N 339 
THR CB  OG1  sing N N 340 
THR CB  CG2  sing N N 341 
THR CB  HB   sing N N 342 
THR OG1 HG1  sing N N 343 
THR CG2 HG21 sing N N 344 
THR CG2 HG22 sing N N 345 
THR CG2 HG23 sing N N 346 
THR OXT HXT  sing N N 347 
TRP N   CA   sing N N 348 
TRP N   H    sing N N 349 
TRP N   H2   sing N N 350 
TRP CA  C    sing N N 351 
TRP CA  CB   sing N N 352 
TRP CA  HA   sing N N 353 
TRP C   O    doub N N 354 
TRP C   OXT  sing N N 355 
TRP CB  CG   sing N N 356 
TRP CB  HB2  sing N N 357 
TRP CB  HB3  sing N N 358 
TRP CG  CD1  doub Y N 359 
TRP CG  CD2  sing Y N 360 
TRP CD1 NE1  sing Y N 361 
TRP CD1 HD1  sing N N 362 
TRP CD2 CE2  doub Y N 363 
TRP CD2 CE3  sing Y N 364 
TRP NE1 CE2  sing Y N 365 
TRP NE1 HE1  sing N N 366 
TRP CE2 CZ2  sing Y N 367 
TRP CE3 CZ3  doub Y N 368 
TRP CE3 HE3  sing N N 369 
TRP CZ2 CH2  doub Y N 370 
TRP CZ2 HZ2  sing N N 371 
TRP CZ3 CH2  sing Y N 372 
TRP CZ3 HZ3  sing N N 373 
TRP CH2 HH2  sing N N 374 
TRP OXT HXT  sing N N 375 
TYR N   CA   sing N N 376 
TYR N   H    sing N N 377 
TYR N   H2   sing N N 378 
TYR CA  C    sing N N 379 
TYR CA  CB   sing N N 380 
TYR CA  HA   sing N N 381 
TYR C   O    doub N N 382 
TYR C   OXT  sing N N 383 
TYR CB  CG   sing N N 384 
TYR CB  HB2  sing N N 385 
TYR CB  HB3  sing N N 386 
TYR CG  CD1  doub Y N 387 
TYR CG  CD2  sing Y N 388 
TYR CD1 CE1  sing Y N 389 
TYR CD1 HD1  sing N N 390 
TYR CD2 CE2  doub Y N 391 
TYR CD2 HD2  sing N N 392 
TYR CE1 CZ   doub Y N 393 
TYR CE1 HE1  sing N N 394 
TYR CE2 CZ   sing Y N 395 
TYR CE2 HE2  sing N N 396 
TYR CZ  OH   sing N N 397 
TYR OH  HH   sing N N 398 
TYR OXT HXT  sing N N 399 
VAL N   CA   sing N N 400 
VAL N   H    sing N N 401 
VAL N   H2   sing N N 402 
VAL CA  C    sing N N 403 
VAL CA  CB   sing N N 404 
VAL CA  HA   sing N N 405 
VAL C   O    doub N N 406 
VAL C   OXT  sing N N 407 
VAL CB  CG1  sing N N 408 
VAL CB  CG2  sing N N 409 
VAL CB  HB   sing N N 410 
VAL CG1 HG11 sing N N 411 
VAL CG1 HG12 sing N N 412 
VAL CG1 HG13 sing N N 413 
VAL CG2 HG21 sing N N 414 
VAL CG2 HG22 sing N N 415 
VAL CG2 HG23 sing N N 416 
VAL OXT HXT  sing N N 417 
# 
loop_
_pdbx_entity_nonpoly.entity_id 
_pdbx_entity_nonpoly.name 
_pdbx_entity_nonpoly.comp_id 
2 '(2R)-2-{[(2R)-2-{[(2S)-2-{[(2R)-2-hydroxypropyl]oxy}propyl]oxy}propyl]oxy}propan-1-ol' 2Q5 
3 water                                                                                   HOH 
# 
_pdbx_initial_refinement_model.id               1 
_pdbx_initial_refinement_model.entity_id_list   ? 
_pdbx_initial_refinement_model.type             'experimental model' 
_pdbx_initial_refinement_model.source_name      PDB 
_pdbx_initial_refinement_model.accession_code   6FDD 
_pdbx_initial_refinement_model.details          ? 
# 
_pdbx_struct_assembly_auth_evidence.id                     1 
_pdbx_struct_assembly_auth_evidence.assembly_id            1 
_pdbx_struct_assembly_auth_evidence.experimental_support   'gel filtration' 
_pdbx_struct_assembly_auth_evidence.details                ? 
# 
